data_9PRW
#
_entry.id   9PRW
#
_cell.length_a   1.00
_cell.length_b   1.00
_cell.length_c   1.00
_cell.angle_alpha   90.00
_cell.angle_beta   90.00
_cell.angle_gamma   90.00
#
_symmetry.space_group_name_H-M   'P 1'
#
loop_
_entity.id
_entity.type
_entity.pdbx_description
1 polymer 'DNA (cytosine-5)-methyltransferase 3A'
2 polymer 'DNA (cytosine-5)-methyltransferase 3-like'
3 non-polymer S-ADENOSYL-L-HOMOCYSTEINE
4 non-polymer 'ZINC ION'
#
loop_
_entity_poly.entity_id
_entity_poly.type
_entity_poly.pdbx_seq_one_letter_code
_entity_poly.pdbx_strand_id
1 'polypeptide(L)'
;SEPEYEDGRGFGIGELVWGKLRGFSWWPGRIVSWWMTGRSRAAEGTRWVMWFGDGKFSVVCVEKLMPLSSFCSAFHQATY
NKQPMYRKAIYEVLQVASSRAGKLFPVCHDSDESDTAKAVEVQNKPMIEWALGGFQPSGPKGLEPPEEEKNPYKEVYTDM
WVEPEAAAYAPPPPAKKPRKSTAEKPKVKEIIDERTRERLVYEVRQKCRNIEDICISCGSLNVTLEHPLFVGGMCQNCKN
CFLECAYQYDDDGYQSYCTICCGGREVLMCGNNNCCRCFCVECVDLLVGPGAAQAAIKEDPWNCYMCGHKGTYGLLRRRE
DWPSRLQMFFANNHDQEFDPPKVYPPVPAEKRKPIRVLSLFDGIATGLLVLKDLGIQVDRYIASEVCEDSITVGMVRHQG
KIMYVGDVRSVTQKHIQEWGPFDLVIGGSPCNDLSIVNPARKGLYEGTGRLFFEFYRLLHDARPKEGDDRPFFWLFENVV
AMGVSDKRDISRFLESNPVMIDAKEVSAAHRARYFWGNLPGMNRPLASTVNDKLELQECLEHGRIAKFSKVRTITTRSNS
IKQGKDQHFPVFMNEKEDILWCTEMERVFGFPVHYTDVSNMSRLARQRLLGRSWSVPVIRHLFAPLKEYFACV
;
A,D
2 'polypeptide(L)'
;MAAIPALDPEAEPSMDVILVGSSELSSSVSPGTGRDLIAYEVKANQRNIEDICICCGSLQVHTQHPLFEGGICAPCKDKF
LDALFLYDDDGYQSYCSICCSGETLLICGNPDCTRCYCFECVDSLVGPGTSGKVHAMSNWVCYLCLPSSRSGLLQRRRKW
RSQLKAFYDRESENPLEMFETVPVWRRQPVRVLSLFEDIKKELTSLGFLESGSDPGQLKHVVDVTDTVRKDVEEWGPFDL
VYGATPPLGHTCDRPPSWYLFQFHRLLQYARPKPGSPRPFFWMFVDNLVLNKEDLDVASRFLEMEPVTIPDVHGGSLQNA
VRVWSNIPAIRSRHWALVSEEELSLLAQNKQSSKLAAKWPTKLVKNCFLPLREYFKYFSTELTSSL
;
B,C
#
loop_
_chem_comp.id
_chem_comp.type
_chem_comp.name
_chem_comp.formula
SAH non-polymer S-ADENOSYL-L-HOMOCYSTEINE 'C14 H20 N6 O5 S'
ZN non-polymer 'ZINC ION' 'Zn 2'
#
# COMPACT_ATOMS: atom_id res chain seq x y z
N GLU A 194 14.34 31.67 47.81
CA GLU A 194 13.33 32.63 48.22
C GLU A 194 11.99 31.94 48.46
N ARG A 195 11.91 30.67 48.08
CA ARG A 195 10.69 29.88 48.23
C ARG A 195 11.02 28.61 48.99
N THR A 196 10.24 28.31 50.03
CA THR A 196 10.40 27.11 50.85
C THR A 196 9.04 26.42 50.96
N ARG A 197 8.72 25.58 49.98
CA ARG A 197 7.44 24.87 49.99
C ARG A 197 7.35 23.93 51.19
N GLU A 198 8.49 23.34 51.59
CA GLU A 198 8.49 22.41 52.71
C GLU A 198 8.08 23.10 54.00
N ARG A 199 8.56 24.32 54.24
CA ARG A 199 8.18 25.05 55.44
C ARG A 199 6.70 25.39 55.45
N LEU A 200 6.16 25.82 54.30
CA LEU A 200 4.74 26.11 54.20
C LEU A 200 3.91 24.86 54.49
N VAL A 201 4.24 23.73 53.87
CA VAL A 201 3.43 22.53 54.09
C VAL A 201 3.60 22.02 55.52
N TYR A 202 4.79 22.15 56.09
CA TYR A 202 4.98 21.71 57.47
C TYR A 202 4.14 22.52 58.45
N GLU A 203 4.08 23.83 58.27
CA GLU A 203 3.24 24.63 59.15
C GLU A 203 1.75 24.47 58.83
N VAL A 204 1.42 24.08 57.60
CA VAL A 204 0.02 23.82 57.27
C VAL A 204 -0.46 22.54 57.96
N ARG A 205 0.36 21.49 57.94
CA ARG A 205 -0.03 20.25 58.60
C ARG A 205 -0.17 20.42 60.11
N GLN A 206 0.44 21.46 60.69
CA GLN A 206 0.32 21.74 62.10
C GLN A 206 -0.95 22.48 62.46
N LYS A 207 -1.93 22.53 61.54
CA LYS A 207 -3.21 23.21 61.77
C LYS A 207 -2.99 24.68 62.10
N CYS A 208 -2.08 25.33 61.39
CA CYS A 208 -1.79 26.75 61.57
C CYS A 208 -2.25 27.60 60.39
N ARG A 209 -1.97 27.16 59.16
CA ARG A 209 -2.35 27.88 57.96
C ARG A 209 -3.31 27.01 57.15
N ASN A 210 -4.41 27.61 56.69
CA ASN A 210 -5.35 26.90 55.84
C ASN A 210 -4.71 26.58 54.50
N ILE A 211 -5.01 25.39 53.98
CA ILE A 211 -4.45 24.98 52.69
C ILE A 211 -4.96 25.88 51.57
N GLU A 212 -6.21 26.33 51.66
CA GLU A 212 -6.78 27.19 50.63
C GLU A 212 -6.13 28.56 50.56
N ASP A 213 -5.36 28.95 51.58
CA ASP A 213 -4.70 30.24 51.62
C ASP A 213 -3.26 30.19 51.13
N ILE A 214 -2.82 29.06 50.60
CA ILE A 214 -1.47 28.90 50.07
C ILE A 214 -1.54 28.19 48.73
N CYS A 215 -0.75 28.66 47.77
CA CYS A 215 -0.68 28.01 46.46
C CYS A 215 0.15 26.74 46.56
N ILE A 216 -0.24 25.73 45.79
CA ILE A 216 0.44 24.45 45.78
C ILE A 216 1.44 24.35 44.62
N SER A 217 1.08 24.91 43.46
CA SER A 217 1.92 24.76 42.28
C SER A 217 3.30 25.40 42.48
N CYS A 218 3.33 26.60 43.06
CA CYS A 218 4.59 27.30 43.26
C CYS A 218 4.78 27.82 44.68
N GLY A 219 3.79 27.67 45.56
CA GLY A 219 3.93 28.10 46.93
C GLY A 219 3.81 29.58 47.17
N SER A 220 3.38 30.35 46.17
CA SER A 220 3.24 31.80 46.35
C SER A 220 2.10 32.11 47.31
N LEU A 221 2.27 33.19 48.07
CA LEU A 221 1.27 33.63 49.03
C LEU A 221 0.21 34.53 48.41
N ASN A 222 0.38 34.96 47.16
CA ASN A 222 -0.59 35.82 46.48
C ASN A 222 -1.67 34.93 45.88
N VAL A 223 -2.62 34.54 46.72
CA VAL A 223 -3.69 33.63 46.33
C VAL A 223 -4.85 34.45 45.78
N THR A 224 -5.30 34.09 44.58
CA THR A 224 -6.44 34.76 43.94
C THR A 224 -7.59 33.80 43.69
N LEU A 225 -7.32 32.62 43.15
CA LEU A 225 -8.34 31.62 42.83
C LEU A 225 -8.00 30.30 43.49
N GLU A 226 -8.83 29.30 43.26
CA GLU A 226 -8.67 27.98 43.86
C GLU A 226 -8.28 26.97 42.78
N HIS A 227 -7.40 26.05 43.13
CA HIS A 227 -6.91 25.06 42.18
C HIS A 227 -8.07 24.18 41.71
N PRO A 228 -8.23 23.97 40.40
CA PRO A 228 -9.40 23.22 39.92
C PRO A 228 -9.35 21.72 40.20
N LEU A 229 -8.17 21.18 40.52
CA LEU A 229 -8.02 19.73 40.72
C LEU A 229 -8.11 19.33 42.18
N PHE A 230 -7.34 19.98 43.05
CA PHE A 230 -7.31 19.63 44.48
C PHE A 230 -7.61 20.86 45.31
N VAL A 231 -8.03 20.61 46.56
CA VAL A 231 -8.32 21.70 47.47
C VAL A 231 -7.06 22.50 47.75
N GLY A 232 -7.22 23.82 47.84
CA GLY A 232 -6.10 24.70 48.10
C GLY A 232 -6.00 25.85 47.12
N GLY A 233 -5.37 26.94 47.54
CA GLY A 233 -5.24 28.11 46.69
C GLY A 233 -4.23 27.88 45.58
N MET A 234 -4.18 28.86 44.67
CA MET A 234 -3.32 28.77 43.50
C MET A 234 -3.17 30.13 42.84
N CYS A 235 -1.94 30.59 42.69
CA CYS A 235 -1.67 31.98 42.33
C CYS A 235 -1.85 32.22 40.83
N GLN A 236 -1.65 33.48 40.41
CA GLN A 236 -1.87 33.85 39.02
C GLN A 236 -0.76 33.35 38.11
N ASN A 237 0.49 33.44 38.56
CA ASN A 237 1.58 32.83 37.80
C ASN A 237 1.40 31.32 37.70
N CYS A 238 0.85 30.71 38.75
CA CYS A 238 0.50 29.31 38.68
C CYS A 238 -0.57 29.06 37.63
N LYS A 239 -1.53 29.98 37.50
CA LYS A 239 -2.53 29.86 36.44
C LYS A 239 -1.89 29.95 35.06
N ASN A 240 -0.96 30.89 34.88
CA ASN A 240 -0.26 31.01 33.60
C ASN A 240 0.50 29.74 33.26
N CYS A 241 1.18 29.16 34.26
CA CYS A 241 1.93 27.92 34.01
C CYS A 241 0.99 26.73 33.80
N PHE A 242 -0.20 26.76 34.40
CA PHE A 242 -1.15 25.68 34.27
C PHE A 242 -1.82 25.67 32.91
N LEU A 243 -2.15 26.84 32.37
CA LEU A 243 -2.71 26.90 31.02
C LEU A 243 -1.74 26.39 29.97
N GLU A 244 -0.44 26.41 30.27
CA GLU A 244 0.58 25.93 29.35
C GLU A 244 0.84 24.43 29.45
N CYS A 245 0.30 23.76 30.48
CA CYS A 245 0.71 22.38 30.75
C CYS A 245 -0.43 21.43 31.07
N ALA A 246 -1.66 21.90 31.27
CA ALA A 246 -2.73 21.01 31.73
C ALA A 246 -3.03 19.91 30.72
N TYR A 247 -3.08 20.26 29.44
CA TYR A 247 -3.33 19.28 28.39
C TYR A 247 -2.20 19.23 27.37
N GLN A 248 -0.97 19.22 27.87
CA GLN A 248 0.21 19.01 27.02
C GLN A 248 0.61 17.56 27.21
N TYR A 249 0.38 16.73 26.20
CA TYR A 249 0.69 15.31 26.25
C TYR A 249 1.88 14.99 25.37
N ASP A 250 2.78 14.15 25.90
CA ASP A 250 3.96 13.70 25.18
C ASP A 250 3.48 12.85 24.01
N ASP A 251 4.23 12.84 22.90
CA ASP A 251 3.92 11.94 21.80
C ASP A 251 3.89 10.49 22.26
N ASP A 252 4.58 10.19 23.37
CA ASP A 252 4.52 8.85 23.96
C ASP A 252 3.09 8.49 24.34
N GLY A 253 2.37 9.42 24.96
CA GLY A 253 0.98 9.20 25.29
C GLY A 253 0.62 9.47 26.73
N TYR A 254 1.60 9.90 27.53
CA TYR A 254 1.37 10.25 28.92
C TYR A 254 1.75 11.72 29.12
N GLN A 255 1.23 12.32 30.18
CA GLN A 255 1.55 13.70 30.52
C GLN A 255 3.06 13.90 30.63
N SER A 256 3.59 14.84 29.85
CA SER A 256 5.03 15.10 29.91
C SER A 256 5.45 15.60 31.27
N TYR A 257 4.64 16.49 31.87
CA TYR A 257 4.98 17.12 33.13
C TYR A 257 3.82 16.93 34.10
N CYS A 258 4.15 16.99 35.40
CA CYS A 258 3.15 16.75 36.43
C CYS A 258 2.06 17.81 36.39
N THR A 259 0.84 17.39 36.73
CA THR A 259 -0.31 18.27 36.65
C THR A 259 -0.33 19.33 37.74
N ILE A 260 0.46 19.16 38.80
CA ILE A 260 0.46 20.12 39.91
C ILE A 260 1.59 21.12 39.74
N CYS A 261 2.84 20.62 39.73
CA CYS A 261 3.99 21.51 39.58
C CYS A 261 4.03 22.15 38.20
N CYS A 262 3.54 21.46 37.18
CA CYS A 262 3.51 21.95 35.81
C CYS A 262 4.91 22.31 35.31
N GLY A 263 5.78 21.29 35.28
CA GLY A 263 7.13 21.49 34.79
C GLY A 263 8.19 21.06 35.77
N GLY A 264 9.01 20.09 35.38
CA GLY A 264 10.10 19.63 36.22
C GLY A 264 10.96 18.64 35.47
N ARG A 265 12.18 18.47 35.98
CA ARG A 265 13.14 17.54 35.40
C ARG A 265 12.92 16.09 35.86
N GLU A 266 11.76 15.79 36.43
CA GLU A 266 11.35 14.41 36.68
C GLU A 266 9.82 14.37 36.68
N VAL A 267 9.29 13.18 36.44
CA VAL A 267 7.85 12.98 36.33
C VAL A 267 7.56 11.49 36.42
N LEU A 268 6.42 11.15 37.01
CA LEU A 268 6.05 9.76 37.27
C LEU A 268 4.82 9.40 36.46
N MET A 269 4.96 8.43 35.56
CA MET A 269 3.85 7.94 34.77
C MET A 269 2.83 7.21 35.64
N CYS A 270 1.56 7.45 35.38
CA CYS A 270 0.50 6.73 36.08
C CYS A 270 0.40 5.32 35.54
N GLY A 271 0.37 4.33 36.45
CA GLY A 271 0.31 2.94 36.02
C GLY A 271 -1.02 2.53 35.43
N ASN A 272 -2.08 3.25 35.76
CA ASN A 272 -3.39 2.94 35.19
C ASN A 272 -3.47 3.40 33.75
N ASN A 273 -3.95 2.52 32.87
CA ASN A 273 -4.18 2.89 31.48
C ASN A 273 -5.30 3.92 31.39
N ASN A 274 -5.53 4.40 30.17
CA ASN A 274 -6.50 5.43 29.78
C ASN A 274 -6.65 6.51 30.85
N CYS A 275 -5.52 6.92 31.42
CA CYS A 275 -5.50 8.02 32.39
C CYS A 275 -4.07 8.57 32.33
N CYS A 276 -3.90 9.68 31.62
CA CYS A 276 -2.58 10.19 31.25
C CYS A 276 -1.94 11.04 32.34
N ARG A 277 -2.69 11.42 33.36
CA ARG A 277 -2.24 12.43 34.30
C ARG A 277 -1.11 11.89 35.18
N CYS A 278 -0.13 12.76 35.45
CA CYS A 278 1.09 12.38 36.14
C CYS A 278 1.39 13.35 37.28
N PHE A 279 2.22 12.88 38.22
CA PHE A 279 2.63 13.67 39.37
C PHE A 279 4.15 13.61 39.52
N CYS A 280 4.70 14.64 40.14
CA CYS A 280 6.12 14.75 40.40
C CYS A 280 6.44 14.26 41.81
N VAL A 281 7.70 13.87 42.02
CA VAL A 281 8.09 13.28 43.30
C VAL A 281 7.96 14.31 44.42
N GLU A 282 8.24 15.59 44.13
CA GLU A 282 8.08 16.63 45.14
C GLU A 282 6.64 16.71 45.62
N CYS A 283 5.68 16.67 44.68
CA CYS A 283 4.28 16.74 45.04
C CYS A 283 3.85 15.52 45.86
N VAL A 284 4.32 14.34 45.48
CA VAL A 284 3.94 13.12 46.18
C VAL A 284 4.50 13.11 47.60
N ASP A 285 5.78 13.43 47.73
CA ASP A 285 6.45 13.36 49.04
C ASP A 285 6.23 14.60 49.89
N LEU A 286 5.61 15.64 49.34
CA LEU A 286 5.39 16.88 50.09
C LEU A 286 3.93 17.14 50.41
N LEU A 287 3.00 16.75 49.54
CA LEU A 287 1.57 16.92 49.82
C LEU A 287 0.98 15.67 50.47
N VAL A 288 1.06 14.53 49.79
CA VAL A 288 0.54 13.30 50.34
C VAL A 288 1.31 12.88 51.59
N GLY A 289 2.64 12.97 51.53
CA GLY A 289 3.48 12.60 52.65
C GLY A 289 4.80 12.02 52.21
N PRO A 290 5.84 12.21 53.01
CA PRO A 290 7.16 11.68 52.65
C PRO A 290 7.15 10.16 52.59
N GLY A 291 7.98 9.62 51.71
CA GLY A 291 8.08 8.18 51.56
C GLY A 291 6.91 7.55 50.84
N ALA A 292 6.19 8.31 50.02
CA ALA A 292 5.05 7.78 49.28
C ALA A 292 5.35 7.52 47.81
N ALA A 293 6.35 8.20 47.24
CA ALA A 293 6.64 8.02 45.83
C ALA A 293 7.15 6.61 45.53
N GLN A 294 8.15 6.16 46.29
CA GLN A 294 8.71 4.83 46.05
C GLN A 294 7.68 3.74 46.37
N ALA A 295 6.78 3.98 47.33
CA ALA A 295 5.70 3.05 47.58
C ALA A 295 4.79 2.93 46.37
N ALA A 296 4.50 4.06 45.72
CA ALA A 296 3.71 4.03 44.49
C ALA A 296 4.44 3.30 43.38
N ILE A 297 5.76 3.50 43.28
CA ILE A 297 6.54 2.80 42.26
C ILE A 297 6.51 1.29 42.51
N LYS A 298 6.53 0.88 43.78
CA LYS A 298 6.48 -0.54 44.10
C LYS A 298 5.17 -1.16 43.60
N GLU A 299 4.06 -0.46 43.76
CA GLU A 299 2.77 -0.93 43.25
C GLU A 299 2.76 -0.75 41.73
N ASP A 300 2.86 -1.86 41.00
CA ASP A 300 2.90 -1.78 39.54
C ASP A 300 1.63 -1.18 38.96
N PRO A 301 0.40 -1.59 39.37
CA PRO A 301 -0.80 -0.91 38.86
C PRO A 301 -1.17 0.32 39.68
N TRP A 302 -0.24 1.28 39.76
CA TRP A 302 -0.48 2.48 40.53
C TRP A 302 -1.55 3.33 39.86
N ASN A 303 -2.55 3.72 40.64
CA ASN A 303 -3.64 4.55 40.14
C ASN A 303 -3.40 5.99 40.55
N CYS A 304 -3.53 6.91 39.60
CA CYS A 304 -3.33 8.33 39.89
C CYS A 304 -4.40 8.82 40.86
N TYR A 305 -4.09 9.93 41.54
CA TYR A 305 -4.97 10.43 42.59
C TYR A 305 -6.32 10.91 42.05
N MET A 306 -6.46 11.09 40.75
CA MET A 306 -7.77 11.37 40.16
C MET A 306 -8.49 10.09 39.74
N CYS A 307 -7.75 9.07 39.30
CA CYS A 307 -8.36 7.82 38.86
C CYS A 307 -8.81 6.96 40.04
N GLY A 308 -8.08 7.00 41.16
CA GLY A 308 -8.40 6.13 42.28
C GLY A 308 -9.73 6.48 42.91
N HIS A 309 -10.39 5.45 43.45
CA HIS A 309 -11.68 5.64 44.11
C HIS A 309 -11.53 6.49 45.37
N LYS A 310 -10.48 6.27 46.15
CA LYS A 310 -10.28 7.02 47.37
C LYS A 310 -9.99 8.48 47.06
N GLY A 311 -10.71 9.38 47.73
CA GLY A 311 -10.54 10.80 47.56
C GLY A 311 -9.69 11.50 48.59
N THR A 312 -9.25 10.78 49.61
CA THR A 312 -8.41 11.35 50.67
C THR A 312 -7.01 10.76 50.57
N TYR A 313 -6.01 11.63 50.49
CA TYR A 313 -4.62 11.23 50.41
C TYR A 313 -3.77 12.08 51.34
N GLY A 314 -4.26 12.33 52.54
CA GLY A 314 -3.56 13.18 53.48
C GLY A 314 -3.92 14.63 53.27
N LEU A 315 -2.90 15.49 53.15
CA LEU A 315 -3.14 16.90 52.88
C LEU A 315 -3.75 17.12 51.50
N LEU A 316 -3.57 16.18 50.59
CA LEU A 316 -4.07 16.29 49.22
C LEU A 316 -5.41 15.55 49.11
N ARG A 317 -6.46 16.29 48.75
CA ARG A 317 -7.79 15.73 48.59
C ARG A 317 -8.40 16.21 47.28
N ARG A 318 -9.04 15.29 46.55
CA ARG A 318 -9.60 15.60 45.25
C ARG A 318 -10.99 16.22 45.39
N ARG A 319 -11.23 17.28 44.63
CA ARG A 319 -12.56 17.90 44.62
C ARG A 319 -13.55 17.00 43.91
N GLU A 320 -14.76 16.91 44.47
CA GLU A 320 -15.78 16.03 43.90
C GLU A 320 -16.22 16.48 42.52
N ASP A 321 -16.38 17.80 42.33
CA ASP A 321 -16.87 18.36 41.07
C ASP A 321 -15.74 18.87 40.20
N TRP A 322 -14.60 18.18 40.21
CA TRP A 322 -13.43 18.66 39.48
C TRP A 322 -13.67 18.88 37.98
N PRO A 323 -14.42 18.06 37.24
CA PRO A 323 -14.60 18.37 35.81
C PRO A 323 -15.23 19.73 35.56
N SER A 324 -16.25 20.08 36.34
CA SER A 324 -16.92 21.37 36.13
C SER A 324 -16.00 22.53 36.49
N ARG A 325 -15.25 22.41 37.58
CA ARG A 325 -14.32 23.48 37.95
C ARG A 325 -13.21 23.62 36.93
N LEU A 326 -12.73 22.50 36.37
CA LEU A 326 -11.71 22.56 35.33
C LEU A 326 -12.26 23.22 34.06
N GLN A 327 -13.51 22.88 33.69
CA GLN A 327 -14.14 23.53 32.54
C GLN A 327 -14.27 25.03 32.77
N MET A 328 -14.65 25.43 33.99
CA MET A 328 -14.69 26.86 34.32
C MET A 328 -13.29 27.47 34.26
N PHE A 329 -12.27 26.70 34.64
CA PHE A 329 -10.90 27.18 34.59
C PHE A 329 -10.46 27.47 33.16
N PHE A 330 -10.87 26.63 32.20
CA PHE A 330 -10.44 26.82 30.83
C PHE A 330 -11.40 27.67 30.00
N ALA A 331 -12.59 27.95 30.49
CA ALA A 331 -13.54 28.71 29.67
C ALA A 331 -14.13 29.93 30.37
N ASN A 332 -14.40 29.84 31.67
CA ASN A 332 -15.15 30.87 32.38
C ASN A 332 -14.25 31.90 33.06
N ASN A 333 -12.93 31.83 32.87
CA ASN A 333 -12.05 32.89 33.31
C ASN A 333 -10.84 32.99 32.40
N HIS A 334 -10.46 34.22 32.07
CA HIS A 334 -9.37 34.51 31.15
C HIS A 334 -8.79 35.87 31.52
N ASP A 335 -7.88 36.36 30.68
CA ASP A 335 -7.26 37.67 30.87
C ASP A 335 -7.84 38.73 29.93
N GLN A 336 -8.95 38.44 29.26
CA GLN A 336 -9.59 39.37 28.35
C GLN A 336 -11.01 39.67 28.83
N GLU A 337 -11.48 40.88 28.53
CA GLU A 337 -12.80 41.33 28.94
C GLU A 337 -13.56 41.90 27.75
N PHE A 338 -13.47 41.22 26.60
CA PHE A 338 -14.17 41.68 25.41
C PHE A 338 -15.67 41.50 25.56
N ASP A 339 -16.43 42.44 25.01
CA ASP A 339 -17.88 42.34 25.02
C ASP A 339 -18.33 41.18 24.15
N PRO A 340 -19.45 40.55 24.48
CA PRO A 340 -19.94 39.42 23.68
C PRO A 340 -20.21 39.85 22.25
N PRO A 341 -19.88 38.99 21.28
CA PRO A 341 -20.08 39.36 19.87
C PRO A 341 -21.56 39.51 19.54
N LYS A 342 -21.81 40.31 18.50
CA LYS A 342 -23.18 40.56 18.06
C LYS A 342 -23.85 39.26 17.62
N VAL A 343 -25.14 39.13 17.95
CA VAL A 343 -25.93 37.97 17.57
C VAL A 343 -26.86 38.38 16.42
N TYR A 344 -26.93 37.53 15.40
CA TYR A 344 -27.75 37.80 14.23
C TYR A 344 -29.09 37.11 14.36
N PRO A 345 -30.21 37.83 14.28
CA PRO A 345 -31.51 37.19 14.41
C PRO A 345 -31.74 36.21 13.28
N PRO A 346 -32.48 35.13 13.54
CA PRO A 346 -32.75 34.16 12.47
C PRO A 346 -33.56 34.78 11.33
N VAL A 347 -33.28 34.32 10.12
CA VAL A 347 -33.95 34.84 8.93
C VAL A 347 -35.04 33.86 8.52
N PRO A 348 -36.11 34.32 7.86
CA PRO A 348 -37.15 33.40 7.42
C PRO A 348 -36.63 32.41 6.40
N ALA A 349 -37.21 31.21 6.42
CA ALA A 349 -36.77 30.13 5.54
C ALA A 349 -36.97 30.46 4.06
N GLU A 350 -37.87 31.39 3.74
CA GLU A 350 -38.12 31.76 2.36
C GLU A 350 -37.00 32.60 1.76
N LYS A 351 -36.09 33.11 2.56
CA LYS A 351 -35.00 33.97 2.09
C LYS A 351 -33.67 33.53 2.69
N ARG A 352 -33.43 32.22 2.71
CA ARG A 352 -32.18 31.67 3.23
C ARG A 352 -31.29 31.30 2.04
N LYS A 353 -30.25 32.10 1.82
CA LYS A 353 -29.38 31.95 0.67
C LYS A 353 -28.32 30.89 0.91
N PRO A 354 -27.74 30.34 -0.16
CA PRO A 354 -26.60 29.42 0.00
C PRO A 354 -25.40 30.15 0.58
N ILE A 355 -24.50 29.36 1.17
CA ILE A 355 -23.45 29.89 2.02
C ILE A 355 -22.13 29.96 1.25
N ARG A 356 -21.39 31.03 1.48
CA ARG A 356 -20.08 31.25 0.88
C ARG A 356 -19.03 31.11 1.98
N VAL A 357 -18.10 30.18 1.79
CA VAL A 357 -17.18 29.77 2.85
C VAL A 357 -15.75 29.99 2.38
N LEU A 358 -14.99 30.74 3.19
CA LEU A 358 -13.53 30.82 3.08
C LEU A 358 -12.96 29.85 4.11
N SER A 359 -12.62 28.64 3.66
CA SER A 359 -12.13 27.59 4.56
C SER A 359 -10.61 27.56 4.49
N LEU A 360 -9.99 28.54 5.13
CA LEU A 360 -8.54 28.60 5.17
C LEU A 360 -7.98 27.42 5.96
N PHE A 361 -6.91 26.82 5.43
CA PHE A 361 -6.19 25.75 6.12
C PHE A 361 -7.10 24.56 6.42
N ASP A 362 -7.95 24.21 5.46
CA ASP A 362 -8.90 23.12 5.69
C ASP A 362 -8.23 21.76 5.79
N GLY A 363 -7.02 21.62 5.26
CA GLY A 363 -6.31 20.35 5.30
C GLY A 363 -7.08 19.21 4.64
N ILE A 364 -7.58 18.30 5.46
CA ILE A 364 -8.32 17.13 4.99
C ILE A 364 -9.70 17.56 4.53
N ALA A 365 -9.98 18.86 4.58
CA ALA A 365 -11.26 19.45 4.17
C ALA A 365 -12.41 18.89 5.00
N THR A 366 -12.32 19.12 6.32
CA THR A 366 -13.38 18.72 7.22
C THR A 366 -14.58 19.65 7.15
N GLY A 367 -14.35 20.93 6.87
CA GLY A 367 -15.43 21.90 6.93
C GLY A 367 -16.57 21.60 5.97
N LEU A 368 -16.25 21.39 4.69
CA LEU A 368 -17.31 21.14 3.71
C LEU A 368 -17.92 19.76 3.88
N LEU A 369 -17.14 18.78 4.35
CA LEU A 369 -17.72 17.47 4.65
C LEU A 369 -18.76 17.58 5.75
N VAL A 370 -18.45 18.32 6.82
CA VAL A 370 -19.41 18.52 7.89
C VAL A 370 -20.61 19.33 7.40
N LEU A 371 -20.37 20.30 6.53
CA LEU A 371 -21.47 21.08 5.97
C LEU A 371 -22.42 20.18 5.18
N LYS A 372 -21.87 19.31 4.32
CA LYS A 372 -22.71 18.42 3.52
C LYS A 372 -23.44 17.41 4.41
N ASP A 373 -22.75 16.84 5.40
CA ASP A 373 -23.40 15.86 6.27
C ASP A 373 -24.51 16.50 7.08
N LEU A 374 -24.28 17.73 7.56
CA LEU A 374 -25.27 18.44 8.37
C LEU A 374 -26.55 18.74 7.58
N GLY A 375 -26.47 18.83 6.25
CA GLY A 375 -27.61 19.10 5.42
C GLY A 375 -27.62 20.47 4.78
N ILE A 376 -26.69 21.35 5.13
CA ILE A 376 -26.62 22.69 4.56
C ILE A 376 -25.88 22.62 3.24
N GLN A 377 -26.33 23.43 2.28
CA GLN A 377 -25.70 23.53 0.97
C GLN A 377 -24.79 24.75 0.92
N VAL A 378 -23.91 24.76 -0.09
CA VAL A 378 -22.93 25.82 -0.26
C VAL A 378 -23.00 26.34 -1.69
N ASP A 379 -22.85 27.66 -1.84
CA ASP A 379 -22.80 28.26 -3.17
C ASP A 379 -21.39 28.16 -3.74
N ARG A 380 -20.42 28.75 -3.06
CA ARG A 380 -19.01 28.64 -3.41
C ARG A 380 -18.22 28.31 -2.16
N TYR A 381 -17.17 27.51 -2.35
CA TYR A 381 -16.34 27.02 -1.24
C TYR A 381 -14.90 27.03 -1.72
N ILE A 382 -14.19 28.12 -1.46
CA ILE A 382 -12.80 28.28 -1.85
C ILE A 382 -11.93 28.13 -0.60
N ALA A 383 -10.86 27.36 -0.73
CA ALA A 383 -9.98 27.06 0.39
C ALA A 383 -8.53 27.25 -0.03
N SER A 384 -7.68 27.50 0.97
CA SER A 384 -6.25 27.66 0.76
C SER A 384 -5.54 26.47 1.39
N GLU A 385 -4.64 25.86 0.63
CA GLU A 385 -3.92 24.69 1.09
C GLU A 385 -2.66 24.50 0.25
N VAL A 386 -1.60 24.03 0.90
CA VAL A 386 -0.33 23.82 0.23
C VAL A 386 0.03 22.34 0.10
N CYS A 387 -0.45 21.49 1.02
CA CYS A 387 -0.13 20.07 0.95
C CYS A 387 -0.80 19.44 -0.27
N GLU A 388 -0.01 18.69 -1.04
CA GLU A 388 -0.56 18.04 -2.23
C GLU A 388 -1.57 16.97 -1.86
N ASP A 389 -1.30 16.19 -0.82
CA ASP A 389 -2.23 15.15 -0.40
C ASP A 389 -3.56 15.75 0.06
N SER A 390 -3.49 16.86 0.81
CA SER A 390 -4.71 17.49 1.30
C SER A 390 -5.59 17.99 0.15
N ILE A 391 -4.98 18.65 -0.84
CA ILE A 391 -5.77 19.15 -1.95
C ILE A 391 -6.29 18.00 -2.80
N THR A 392 -5.51 16.92 -2.94
CA THR A 392 -6.00 15.76 -3.68
C THR A 392 -7.23 15.16 -3.00
N VAL A 393 -7.18 15.01 -1.67
CA VAL A 393 -8.33 14.47 -0.95
C VAL A 393 -9.53 15.40 -1.08
N GLY A 394 -9.31 16.72 -0.94
CA GLY A 394 -10.40 17.66 -1.06
C GLY A 394 -11.04 17.65 -2.43
N MET A 395 -10.22 17.46 -3.48
CA MET A 395 -10.76 17.46 -4.84
C MET A 395 -11.47 16.14 -5.16
N VAL A 396 -10.98 15.03 -4.63
CA VAL A 396 -11.50 13.72 -5.05
C VAL A 396 -12.75 13.35 -4.24
N ARG A 397 -12.61 13.24 -2.92
CA ARG A 397 -13.70 12.78 -2.08
C ARG A 397 -14.89 13.73 -2.07
N HIS A 398 -14.71 14.98 -2.52
CA HIS A 398 -15.76 15.98 -2.44
C HIS A 398 -16.29 16.37 -3.81
N GLN A 399 -15.98 15.58 -4.84
CA GLN A 399 -16.51 15.78 -6.19
C GLN A 399 -16.22 17.19 -6.72
N GLY A 400 -15.02 17.70 -6.40
CA GLY A 400 -14.56 18.95 -6.97
C GLY A 400 -15.32 20.18 -6.56
N LYS A 401 -16.15 20.11 -5.51
CA LYS A 401 -16.83 21.30 -5.03
C LYS A 401 -15.84 22.32 -4.49
N ILE A 402 -14.71 21.87 -3.97
CA ILE A 402 -13.70 22.78 -3.42
C ILE A 402 -12.92 23.42 -4.56
N MET A 403 -12.77 24.74 -4.49
CA MET A 403 -11.95 25.49 -5.44
C MET A 403 -10.73 26.01 -4.71
N TYR A 404 -9.55 25.51 -5.08
CA TYR A 404 -8.33 25.81 -4.34
C TYR A 404 -7.66 27.07 -4.87
N VAL A 405 -6.90 27.73 -4.00
CA VAL A 405 -6.14 28.92 -4.34
C VAL A 405 -4.64 28.73 -4.08
N GLY A 406 -4.21 27.49 -3.86
CA GLY A 406 -2.80 27.24 -3.61
C GLY A 406 -2.37 27.75 -2.26
N ASP A 407 -1.15 28.26 -2.19
CA ASP A 407 -0.60 28.75 -0.93
C ASP A 407 -1.33 30.01 -0.50
N VAL A 408 -1.67 30.10 0.79
CA VAL A 408 -2.49 31.18 1.29
C VAL A 408 -1.77 32.53 1.23
N ARG A 409 -0.45 32.53 1.15
CA ARG A 409 0.30 33.78 1.13
C ARG A 409 0.12 34.53 -0.19
N SER A 410 -0.48 33.89 -1.20
CA SER A 410 -0.62 34.47 -2.53
C SER A 410 -1.98 35.14 -2.77
N VAL A 411 -2.91 35.05 -1.83
CA VAL A 411 -4.22 35.66 -1.97
C VAL A 411 -4.24 36.97 -1.19
N THR A 412 -4.77 38.01 -1.82
CA THR A 412 -4.81 39.35 -1.25
C THR A 412 -6.25 39.77 -0.99
N GLN A 413 -6.41 40.98 -0.45
CA GLN A 413 -7.74 41.49 -0.17
C GLN A 413 -8.55 41.73 -1.43
N LYS A 414 -7.88 42.03 -2.55
CA LYS A 414 -8.59 42.23 -3.80
C LYS A 414 -9.29 40.96 -4.25
N HIS A 415 -8.63 39.81 -4.11
CA HIS A 415 -9.25 38.54 -4.49
C HIS A 415 -10.47 38.26 -3.63
N ILE A 416 -10.38 38.52 -2.32
CA ILE A 416 -11.53 38.32 -1.45
C ILE A 416 -12.66 39.27 -1.84
N GLN A 417 -12.32 40.50 -2.21
CA GLN A 417 -13.35 41.48 -2.58
C GLN A 417 -14.07 41.06 -3.85
N GLU A 418 -13.34 40.60 -4.87
CA GLU A 418 -14.00 40.21 -6.11
C GLU A 418 -14.68 38.84 -6.00
N TRP A 419 -14.24 37.99 -5.07
CA TRP A 419 -14.74 36.64 -4.93
C TRP A 419 -15.84 36.52 -3.88
N GLY A 420 -16.22 37.62 -3.23
CA GLY A 420 -17.25 37.60 -2.23
C GLY A 420 -18.60 37.95 -2.81
N PRO A 421 -19.55 38.36 -1.94
CA PRO A 421 -19.43 38.50 -0.49
C PRO A 421 -19.39 37.15 0.20
N PHE A 422 -18.72 37.05 1.36
CA PHE A 422 -18.59 35.79 2.07
C PHE A 422 -19.39 35.82 3.36
N ASP A 423 -19.87 34.65 3.77
CA ASP A 423 -20.68 34.49 4.96
C ASP A 423 -19.92 33.77 6.07
N LEU A 424 -19.36 32.60 5.79
CA LEU A 424 -18.64 31.83 6.78
C LEU A 424 -17.15 31.79 6.44
N VAL A 425 -16.31 32.09 7.42
CA VAL A 425 -14.86 32.03 7.26
C VAL A 425 -14.29 31.20 8.40
N ILE A 426 -13.69 30.06 8.06
CA ILE A 426 -13.13 29.16 9.07
C ILE A 426 -11.64 29.01 8.83
N GLY A 427 -10.91 28.75 9.92
CA GLY A 427 -9.47 28.64 9.85
C GLY A 427 -8.88 27.61 10.81
N GLY A 428 -7.88 26.87 10.35
CA GLY A 428 -7.26 25.83 11.14
C GLY A 428 -5.75 25.94 11.26
N SER A 429 -5.23 27.15 11.49
CA SER A 429 -3.82 27.51 11.39
C SER A 429 -2.89 26.44 11.97
N PRO A 430 -1.74 26.22 11.34
CA PRO A 430 -0.84 25.14 11.79
C PRO A 430 -0.37 25.36 13.21
N CYS A 431 -0.13 24.25 13.90
CA CYS A 431 0.24 24.26 15.31
C CYS A 431 1.64 23.69 15.56
N ASN A 432 2.41 23.44 14.51
CA ASN A 432 3.75 22.87 14.71
C ASN A 432 4.65 23.81 15.50
N ASP A 433 4.60 25.10 15.19
CA ASP A 433 5.41 26.09 15.87
C ASP A 433 4.65 26.84 16.96
N LEU A 434 3.40 26.47 17.22
CA LEU A 434 2.59 27.13 18.23
C LEU A 434 2.42 26.31 19.49
N SER A 435 2.28 24.99 19.37
CA SER A 435 2.13 24.15 20.54
C SER A 435 3.43 24.10 21.34
N ILE A 436 3.29 24.02 22.66
CA ILE A 436 4.45 23.96 23.55
C ILE A 436 5.07 22.57 23.58
N VAL A 437 4.55 21.63 22.78
CA VAL A 437 5.11 20.29 22.74
C VAL A 437 6.53 20.29 22.16
N ASN A 438 6.80 21.17 21.19
CA ASN A 438 8.13 21.14 20.58
C ASN A 438 9.18 21.77 21.50
N PRO A 439 10.39 21.21 21.54
CA PRO A 439 11.47 21.87 22.29
C PRO A 439 11.85 23.23 21.72
N ALA A 440 11.72 23.42 20.41
CA ALA A 440 12.19 24.65 19.78
C ALA A 440 11.40 25.86 20.27
N ARG A 441 10.08 25.72 20.38
CA ARG A 441 9.19 26.81 20.78
C ARG A 441 9.37 28.02 19.85
N LYS A 442 9.09 27.79 18.57
CA LYS A 442 9.23 28.85 17.58
C LYS A 442 8.29 30.01 17.84
N GLY A 443 7.17 29.78 18.52
CA GLY A 443 6.28 30.84 18.90
C GLY A 443 5.38 31.31 17.76
N LEU A 444 4.63 32.36 18.06
CA LEU A 444 3.68 32.95 17.14
C LEU A 444 4.30 33.98 16.20
N TYR A 445 5.60 34.27 16.35
CA TYR A 445 6.21 35.39 15.65
C TYR A 445 7.43 34.99 14.83
N GLU A 446 7.62 33.70 14.57
CA GLU A 446 8.58 33.25 13.56
C GLU A 446 8.28 31.79 13.27
N GLY A 447 8.26 31.43 11.99
CA GLY A 447 7.86 30.12 11.56
C GLY A 447 6.46 30.11 10.97
N THR A 448 5.77 28.98 11.17
CA THR A 448 4.42 28.85 10.64
C THR A 448 3.40 29.67 11.43
N GLY A 449 3.77 30.13 12.63
CA GLY A 449 2.86 30.96 13.40
C GLY A 449 2.48 32.24 12.67
N ARG A 450 3.38 32.76 11.84
CA ARG A 450 3.08 33.93 11.02
C ARG A 450 1.80 33.71 10.22
N LEU A 451 1.58 32.47 9.78
CA LEU A 451 0.40 32.14 8.99
C LEU A 451 -0.87 32.61 9.68
N PHE A 452 -0.92 32.48 11.02
CA PHE A 452 -2.06 32.95 11.79
C PHE A 452 -2.47 34.36 11.36
N PHE A 453 -1.52 35.30 11.39
CA PHE A 453 -1.89 36.68 11.13
C PHE A 453 -2.38 36.85 9.71
N GLU A 454 -1.86 36.05 8.77
CA GLU A 454 -2.40 36.05 7.41
C GLU A 454 -3.89 35.78 7.45
N PHE A 455 -4.29 34.72 8.15
CA PHE A 455 -5.71 34.46 8.41
C PHE A 455 -6.41 35.73 8.86
N TYR A 456 -5.89 36.37 9.90
CA TYR A 456 -6.53 37.56 10.44
C TYR A 456 -6.73 38.60 9.35
N ARG A 457 -5.71 38.82 8.53
CA ARG A 457 -5.82 39.80 7.45
C ARG A 457 -6.99 39.45 6.54
N LEU A 458 -7.06 38.19 6.09
CA LEU A 458 -8.17 37.79 5.23
C LEU A 458 -9.49 37.98 5.95
N LEU A 459 -9.52 37.74 7.26
CA LEU A 459 -10.75 37.94 8.02
C LEU A 459 -11.19 39.40 7.94
N HIS A 460 -10.25 40.33 8.07
CA HIS A 460 -10.62 41.73 7.99
C HIS A 460 -10.99 42.13 6.57
N ASP A 461 -10.61 41.31 5.59
CA ASP A 461 -11.07 41.51 4.22
C ASP A 461 -12.37 40.80 3.92
N ALA A 462 -12.89 40.01 4.86
CA ALA A 462 -14.11 39.23 4.65
C ALA A 462 -15.31 39.76 5.43
N ARG A 463 -15.10 40.24 6.65
CA ARG A 463 -16.21 40.76 7.44
C ARG A 463 -16.76 42.02 6.80
N PRO A 464 -18.07 42.24 6.86
CA PRO A 464 -18.65 43.46 6.29
C PRO A 464 -18.09 44.69 6.99
N LYS A 465 -17.87 45.76 6.21
CA LYS A 465 -17.32 46.98 6.77
C LYS A 465 -18.28 47.60 7.78
N GLU A 466 -19.41 48.11 7.30
CA GLU A 466 -20.42 48.64 8.21
C GLU A 466 -21.84 48.28 7.80
N GLY A 467 -22.03 47.46 6.76
CA GLY A 467 -23.38 47.17 6.31
C GLY A 467 -24.18 46.36 7.31
N ASP A 468 -23.55 45.33 7.89
CA ASP A 468 -24.21 44.44 8.86
C ASP A 468 -25.47 43.80 8.27
N ASP A 469 -25.51 43.66 6.94
CA ASP A 469 -26.68 43.11 6.26
C ASP A 469 -26.62 41.61 6.07
N ARG A 470 -25.52 40.96 6.45
CA ARG A 470 -25.40 39.52 6.33
C ARG A 470 -24.95 38.92 7.66
N PRO A 471 -25.43 37.73 8.01
CA PRO A 471 -24.99 37.07 9.25
C PRO A 471 -23.60 36.45 9.12
N PHE A 472 -22.58 37.30 9.18
CA PHE A 472 -21.21 36.85 9.02
C PHE A 472 -20.80 36.00 10.20
N PHE A 473 -20.21 34.84 9.93
CA PHE A 473 -19.72 33.93 10.94
C PHE A 473 -18.26 33.60 10.66
N TRP A 474 -17.46 33.54 11.73
CA TRP A 474 -16.04 33.23 11.58
C TRP A 474 -15.62 32.32 12.71
N LEU A 475 -14.89 31.27 12.37
CA LEU A 475 -14.41 30.28 13.32
C LEU A 475 -12.91 30.10 13.14
N PHE A 476 -12.20 29.98 14.25
CA PHE A 476 -10.77 29.71 14.26
C PHE A 476 -10.48 28.58 15.24
N GLU A 477 -9.62 27.66 14.84
CA GLU A 477 -9.27 26.49 15.65
C GLU A 477 -7.78 26.48 15.91
N ASN A 478 -7.41 26.13 17.14
CA ASN A 478 -5.99 25.94 17.47
C ASN A 478 -5.90 24.98 18.65
N VAL A 479 -4.67 24.63 19.01
CA VAL A 479 -4.42 23.68 20.07
C VAL A 479 -4.66 24.31 21.44
N VAL A 480 -4.71 23.48 22.47
CA VAL A 480 -4.93 23.95 23.83
C VAL A 480 -3.62 24.27 24.56
N ALA A 481 -2.52 23.62 24.18
CA ALA A 481 -1.25 23.76 24.88
C ALA A 481 -0.37 24.75 24.12
N MET A 482 -0.62 26.04 24.35
CA MET A 482 0.23 27.10 23.85
C MET A 482 0.58 28.04 24.98
N GLY A 483 1.54 28.92 24.72
CA GLY A 483 1.93 29.89 25.73
C GLY A 483 0.83 30.90 26.01
N VAL A 484 0.87 31.46 27.22
CA VAL A 484 -0.10 32.47 27.59
C VAL A 484 0.08 33.74 26.76
N SER A 485 1.33 34.07 26.42
CA SER A 485 1.57 35.23 25.57
C SER A 485 0.90 35.07 24.21
N ASP A 486 1.11 33.91 23.59
CA ASP A 486 0.46 33.64 22.31
C ASP A 486 -1.06 33.59 22.46
N LYS A 487 -1.54 33.02 23.57
CA LYS A 487 -2.98 32.98 23.83
C LYS A 487 -3.58 34.38 23.84
N ARG A 488 -3.00 35.30 24.63
CA ARG A 488 -3.60 36.62 24.74
C ARG A 488 -3.39 37.42 23.46
N ASP A 489 -2.27 37.21 22.75
CA ASP A 489 -2.07 37.89 21.48
C ASP A 489 -3.15 37.47 20.48
N ILE A 490 -3.41 36.16 20.40
CA ILE A 490 -4.45 35.66 19.49
C ILE A 490 -5.81 36.21 19.88
N SER A 491 -6.12 36.17 21.18
CA SER A 491 -7.44 36.62 21.64
C SER A 491 -7.64 38.10 21.36
N ARG A 492 -6.61 38.91 21.58
CA ARG A 492 -6.73 40.36 21.38
C ARG A 492 -6.72 40.73 19.90
N PHE A 493 -6.04 39.96 19.05
CA PHE A 493 -6.09 40.25 17.62
C PHE A 493 -7.42 39.84 17.01
N LEU A 494 -7.96 38.69 17.40
CA LEU A 494 -9.25 38.26 16.88
C LEU A 494 -10.42 38.96 17.55
N GLU A 495 -10.19 39.66 18.67
CA GLU A 495 -11.24 40.37 19.40
C GLU A 495 -12.38 39.43 19.77
N SER A 496 -12.02 38.33 20.44
CA SER A 496 -13.00 37.35 20.89
C SER A 496 -12.35 36.45 21.93
N ASN A 497 -13.11 36.09 22.95
CA ASN A 497 -12.61 35.20 23.99
C ASN A 497 -12.72 33.75 23.54
N PRO A 498 -11.62 32.99 23.57
CA PRO A 498 -11.69 31.60 23.10
C PRO A 498 -12.57 30.74 23.98
N VAL A 499 -13.13 29.69 23.37
CA VAL A 499 -13.89 28.69 24.08
C VAL A 499 -13.22 27.34 23.86
N MET A 500 -13.17 26.53 24.92
CA MET A 500 -12.54 25.22 24.85
C MET A 500 -13.57 24.17 24.52
N ILE A 501 -13.30 23.38 23.47
CA ILE A 501 -14.14 22.25 23.10
C ILE A 501 -13.26 21.01 23.08
N ASP A 502 -13.66 19.99 23.83
CA ASP A 502 -12.91 18.75 23.93
C ASP A 502 -13.62 17.66 23.15
N ALA A 503 -12.90 16.99 22.25
CA ALA A 503 -13.47 15.89 21.50
C ALA A 503 -13.74 14.67 22.38
N LYS A 504 -13.25 14.66 23.61
CA LYS A 504 -13.48 13.53 24.51
C LYS A 504 -14.97 13.30 24.75
N GLU A 505 -15.74 14.37 24.89
CA GLU A 505 -17.13 14.25 25.27
C GLU A 505 -18.05 13.81 24.13
N VAL A 506 -17.56 13.79 22.89
CA VAL A 506 -18.40 13.45 21.75
C VAL A 506 -17.74 12.42 20.83
N SER A 507 -16.45 12.15 20.98
CA SER A 507 -15.76 11.17 20.16
C SER A 507 -14.82 10.37 21.06
N ALA A 508 -13.90 9.62 20.44
CA ALA A 508 -13.02 8.72 21.16
C ALA A 508 -11.57 9.21 21.20
N ALA A 509 -11.34 10.49 20.96
CA ALA A 509 -10.00 11.07 20.97
C ALA A 509 -9.94 12.22 21.97
N HIS A 510 -8.82 12.30 22.70
CA HIS A 510 -8.59 13.39 23.64
C HIS A 510 -8.04 14.62 22.93
N ARG A 511 -8.79 15.07 21.93
CA ARG A 511 -8.40 16.24 21.14
C ARG A 511 -9.17 17.43 21.69
N ALA A 512 -8.54 18.14 22.63
CA ALA A 512 -9.12 19.34 23.20
C ALA A 512 -8.53 20.56 22.52
N ARG A 513 -9.39 21.44 22.01
CA ARG A 513 -8.96 22.53 21.17
C ARG A 513 -9.64 23.83 21.57
N TYR A 514 -9.03 24.94 21.16
CA TYR A 514 -9.56 26.28 21.37
C TYR A 514 -10.22 26.75 20.08
N PHE A 515 -11.44 27.26 20.21
CA PHE A 515 -12.19 27.83 19.10
C PHE A 515 -12.49 29.29 19.42
N TRP A 516 -12.06 30.17 18.53
CA TRP A 516 -12.46 31.58 18.55
C TRP A 516 -13.56 31.79 17.53
N GLY A 517 -14.49 32.69 17.85
CA GLY A 517 -15.53 33.04 16.90
C GLY A 517 -16.81 33.41 17.59
N ASN A 518 -17.87 33.55 16.78
CA ASN A 518 -19.16 34.00 17.25
C ASN A 518 -20.29 33.13 16.73
N LEU A 519 -20.03 31.84 16.53
CA LEU A 519 -21.13 30.92 16.24
C LEU A 519 -22.05 30.83 17.45
N PRO A 520 -23.36 30.67 17.22
CA PRO A 520 -24.29 30.60 18.34
C PRO A 520 -23.98 29.42 19.25
N GLY A 521 -23.81 29.70 20.54
CA GLY A 521 -23.61 28.66 21.52
C GLY A 521 -22.35 27.84 21.33
N MET A 522 -21.21 28.50 21.09
CA MET A 522 -19.94 27.78 21.06
C MET A 522 -19.59 27.21 22.43
N ASN A 523 -20.05 27.85 23.50
CA ASN A 523 -19.84 27.38 24.86
C ASN A 523 -20.95 26.44 25.33
N ARG A 524 -21.88 26.09 24.45
CA ARG A 524 -22.94 25.16 24.81
C ARG A 524 -22.32 23.80 25.15
N PRO A 525 -22.85 23.09 26.15
CA PRO A 525 -22.30 21.78 26.51
C PRO A 525 -22.39 20.80 25.34
N LEU A 526 -21.40 19.92 25.27
CA LEU A 526 -21.33 18.92 24.21
C LEU A 526 -22.55 18.00 24.25
N ALA A 527 -23.05 17.64 23.08
CA ALA A 527 -24.19 16.74 22.94
C ALA A 527 -23.70 15.42 22.38
N SER A 528 -24.00 14.34 23.09
CA SER A 528 -23.57 12.99 22.69
C SER A 528 -24.64 12.40 21.78
N THR A 529 -24.51 12.66 20.48
CA THR A 529 -25.46 12.13 19.51
C THR A 529 -25.25 10.63 19.34
N VAL A 530 -26.34 9.92 19.06
CA VAL A 530 -26.28 8.48 18.87
C VAL A 530 -25.51 8.12 17.61
N ASN A 531 -25.66 8.94 16.56
CA ASN A 531 -25.09 8.61 15.27
C ASN A 531 -23.56 8.51 15.33
N ASP A 532 -22.91 9.43 16.02
CA ASP A 532 -21.45 9.48 16.06
C ASP A 532 -20.91 8.62 17.20
N LYS A 533 -19.87 7.87 16.90
CA LYS A 533 -19.27 6.98 17.88
C LYS A 533 -18.64 7.76 19.02
N LEU A 534 -18.54 7.11 20.19
CA LEU A 534 -17.96 7.75 21.36
C LEU A 534 -16.88 6.86 21.98
N GLU A 535 -17.02 5.55 21.83
CA GLU A 535 -16.12 4.59 22.46
C GLU A 535 -15.28 3.88 21.41
N LEU A 536 -14.04 3.55 21.79
CA LEU A 536 -13.15 2.82 20.89
C LEU A 536 -13.71 1.45 20.56
N GLN A 537 -14.25 0.75 21.55
CA GLN A 537 -14.72 -0.62 21.33
C GLN A 537 -15.88 -0.65 20.36
N GLU A 538 -16.78 0.33 20.44
CA GLU A 538 -17.92 0.37 19.53
C GLU A 538 -17.47 0.55 18.08
N CYS A 539 -16.49 1.41 17.85
CA CYS A 539 -15.97 1.68 16.52
C CYS A 539 -14.74 0.84 16.17
N LEU A 540 -14.63 -0.35 16.75
CA LEU A 540 -13.50 -1.23 16.51
C LEU A 540 -13.82 -2.18 15.36
N GLU A 541 -12.76 -2.68 14.72
CA GLU A 541 -12.93 -3.59 13.59
C GLU A 541 -13.38 -4.96 14.07
N HIS A 542 -13.55 -5.88 13.12
CA HIS A 542 -14.01 -7.23 13.43
C HIS A 542 -12.87 -8.08 13.96
N GLY A 543 -13.19 -8.93 14.94
CA GLY A 543 -12.21 -9.85 15.49
C GLY A 543 -11.06 -9.17 16.21
N ARG A 544 -11.34 -8.05 16.89
CA ARG A 544 -10.31 -7.33 17.62
C ARG A 544 -10.89 -6.86 18.95
N ILE A 545 -10.00 -6.65 19.93
CA ILE A 545 -10.37 -6.14 21.24
C ILE A 545 -9.46 -4.95 21.54
N ALA A 546 -10.08 -3.83 21.94
CA ALA A 546 -9.34 -2.62 22.27
C ALA A 546 -9.03 -2.64 23.76
N LYS A 547 -7.77 -2.91 24.10
CA LYS A 547 -7.36 -2.95 25.50
C LYS A 547 -7.38 -1.57 26.15
N PHE A 548 -7.49 -0.50 25.37
CA PHE A 548 -7.68 0.85 25.89
C PHE A 548 -9.13 1.28 25.75
N SER A 549 -9.38 2.52 26.16
CA SER A 549 -10.66 3.18 25.99
C SER A 549 -10.39 4.66 25.75
N LYS A 550 -11.00 5.22 24.71
CA LYS A 550 -10.81 6.63 24.34
C LYS A 550 -9.33 6.90 24.05
N VAL A 551 -8.78 6.25 23.02
CA VAL A 551 -7.31 6.38 22.77
C VAL A 551 -6.98 7.78 22.25
N ARG A 552 -5.78 8.29 22.58
CA ARG A 552 -5.33 9.61 22.07
C ARG A 552 -3.94 9.43 21.44
N THR A 553 -3.44 8.19 21.41
CA THR A 553 -2.10 7.91 20.85
C THR A 553 -2.25 7.15 19.54
N ILE A 554 -1.81 7.74 18.43
CA ILE A 554 -1.97 7.09 17.09
C ILE A 554 -0.60 6.97 16.41
N THR A 555 0.42 7.67 16.94
CA THR A 555 1.77 7.63 16.33
C THR A 555 2.48 6.37 16.78
N THR A 556 3.02 5.60 15.84
CA THR A 556 3.64 4.34 16.22
C THR A 556 4.97 4.55 16.94
N ARG A 557 5.67 5.64 16.65
CA ARG A 557 6.95 5.96 17.33
C ARG A 557 7.95 4.80 17.14
N SER A 558 7.85 4.10 16.02
CA SER A 558 8.76 2.99 15.72
C SER A 558 8.86 2.03 16.90
N ASN A 559 7.71 1.67 17.45
CA ASN A 559 7.55 0.73 18.56
C ASN A 559 8.03 1.37 19.86
N SER A 560 8.62 2.56 19.76
CA SER A 560 9.09 3.37 20.91
C SER A 560 10.04 2.50 21.73
N ILE A 561 9.79 2.44 23.04
CA ILE A 561 10.64 1.60 23.95
C ILE A 561 9.71 0.70 24.78
N LYS A 562 10.21 0.14 25.88
CA LYS A 562 9.37 -0.70 26.77
C LYS A 562 8.24 0.17 27.37
N GLN A 563 8.58 1.39 27.81
CA GLN A 563 7.55 2.31 28.37
C GLN A 563 6.59 2.71 27.24
N GLY A 564 7.13 2.95 26.03
CA GLY A 564 6.27 3.29 24.88
C GLY A 564 5.38 2.12 24.52
N LYS A 565 5.85 0.89 24.75
CA LYS A 565 5.04 -0.32 24.46
C LYS A 565 3.75 -0.26 25.30
N ASP A 566 2.70 -0.95 24.86
CA ASP A 566 1.38 -0.95 25.58
C ASP A 566 0.63 0.34 25.23
N GLN A 567 1.25 1.50 25.51
CA GLN A 567 0.54 2.76 25.25
C GLN A 567 0.36 2.99 23.75
N HIS A 568 1.43 2.98 22.97
CA HIS A 568 1.32 3.12 21.52
C HIS A 568 0.63 1.93 20.87
N PHE A 569 0.30 0.90 21.64
CA PHE A 569 -0.14 -0.39 21.13
C PHE A 569 -1.50 -0.71 21.76
N PRO A 570 -2.57 -0.03 21.32
CA PRO A 570 -3.86 -0.14 22.01
C PRO A 570 -4.79 -1.23 21.49
N VAL A 571 -4.37 -2.03 20.51
CA VAL A 571 -5.24 -3.05 19.92
C VAL A 571 -4.62 -4.41 20.13
N PHE A 572 -5.41 -5.33 20.69
CA PHE A 572 -4.98 -6.70 20.96
C PHE A 572 -5.91 -7.64 20.20
N MET A 573 -5.45 -8.12 19.04
CA MET A 573 -6.24 -9.00 18.19
C MET A 573 -5.71 -10.42 18.30
N ASN A 574 -6.63 -11.37 18.51
CA ASN A 574 -6.38 -12.81 18.64
C ASN A 574 -5.06 -13.14 19.33
N GLU A 575 -4.91 -12.64 20.56
CA GLU A 575 -3.80 -12.96 21.47
C GLU A 575 -2.46 -12.40 21.00
N LYS A 576 -2.47 -11.44 20.08
CA LYS A 576 -1.26 -10.77 19.63
C LYS A 576 -1.56 -9.28 19.46
N GLU A 577 -0.59 -8.44 19.79
CA GLU A 577 -0.78 -7.01 19.63
C GLU A 577 -0.79 -6.65 18.14
N ASP A 578 -1.65 -5.70 17.78
CA ASP A 578 -1.71 -5.17 16.43
C ASP A 578 -1.73 -3.65 16.50
N ILE A 579 -0.88 -3.00 15.72
CA ILE A 579 -0.83 -1.54 15.72
C ILE A 579 -2.15 -0.99 15.15
N LEU A 580 -2.46 0.26 15.53
CA LEU A 580 -3.67 0.90 15.05
C LEU A 580 -3.71 0.93 13.53
N TRP A 581 -4.83 0.49 12.97
CA TRP A 581 -5.07 0.62 11.54
C TRP A 581 -5.66 1.99 11.24
N CYS A 582 -5.37 2.50 10.05
CA CYS A 582 -5.81 3.85 9.70
C CYS A 582 -7.33 3.94 9.66
N THR A 583 -7.99 2.90 9.16
CA THR A 583 -9.45 2.89 9.16
C THR A 583 -9.99 3.14 10.56
N GLU A 584 -9.32 2.60 11.58
CA GLU A 584 -9.78 2.75 12.95
C GLU A 584 -9.72 4.21 13.39
N MET A 585 -8.61 4.89 13.14
CA MET A 585 -8.51 6.26 13.63
C MET A 585 -9.32 7.23 12.80
N GLU A 586 -9.51 6.95 11.51
CA GLU A 586 -10.44 7.78 10.76
C GLU A 586 -11.88 7.47 11.11
N ARG A 587 -12.13 6.32 11.73
CA ARG A 587 -13.45 6.07 12.32
C ARG A 587 -13.64 6.86 13.62
N VAL A 588 -12.62 6.89 14.47
CA VAL A 588 -12.81 7.51 15.79
C VAL A 588 -12.98 9.02 15.65
N PHE A 589 -12.31 9.64 14.68
CA PHE A 589 -12.45 11.07 14.47
C PHE A 589 -13.79 11.47 13.86
N GLY A 590 -14.71 10.53 13.66
CA GLY A 590 -16.00 10.83 13.09
C GLY A 590 -16.04 10.90 11.59
N PHE A 591 -14.91 10.73 10.90
CA PHE A 591 -14.90 10.73 9.46
C PHE A 591 -15.63 9.50 8.91
N PRO A 592 -16.11 9.59 7.67
CA PRO A 592 -16.71 8.41 7.05
C PRO A 592 -15.68 7.30 6.87
N VAL A 593 -16.19 6.06 6.81
CA VAL A 593 -15.30 4.91 6.66
C VAL A 593 -14.53 5.04 5.36
N HIS A 594 -13.21 4.85 5.44
CA HIS A 594 -12.33 4.93 4.28
C HIS A 594 -12.44 6.31 3.60
N TYR A 595 -12.45 7.37 4.41
CA TYR A 595 -12.60 8.72 3.88
C TYR A 595 -11.35 9.19 3.15
N THR A 596 -10.18 8.67 3.49
CA THR A 596 -8.94 9.27 3.00
C THR A 596 -8.10 8.19 2.31
N ASP A 597 -8.72 7.41 1.44
CA ASP A 597 -8.00 6.38 0.68
C ASP A 597 -7.58 6.88 -0.70
N VAL A 598 -7.17 8.15 -0.78
CA VAL A 598 -6.87 8.80 -2.05
C VAL A 598 -5.37 8.96 -2.19
N SER A 599 -4.91 9.01 -3.45
CA SER A 599 -3.53 9.31 -3.81
C SER A 599 -2.54 8.28 -3.30
N ASN A 600 -3.01 7.05 -3.06
CA ASN A 600 -2.20 5.90 -2.68
C ASN A 600 -1.12 6.24 -1.64
N MET A 601 -1.48 7.06 -0.65
CA MET A 601 -0.51 7.47 0.36
C MET A 601 -0.07 6.30 1.22
N SER A 602 1.15 6.38 1.72
CA SER A 602 1.65 5.39 2.66
C SER A 602 0.95 5.55 4.00
N ARG A 603 1.25 4.61 4.91
CA ARG A 603 0.63 4.67 6.24
C ARG A 603 1.05 5.93 6.98
N LEU A 604 2.34 6.30 6.89
CA LEU A 604 2.84 7.45 7.63
C LEU A 604 2.34 8.78 7.05
N ALA A 605 2.19 8.85 5.73
CA ALA A 605 1.69 10.08 5.11
C ALA A 605 0.29 10.42 5.61
N ARG A 606 -0.60 9.44 5.60
CA ARG A 606 -1.96 9.67 6.07
C ARG A 606 -2.01 9.70 7.60
N GLN A 607 -1.04 9.05 8.26
CA GLN A 607 -0.82 9.27 9.69
C GLN A 607 -0.68 10.76 10.00
N ARG A 608 0.30 11.42 9.39
CA ARG A 608 0.50 12.84 9.69
C ARG A 608 -0.63 13.68 9.13
N LEU A 609 -1.28 13.24 8.05
CA LEU A 609 -2.42 13.98 7.52
C LEU A 609 -3.57 14.01 8.51
N LEU A 610 -3.87 12.87 9.14
CA LEU A 610 -4.95 12.83 10.13
C LEU A 610 -4.51 13.33 11.50
N GLY A 611 -3.21 13.42 11.76
CA GLY A 611 -2.76 13.89 13.07
C GLY A 611 -2.98 15.36 13.31
N ARG A 612 -3.33 16.14 12.27
CA ARG A 612 -3.58 17.56 12.41
C ARG A 612 -4.98 17.93 11.93
N SER A 613 -5.89 16.97 11.89
CA SER A 613 -7.23 17.17 11.34
C SER A 613 -8.23 17.50 12.44
N TRP A 614 -9.23 18.30 12.08
CA TRP A 614 -10.33 18.60 12.98
C TRP A 614 -11.15 17.35 13.25
N SER A 615 -11.66 17.23 14.48
CA SER A 615 -12.57 16.15 14.81
C SER A 615 -13.94 16.45 14.20
N VAL A 616 -14.50 15.46 13.50
CA VAL A 616 -15.78 15.68 12.82
C VAL A 616 -16.92 16.00 13.78
N PRO A 617 -17.12 15.24 14.88
CA PRO A 617 -18.24 15.59 15.77
C PRO A 617 -18.14 16.97 16.40
N VAL A 618 -16.92 17.44 16.69
CA VAL A 618 -16.77 18.78 17.25
C VAL A 618 -17.25 19.83 16.24
N ILE A 619 -16.84 19.68 14.99
CA ILE A 619 -17.28 20.61 13.94
C ILE A 619 -18.78 20.49 13.73
N ARG A 620 -19.34 19.28 13.84
CA ARG A 620 -20.78 19.11 13.77
C ARG A 620 -21.48 19.90 14.86
N HIS A 621 -20.97 19.81 16.09
CA HIS A 621 -21.56 20.55 17.20
C HIS A 621 -21.48 22.05 16.95
N LEU A 622 -20.33 22.53 16.47
CA LEU A 622 -20.18 23.96 16.28
C LEU A 622 -21.02 24.48 15.12
N PHE A 623 -21.23 23.67 14.08
CA PHE A 623 -21.99 24.10 12.92
C PHE A 623 -23.48 23.78 13.02
N ALA A 624 -23.91 23.05 14.05
CA ALA A 624 -25.33 22.76 14.21
C ALA A 624 -26.22 23.99 14.25
N PRO A 625 -25.88 25.08 14.96
CA PRO A 625 -26.76 26.25 14.93
C PRO A 625 -26.85 26.92 13.56
N LEU A 626 -25.93 26.63 12.64
CA LEU A 626 -25.96 27.28 11.34
C LEU A 626 -27.20 26.90 10.54
N LYS A 627 -27.62 25.62 10.62
CA LYS A 627 -28.74 25.18 9.81
C LYS A 627 -30.02 25.90 10.18
N GLU A 628 -30.14 26.37 11.42
CA GLU A 628 -31.30 27.19 11.79
C GLU A 628 -31.30 28.51 11.01
N TYR A 629 -30.13 29.15 10.89
CA TYR A 629 -30.04 30.43 10.21
C TYR A 629 -29.93 30.29 8.70
N PHE A 630 -29.64 29.09 8.20
CA PHE A 630 -29.22 28.91 6.82
C PHE A 630 -30.10 27.89 6.11
N ALA A 631 -30.04 27.91 4.79
CA ALA A 631 -30.84 27.01 3.98
C ALA A 631 -30.40 25.57 4.16
N CYS A 632 -31.36 24.66 4.10
CA CYS A 632 -31.11 23.23 4.21
C CYS A 632 -31.49 22.56 2.89
N VAL A 633 -30.53 21.82 2.31
CA VAL A 633 -30.77 21.12 1.06
C VAL A 633 -31.69 19.93 1.29
N ILE B 49 -8.78 78.75 -25.62
CA ILE B 49 -8.41 78.51 -24.23
C ILE B 49 -8.33 77.00 -23.98
N GLU B 50 -9.44 76.31 -24.20
CA GLU B 50 -9.47 74.87 -23.99
C GLU B 50 -8.67 74.12 -25.04
N ASP B 51 -8.62 74.64 -26.27
CA ASP B 51 -7.93 73.97 -27.36
C ASP B 51 -6.43 74.24 -27.39
N ILE B 52 -5.93 75.15 -26.55
CA ILE B 52 -4.51 75.49 -26.52
C ILE B 52 -3.97 75.16 -25.14
N CYS B 53 -2.85 74.43 -25.11
CA CYS B 53 -2.23 74.06 -23.84
C CYS B 53 -1.59 75.28 -23.19
N ILE B 54 -1.73 75.37 -21.87
CA ILE B 54 -1.13 76.47 -21.11
C ILE B 54 0.20 76.09 -20.48
N CYS B 55 0.50 74.79 -20.32
CA CYS B 55 1.76 74.39 -19.73
C CYS B 55 2.92 74.64 -20.68
N CYS B 56 2.76 74.33 -21.96
CA CYS B 56 3.83 74.50 -22.92
C CYS B 56 3.40 75.13 -24.24
N GLY B 57 2.12 75.46 -24.41
CA GLY B 57 1.66 76.10 -25.61
C GLY B 57 1.37 75.18 -26.78
N SER B 58 1.43 73.87 -26.57
CA SER B 58 1.15 72.93 -27.64
C SER B 58 -0.31 73.00 -28.06
N LEU B 59 -0.56 72.82 -29.36
CA LEU B 59 -1.92 72.87 -29.89
C LEU B 59 -2.66 71.56 -29.71
N GLN B 60 -1.98 70.48 -29.32
CA GLN B 60 -2.60 69.18 -29.12
C GLN B 60 -2.95 69.03 -27.64
N VAL B 61 -4.25 69.00 -27.34
CA VAL B 61 -4.73 68.89 -25.97
C VAL B 61 -5.57 67.62 -25.85
N HIS B 62 -5.67 67.13 -24.62
CA HIS B 62 -6.44 65.92 -24.32
C HIS B 62 -7.56 66.15 -23.33
N THR B 63 -7.38 67.03 -22.35
CA THR B 63 -8.41 67.30 -21.35
C THR B 63 -8.17 68.69 -20.79
N GLN B 64 -9.13 69.15 -19.99
CA GLN B 64 -9.00 70.46 -19.35
C GLN B 64 -7.87 70.45 -18.33
N HIS B 65 -7.28 71.63 -18.12
CA HIS B 65 -6.18 71.75 -17.19
C HIS B 65 -6.64 71.43 -15.77
N PRO B 66 -5.86 70.69 -14.99
CA PRO B 66 -6.32 70.30 -13.64
C PRO B 66 -6.52 71.49 -12.71
N LEU B 67 -5.52 72.36 -12.57
CA LEU B 67 -5.61 73.44 -11.60
C LEU B 67 -6.55 74.55 -12.07
N PHE B 68 -6.21 75.20 -13.18
CA PHE B 68 -6.94 76.36 -13.68
C PHE B 68 -7.56 76.05 -15.03
N GLU B 69 -8.11 77.08 -15.66
CA GLU B 69 -8.74 76.92 -16.97
C GLU B 69 -7.69 76.98 -18.08
N GLY B 70 -7.84 76.11 -19.06
CA GLY B 70 -6.94 76.04 -20.19
C GLY B 70 -6.75 74.62 -20.63
N GLY B 71 -5.83 74.43 -21.59
CA GLY B 71 -5.51 73.12 -22.11
C GLY B 71 -4.24 72.55 -21.50
N ILE B 72 -3.90 71.34 -21.94
CA ILE B 72 -2.74 70.62 -21.43
C ILE B 72 -2.43 69.48 -22.39
N CYS B 73 -1.13 69.20 -22.55
CA CYS B 73 -0.66 68.16 -23.47
C CYS B 73 -0.19 66.94 -22.68
N ALA B 74 -0.07 65.81 -23.38
CA ALA B 74 0.27 64.56 -22.71
C ALA B 74 1.61 64.60 -21.99
N PRO B 75 2.71 65.08 -22.58
CA PRO B 75 3.93 65.26 -21.78
C PRO B 75 3.71 66.19 -20.60
N CYS B 76 2.84 67.19 -20.75
CA CYS B 76 2.53 68.07 -19.63
C CYS B 76 1.85 67.31 -18.51
N LYS B 77 0.87 66.44 -18.83
CA LYS B 77 0.36 65.53 -17.80
C LYS B 77 1.50 64.77 -17.14
N ASP B 78 2.26 63.98 -17.91
CA ASP B 78 3.25 63.10 -17.29
C ASP B 78 4.24 63.88 -16.41
N LYS B 79 4.63 65.08 -16.84
CA LYS B 79 5.57 65.87 -16.05
C LYS B 79 4.92 66.41 -14.77
N PHE B 80 3.65 66.83 -14.84
CA PHE B 80 2.94 67.20 -13.62
C PHE B 80 2.81 66.00 -12.70
N LEU B 81 2.52 64.83 -13.28
CA LEU B 81 2.26 63.60 -12.52
C LEU B 81 3.49 63.15 -11.76
N ASP B 82 4.67 63.23 -12.39
CA ASP B 82 5.90 62.82 -11.72
C ASP B 82 6.22 63.67 -10.50
N ALA B 83 5.64 64.87 -10.41
CA ALA B 83 5.84 65.77 -9.27
C ALA B 83 4.50 66.34 -8.81
N LEU B 84 3.50 65.46 -8.66
CA LEU B 84 2.17 65.92 -8.30
C LEU B 84 2.13 66.48 -6.88
N PHE B 85 2.84 65.85 -5.94
CA PHE B 85 3.03 66.43 -4.61
C PHE B 85 4.44 66.20 -4.08
N LEU B 86 5.43 66.17 -4.98
CA LEU B 86 6.82 66.05 -4.54
C LEU B 86 7.26 67.31 -3.82
N TYR B 87 7.97 67.13 -2.71
CA TYR B 87 8.46 68.25 -1.90
C TYR B 87 9.97 68.12 -1.73
N ASP B 88 10.65 69.26 -1.75
CA ASP B 88 12.11 69.29 -1.61
C ASP B 88 12.47 69.23 -0.13
N ASP B 89 13.76 69.42 0.18
CA ASP B 89 14.23 69.42 1.55
C ASP B 89 13.96 70.73 2.28
N ASP B 90 13.51 71.77 1.57
CA ASP B 90 13.22 73.05 2.19
C ASP B 90 11.82 73.11 2.79
N GLY B 91 10.98 72.12 2.55
CA GLY B 91 9.63 72.09 3.08
C GLY B 91 8.57 72.67 2.17
N TYR B 92 8.91 73.06 0.95
CA TYR B 92 7.97 73.60 -0.02
C TYR B 92 7.90 72.68 -1.23
N GLN B 93 7.01 73.04 -2.16
CA GLN B 93 6.88 72.25 -3.38
C GLN B 93 8.15 72.33 -4.20
N SER B 94 8.65 71.17 -4.63
CA SER B 94 9.93 71.12 -5.33
C SER B 94 9.85 71.83 -6.68
N TYR B 95 8.78 71.62 -7.43
CA TYR B 95 8.61 72.18 -8.76
C TYR B 95 7.46 73.17 -8.78
N CYS B 96 7.14 73.67 -9.98
CA CYS B 96 6.03 74.58 -10.16
C CYS B 96 4.70 73.84 -10.03
N SER B 97 3.65 74.59 -9.67
CA SER B 97 2.32 74.01 -9.60
C SER B 97 1.64 73.91 -10.95
N ILE B 98 2.13 74.64 -11.96
CA ILE B 98 1.55 74.64 -13.30
C ILE B 98 2.47 73.96 -14.31
N CYS B 99 3.66 74.53 -14.51
CA CYS B 99 4.63 73.96 -15.44
C CYS B 99 5.52 72.90 -14.81
N CYS B 100 5.51 72.80 -13.48
CA CYS B 100 6.30 71.80 -12.75
C CYS B 100 7.77 71.84 -13.11
N SER B 101 8.33 73.06 -13.20
CA SER B 101 9.75 73.27 -13.41
C SER B 101 10.34 73.96 -12.19
N GLY B 102 11.41 73.39 -11.65
CA GLY B 102 12.06 73.93 -10.48
C GLY B 102 13.07 75.02 -10.75
N GLU B 103 13.28 75.40 -12.02
CA GLU B 103 14.25 76.44 -12.33
C GLU B 103 13.82 77.79 -11.76
N THR B 104 12.55 78.13 -11.87
CA THR B 104 12.00 79.38 -11.37
C THR B 104 10.85 79.10 -10.41
N LEU B 105 10.89 79.72 -9.24
CA LEU B 105 9.86 79.54 -8.23
C LEU B 105 9.46 80.90 -7.67
N LEU B 106 8.19 81.00 -7.27
CA LEU B 106 7.64 82.21 -6.66
C LEU B 106 7.02 81.81 -5.32
N ILE B 107 7.76 82.03 -4.24
CA ILE B 107 7.28 81.65 -2.91
C ILE B 107 6.11 82.54 -2.51
N CYS B 108 4.99 81.91 -2.17
CA CYS B 108 3.81 82.66 -1.77
C CYS B 108 4.03 83.32 -0.41
N GLY B 109 3.59 84.57 -0.29
CA GLY B 109 3.71 85.30 0.96
C GLY B 109 2.70 84.92 2.02
N ASN B 110 1.69 84.14 1.65
CA ASN B 110 0.68 83.72 2.62
C ASN B 110 1.25 82.60 3.50
N PRO B 111 1.19 82.74 4.83
CA PRO B 111 1.71 81.67 5.69
C PRO B 111 0.96 80.35 5.56
N ASP B 112 -0.25 80.36 5.02
CA ASP B 112 -1.05 79.16 4.86
C ASP B 112 -1.01 78.62 3.42
N CYS B 113 -0.14 79.17 2.58
CA CYS B 113 0.00 78.73 1.19
C CYS B 113 1.44 78.32 0.93
N THR B 114 1.61 77.25 0.15
CA THR B 114 2.94 76.73 -0.14
C THR B 114 3.16 76.60 -1.65
N ARG B 115 2.11 76.30 -2.39
CA ARG B 115 2.24 76.06 -3.83
C ARG B 115 2.73 77.32 -4.53
N CYS B 116 3.72 77.16 -5.41
CA CYS B 116 4.38 78.26 -6.09
C CYS B 116 4.03 78.26 -7.58
N TYR B 117 4.66 79.18 -8.31
CA TYR B 117 4.47 79.30 -9.75
C TYR B 117 5.84 79.48 -10.40
N CYS B 118 5.82 79.77 -11.70
CA CYS B 118 7.04 79.99 -12.46
C CYS B 118 7.01 81.37 -13.10
N PHE B 119 8.21 81.91 -13.37
CA PHE B 119 8.31 83.19 -14.04
C PHE B 119 7.72 83.12 -15.44
N GLU B 120 8.04 82.07 -16.19
CA GLU B 120 7.50 81.91 -17.53
C GLU B 120 5.98 81.73 -17.49
N CYS B 121 5.49 80.98 -16.51
CA CYS B 121 4.04 80.74 -16.41
C CYS B 121 3.28 82.04 -16.18
N VAL B 122 3.77 82.88 -15.27
CA VAL B 122 3.08 84.13 -14.99
C VAL B 122 3.27 85.13 -16.13
N ASP B 123 4.43 85.12 -16.79
CA ASP B 123 4.65 86.06 -17.88
C ASP B 123 3.79 85.71 -19.09
N SER B 124 3.63 84.42 -19.39
CA SER B 124 2.91 84.02 -20.60
C SER B 124 1.40 84.00 -20.39
N LEU B 125 0.94 83.58 -19.21
CA LEU B 125 -0.50 83.47 -18.97
C LEU B 125 -1.08 84.76 -18.40
N VAL B 126 -0.59 85.20 -17.24
CA VAL B 126 -1.13 86.41 -16.61
C VAL B 126 -0.84 87.63 -17.46
N GLY B 127 0.39 87.75 -17.96
CA GLY B 127 0.77 88.87 -18.78
C GLY B 127 2.20 89.29 -18.54
N PRO B 128 2.85 89.84 -19.58
CA PRO B 128 4.24 90.30 -19.41
C PRO B 128 4.34 91.40 -18.38
N GLY B 129 5.44 91.37 -17.62
CA GLY B 129 5.69 92.36 -16.58
C GLY B 129 5.12 92.02 -15.23
N THR B 130 4.28 90.98 -15.13
CA THR B 130 3.72 90.59 -13.84
C THR B 130 4.73 89.86 -12.97
N SER B 131 5.71 89.20 -13.59
CA SER B 131 6.71 88.46 -12.83
C SER B 131 7.53 89.40 -11.95
N GLY B 132 7.94 90.55 -12.49
CA GLY B 132 8.70 91.50 -11.70
C GLY B 132 7.91 92.07 -10.54
N LYS B 133 6.64 92.40 -10.79
CA LYS B 133 5.79 92.90 -9.71
C LYS B 133 5.58 91.85 -8.64
N VAL B 134 5.38 90.59 -9.04
CA VAL B 134 5.20 89.52 -8.05
C VAL B 134 6.46 89.32 -7.23
N HIS B 135 7.63 89.33 -7.89
CA HIS B 135 8.88 89.14 -7.18
C HIS B 135 9.17 90.30 -6.22
N ALA B 136 8.89 91.53 -6.67
CA ALA B 136 9.15 92.71 -5.84
C ALA B 136 8.14 92.89 -4.71
N MET B 137 7.01 92.20 -4.77
CA MET B 137 6.00 92.35 -3.73
C MET B 137 6.47 91.70 -2.43
N SER B 138 6.37 92.44 -1.33
CA SER B 138 6.78 91.90 -0.03
C SER B 138 5.82 90.82 0.44
N ASN B 139 4.52 91.03 0.28
CA ASN B 139 3.49 90.09 0.69
C ASN B 139 2.60 89.79 -0.52
N TRP B 140 3.02 88.83 -1.33
CA TRP B 140 2.29 88.46 -2.53
C TRP B 140 1.24 87.39 -2.20
N VAL B 141 0.04 87.57 -2.71
CA VAL B 141 -1.11 86.77 -2.30
C VAL B 141 -1.51 85.78 -3.39
N CYS B 142 -0.53 85.38 -4.22
CA CYS B 142 -0.70 84.38 -5.27
C CYS B 142 -1.98 84.56 -6.08
N TYR B 143 -2.59 83.46 -6.52
CA TYR B 143 -3.78 83.57 -7.38
C TYR B 143 -4.94 82.73 -6.85
N LEU B 144 -4.66 81.62 -6.19
CA LEU B 144 -5.72 80.75 -5.70
C LEU B 144 -6.17 81.09 -4.28
N CYS B 145 -5.32 81.73 -3.49
CA CYS B 145 -5.69 82.05 -2.11
C CYS B 145 -6.77 83.12 -2.06
N LEU B 146 -6.60 84.20 -2.81
CA LEU B 146 -7.58 85.28 -2.78
C LEU B 146 -8.80 84.90 -3.61
N PRO B 147 -9.99 85.39 -3.24
CA PRO B 147 -11.22 84.93 -3.90
C PRO B 147 -11.36 85.37 -5.34
N SER B 148 -10.58 86.35 -5.80
CA SER B 148 -10.69 86.80 -7.18
C SER B 148 -10.27 85.70 -8.14
N SER B 149 -11.03 85.54 -9.22
CA SER B 149 -10.78 84.49 -10.19
C SER B 149 -10.34 85.00 -11.56
N ARG B 150 -10.59 86.28 -11.87
CA ARG B 150 -10.23 86.85 -13.15
C ARG B 150 -8.95 87.67 -13.00
N SER B 151 -7.91 87.25 -13.71
CA SER B 151 -6.63 87.98 -13.69
C SER B 151 -5.99 87.79 -15.07
N GLY B 152 -6.21 88.76 -15.97
CA GLY B 152 -5.70 88.64 -17.32
C GLY B 152 -6.30 87.43 -18.02
N LEU B 153 -5.43 86.62 -18.62
CA LEU B 153 -5.84 85.40 -19.30
C LEU B 153 -5.91 84.20 -18.36
N LEU B 154 -5.65 84.39 -17.08
CA LEU B 154 -5.65 83.31 -16.09
C LEU B 154 -7.00 83.27 -15.39
N GLN B 155 -7.67 82.12 -15.48
CA GLN B 155 -8.97 81.92 -14.85
C GLN B 155 -8.86 80.83 -13.81
N ARG B 156 -9.33 81.11 -12.60
CA ARG B 156 -9.28 80.15 -11.50
C ARG B 156 -10.58 79.36 -11.44
N ARG B 157 -10.47 78.05 -11.40
CA ARG B 157 -11.63 77.18 -11.33
C ARG B 157 -12.10 77.05 -9.88
N ARG B 158 -13.38 77.30 -9.65
CA ARG B 158 -13.94 77.19 -8.31
C ARG B 158 -13.92 75.74 -7.85
N LYS B 159 -13.54 75.54 -6.58
CA LYS B 159 -13.42 74.21 -5.99
C LYS B 159 -12.49 73.32 -6.82
N TRP B 160 -11.23 73.74 -6.91
CA TRP B 160 -10.24 73.03 -7.72
C TRP B 160 -10.00 71.61 -7.20
N ARG B 161 -10.19 71.39 -5.89
CA ARG B 161 -9.85 70.11 -5.29
C ARG B 161 -10.69 68.98 -5.87
N SER B 162 -11.94 69.26 -6.24
CA SER B 162 -12.80 68.20 -6.77
C SER B 162 -12.28 67.67 -8.09
N GLN B 163 -11.96 68.56 -9.04
CA GLN B 163 -11.46 68.07 -10.32
C GLN B 163 -10.02 67.57 -10.20
N LEU B 164 -9.25 68.07 -9.24
CA LEU B 164 -7.94 67.46 -8.98
C LEU B 164 -8.10 66.02 -8.54
N LYS B 165 -9.03 65.75 -7.63
CA LYS B 165 -9.31 64.37 -7.22
C LYS B 165 -9.79 63.54 -8.41
N ALA B 166 -10.68 64.12 -9.23
CA ALA B 166 -11.22 63.38 -10.37
C ALA B 166 -10.12 62.99 -11.34
N PHE B 167 -9.21 63.93 -11.66
CA PHE B 167 -8.14 63.64 -12.60
C PHE B 167 -7.11 62.69 -12.00
N TYR B 168 -6.83 62.82 -10.70
CA TYR B 168 -5.92 61.90 -10.05
C TYR B 168 -6.45 60.48 -10.09
N ASP B 169 -7.75 60.30 -9.86
CA ASP B 169 -8.34 58.98 -9.93
C ASP B 169 -8.42 58.45 -11.37
N ARG B 170 -8.75 59.33 -12.32
CA ARG B 170 -8.88 58.92 -13.71
C ARG B 170 -7.54 58.65 -14.38
N GLU B 171 -6.44 59.16 -13.83
CA GLU B 171 -5.12 58.94 -14.41
C GLU B 171 -4.38 57.78 -13.79
N SER B 172 -4.55 57.54 -12.49
CA SER B 172 -3.66 56.68 -11.72
C SER B 172 -3.84 55.23 -12.15
N GLU B 173 -2.95 54.79 -13.05
CA GLU B 173 -2.89 53.37 -13.41
C GLU B 173 -2.38 52.55 -12.22
N ASN B 174 -1.66 53.19 -11.31
CA ASN B 174 -1.22 52.59 -10.06
C ASN B 174 -1.64 53.48 -8.91
N PRO B 175 -2.93 53.46 -8.55
CA PRO B 175 -3.44 54.44 -7.57
C PRO B 175 -3.03 54.13 -6.14
N LEU B 176 -3.46 54.99 -5.22
CA LEU B 176 -3.21 54.80 -3.80
C LEU B 176 -4.33 55.47 -3.02
N GLU B 177 -4.70 54.90 -1.88
CA GLU B 177 -5.75 55.46 -1.06
C GLU B 177 -5.36 56.85 -0.57
N MET B 178 -6.26 57.81 -0.80
CA MET B 178 -5.97 59.20 -0.46
C MET B 178 -7.30 59.96 -0.39
N PHE B 179 -7.31 61.02 0.41
CA PHE B 179 -8.51 61.79 0.69
C PHE B 179 -8.41 63.19 0.11
N GLU B 180 -9.56 63.80 -0.10
CA GLU B 180 -9.63 65.12 -0.71
C GLU B 180 -9.01 66.18 0.20
N THR B 181 -8.32 67.13 -0.42
CA THR B 181 -7.71 68.23 0.33
C THR B 181 -8.81 69.07 1.00
N VAL B 182 -8.53 69.51 2.22
CA VAL B 182 -9.47 70.31 3.00
C VAL B 182 -9.17 71.79 2.75
N PRO B 183 -10.18 72.63 2.52
CA PRO B 183 -9.93 74.06 2.27
C PRO B 183 -9.32 74.73 3.49
N VAL B 184 -8.85 75.97 3.26
CA VAL B 184 -8.05 76.67 4.26
C VAL B 184 -8.88 77.00 5.49
N TRP B 185 -10.17 77.33 5.31
CA TRP B 185 -11.01 77.72 6.43
C TRP B 185 -11.82 76.55 6.98
N ARG B 186 -11.39 75.31 6.72
CA ARG B 186 -12.06 74.14 7.27
C ARG B 186 -11.11 73.09 7.83
N ARG B 187 -9.80 73.34 7.83
CA ARG B 187 -8.87 72.33 8.31
C ARG B 187 -8.95 72.21 9.83
N GLN B 188 -8.42 71.08 10.33
CA GLN B 188 -8.48 70.74 11.74
C GLN B 188 -7.11 70.34 12.24
N PRO B 189 -6.84 70.48 13.54
CA PRO B 189 -5.54 70.06 14.08
C PRO B 189 -5.37 68.55 13.99
N VAL B 190 -4.12 68.14 13.86
CA VAL B 190 -3.79 66.74 13.62
C VAL B 190 -3.91 65.94 14.92
N ARG B 191 -4.42 64.72 14.80
CA ARG B 191 -4.45 63.76 15.89
C ARG B 191 -3.58 62.57 15.49
N VAL B 192 -2.59 62.25 16.32
CA VAL B 192 -1.58 61.25 15.99
C VAL B 192 -1.50 60.24 17.13
N LEU B 193 -1.42 58.96 16.75
CA LEU B 193 -1.27 57.87 17.70
C LEU B 193 0.12 57.27 17.46
N SER B 194 1.10 57.72 18.25
CA SER B 194 2.49 57.30 18.05
C SER B 194 2.72 55.90 18.59
N LEU B 195 3.73 55.22 18.03
CA LEU B 195 4.05 53.85 18.39
C LEU B 195 5.52 53.74 18.77
N PHE B 196 5.78 53.22 19.97
CA PHE B 196 7.04 52.59 20.34
C PHE B 196 8.22 53.54 20.54
N GLU B 197 8.05 54.83 20.24
CA GLU B 197 9.16 55.77 20.44
C GLU B 197 8.59 57.18 20.55
N ASP B 198 9.44 58.08 21.04
CA ASP B 198 9.10 59.50 21.05
C ASP B 198 9.03 60.02 19.62
N ILE B 199 7.92 60.68 19.28
CA ILE B 199 7.63 61.07 17.91
C ILE B 199 7.17 62.52 17.90
N LYS B 200 6.90 63.07 19.09
CA LYS B 200 6.34 64.40 19.19
C LYS B 200 7.28 65.47 18.64
N LYS B 201 8.59 65.29 18.80
CA LYS B 201 9.52 66.35 18.43
C LYS B 201 9.54 66.58 16.92
N GLU B 202 9.45 65.52 16.12
CA GLU B 202 9.41 65.68 14.67
C GLU B 202 8.16 66.42 14.23
N LEU B 203 7.02 66.13 14.86
CA LEU B 203 5.79 66.83 14.51
C LEU B 203 5.82 68.28 14.94
N THR B 204 6.35 68.57 16.12
CA THR B 204 6.46 69.96 16.57
C THR B 204 7.41 70.75 15.69
N SER B 205 8.52 70.14 15.28
CA SER B 205 9.43 70.81 14.35
C SER B 205 8.80 70.99 12.98
N LEU B 206 7.80 70.19 12.64
CA LEU B 206 7.07 70.33 11.38
C LEU B 206 5.80 71.16 11.52
N GLY B 207 5.55 71.73 12.70
CA GLY B 207 4.42 72.62 12.89
C GLY B 207 3.09 71.93 13.15
N PHE B 208 3.05 70.60 13.14
CA PHE B 208 1.80 69.89 13.37
C PHE B 208 1.38 69.93 14.83
N LEU B 209 2.32 70.11 15.75
CA LEU B 209 2.03 70.22 17.18
C LEU B 209 2.79 71.42 17.75
N GLU B 210 2.30 71.91 18.88
CA GLU B 210 2.85 73.08 19.55
C GLU B 210 3.49 72.68 20.87
N SER B 211 4.54 73.40 21.25
CA SER B 211 5.22 73.12 22.50
C SER B 211 4.32 73.43 23.68
N GLY B 212 4.34 72.54 24.67
CA GLY B 212 3.51 72.70 25.85
C GLY B 212 2.06 72.29 25.67
N SER B 213 1.71 71.69 24.53
CA SER B 213 0.34 71.29 24.29
C SER B 213 -0.04 70.10 25.16
N ASP B 214 -1.35 69.94 25.39
CA ASP B 214 -1.84 68.83 26.18
C ASP B 214 -1.59 67.51 25.47
N PRO B 215 -1.38 66.43 26.22
CA PRO B 215 -1.17 65.11 25.60
C PRO B 215 -2.43 64.45 25.07
N GLY B 216 -3.53 65.17 24.94
CA GLY B 216 -4.76 64.59 24.45
C GLY B 216 -4.81 64.35 22.96
N GLN B 217 -3.79 64.80 22.22
CA GLN B 217 -3.71 64.56 20.78
C GLN B 217 -2.68 63.49 20.42
N LEU B 218 -1.59 63.40 21.17
CA LEU B 218 -0.55 62.40 20.93
C LEU B 218 -0.47 61.46 22.11
N LYS B 219 -0.60 60.16 21.83
CA LYS B 219 -0.47 59.12 22.84
C LYS B 219 0.69 58.21 22.46
N HIS B 220 1.66 58.08 23.36
CA HIS B 220 2.85 57.26 23.15
C HIS B 220 2.81 56.09 24.11
N VAL B 221 2.66 54.87 23.57
CA VAL B 221 2.65 53.66 24.36
C VAL B 221 3.65 52.68 23.74
N VAL B 222 4.62 52.23 24.53
CA VAL B 222 5.59 51.24 24.09
C VAL B 222 5.05 49.82 24.30
N ASP B 223 3.96 49.67 25.05
CA ASP B 223 3.44 48.36 25.43
C ASP B 223 2.00 48.22 24.96
N VAL B 224 1.76 48.50 23.68
CA VAL B 224 0.42 48.49 23.10
C VAL B 224 -0.15 47.07 23.05
N THR B 225 0.61 46.10 23.53
CA THR B 225 0.13 44.72 23.57
C THR B 225 -1.12 44.58 24.43
N ASP B 226 -1.36 45.52 25.35
CA ASP B 226 -2.51 45.47 26.24
C ASP B 226 -3.68 46.32 25.75
N THR B 227 -3.60 46.83 24.52
CA THR B 227 -4.65 47.72 24.03
C THR B 227 -5.95 46.97 23.82
N VAL B 228 -7.06 47.70 23.94
CA VAL B 228 -8.41 47.17 23.77
C VAL B 228 -9.17 48.14 22.88
N ARG B 229 -10.19 47.61 22.19
CA ARG B 229 -11.09 48.46 21.43
C ARG B 229 -11.64 49.59 22.28
N LYS B 230 -11.98 49.29 23.54
CA LYS B 230 -12.44 50.33 24.46
C LYS B 230 -11.36 51.39 24.67
N ASP B 231 -10.11 50.97 24.85
CA ASP B 231 -9.02 51.91 25.04
C ASP B 231 -8.83 52.79 23.81
N VAL B 232 -8.89 52.19 22.62
CA VAL B 232 -8.71 52.95 21.38
C VAL B 232 -9.83 53.96 21.22
N GLU B 233 -11.07 53.56 21.51
CA GLU B 233 -12.19 54.49 21.31
C GLU B 233 -12.23 55.56 22.40
N GLU B 234 -11.70 55.28 23.59
CA GLU B 234 -11.67 56.33 24.61
C GLU B 234 -10.47 57.25 24.47
N TRP B 235 -9.43 56.84 23.73
CA TRP B 235 -8.43 57.82 23.31
C TRP B 235 -9.02 58.84 22.35
N GLY B 236 -10.07 58.47 21.61
CA GLY B 236 -10.70 59.38 20.69
C GLY B 236 -10.27 59.16 19.26
N PRO B 237 -10.79 59.97 18.35
CA PRO B 237 -10.44 59.81 16.93
C PRO B 237 -8.99 60.15 16.67
N PHE B 238 -8.42 59.48 15.67
CA PHE B 238 -7.05 59.71 15.24
C PHE B 238 -7.01 59.84 13.73
N ASP B 239 -6.24 60.81 13.23
CA ASP B 239 -6.12 61.06 11.80
C ASP B 239 -4.85 60.48 11.19
N LEU B 240 -3.78 60.38 11.97
CA LEU B 240 -2.52 59.81 11.50
C LEU B 240 -2.05 58.76 12.49
N VAL B 241 -1.69 57.59 11.98
CA VAL B 241 -1.12 56.50 12.79
C VAL B 241 0.33 56.31 12.33
N TYR B 242 1.27 56.52 13.25
CA TYR B 242 2.69 56.51 12.93
C TYR B 242 3.38 55.47 13.79
N GLY B 243 4.20 54.62 13.16
CA GLY B 243 4.93 53.60 13.88
C GLY B 243 6.22 53.27 13.16
N ALA B 244 7.17 52.74 13.93
CA ALA B 244 8.46 52.38 13.38
C ALA B 244 9.16 51.39 14.30
N THR B 245 10.14 50.69 13.75
CA THR B 245 11.02 49.83 14.53
C THR B 245 12.15 50.67 15.12
N PRO B 246 12.73 50.22 16.24
CA PRO B 246 13.85 50.96 16.83
C PRO B 246 15.07 50.91 15.93
N PRO B 247 15.96 51.88 16.03
CA PRO B 247 17.14 51.91 15.16
C PRO B 247 18.04 50.71 15.40
N LEU B 248 18.84 50.39 14.37
CA LEU B 248 19.69 49.22 14.41
C LEU B 248 20.70 49.32 15.56
N GLY B 249 20.94 48.20 16.23
CA GLY B 249 21.80 48.16 17.39
C GLY B 249 21.09 48.27 18.72
N HIS B 250 19.76 48.27 18.73
CA HIS B 250 18.98 48.35 19.96
C HIS B 250 18.56 46.96 20.39
N THR B 251 18.72 46.65 21.67
CA THR B 251 18.36 45.34 22.19
C THR B 251 16.86 45.11 22.03
N CYS B 252 16.50 43.92 21.55
CA CYS B 252 15.10 43.60 21.29
C CYS B 252 14.91 42.10 21.53
N ASP B 253 14.50 41.74 22.75
CA ASP B 253 14.25 40.34 23.06
C ASP B 253 13.08 39.80 22.25
N ARG B 254 12.01 40.59 22.15
CA ARG B 254 10.85 40.18 21.37
C ARG B 254 11.19 40.16 19.88
N PRO B 255 10.51 39.32 19.10
CA PRO B 255 10.74 39.31 17.66
C PRO B 255 10.35 40.65 17.06
N PRO B 256 11.07 41.09 16.01
CA PRO B 256 10.75 42.40 15.41
C PRO B 256 9.34 42.50 14.85
N SER B 257 8.78 41.39 14.35
CA SER B 257 7.45 41.42 13.76
C SER B 257 6.39 41.95 14.71
N TRP B 258 6.64 41.89 16.03
CA TRP B 258 5.85 42.59 17.02
C TRP B 258 5.45 43.97 16.52
N TYR B 259 6.45 44.82 16.28
CA TYR B 259 6.19 46.22 15.96
C TYR B 259 5.43 46.36 14.66
N LEU B 260 5.48 45.33 13.80
CA LEU B 260 4.62 45.31 12.63
C LEU B 260 3.19 44.95 13.02
N PHE B 261 3.02 43.76 13.62
CA PHE B 261 1.70 43.14 13.70
C PHE B 261 0.73 43.99 14.49
N GLN B 262 1.05 44.31 15.75
CA GLN B 262 0.19 45.19 16.53
C GLN B 262 -0.05 46.50 15.80
N PHE B 263 0.96 47.06 15.11
CA PHE B 263 0.73 48.26 14.33
C PHE B 263 -0.44 48.05 13.38
N HIS B 264 -0.39 46.99 12.58
CA HIS B 264 -1.50 46.68 11.69
C HIS B 264 -2.81 46.63 12.46
N ARG B 265 -2.82 45.93 13.59
CA ARG B 265 -4.03 45.82 14.39
C ARG B 265 -4.54 47.21 14.78
N LEU B 266 -3.65 48.07 15.28
CA LEU B 266 -4.07 49.42 15.64
C LEU B 266 -4.59 50.15 14.41
N LEU B 267 -3.92 49.99 13.27
CA LEU B 267 -4.39 50.60 12.03
C LEU B 267 -5.81 50.16 11.73
N GLN B 268 -6.12 48.88 11.98
CA GLN B 268 -7.44 48.38 11.66
C GLN B 268 -8.47 48.89 12.66
N TYR B 269 -8.02 49.27 13.86
CA TYR B 269 -8.92 49.90 14.82
C TYR B 269 -9.00 51.40 14.63
N ALA B 270 -8.14 51.98 13.81
CA ALA B 270 -8.11 53.41 13.57
C ALA B 270 -8.70 53.80 12.21
N ARG B 271 -9.20 52.84 11.44
CA ARG B 271 -9.84 53.17 10.17
C ARG B 271 -11.06 54.06 10.42
N PRO B 272 -11.27 55.07 9.58
CA PRO B 272 -12.41 55.97 9.78
C PRO B 272 -13.74 55.29 9.54
N LYS B 273 -14.80 55.97 9.91
CA LYS B 273 -16.14 55.47 9.64
C LYS B 273 -16.34 55.41 8.12
N PRO B 274 -16.94 54.33 7.61
CA PRO B 274 -17.10 54.21 6.15
C PRO B 274 -17.90 55.38 5.57
N GLY B 275 -17.44 55.86 4.42
CA GLY B 275 -18.09 56.96 3.72
C GLY B 275 -17.71 58.34 4.21
N SER B 276 -16.91 58.45 5.26
CA SER B 276 -16.55 59.76 5.79
C SER B 276 -15.46 60.40 4.92
N PRO B 277 -15.49 61.72 4.76
CA PRO B 277 -14.41 62.40 4.03
C PRO B 277 -13.17 62.60 4.90
N ARG B 278 -13.18 62.00 6.09
CA ARG B 278 -12.13 62.05 7.09
C ARG B 278 -10.77 61.72 6.48
N PRO B 279 -9.83 62.68 6.46
CA PRO B 279 -8.51 62.41 5.88
C PRO B 279 -7.64 61.55 6.79
N PHE B 280 -7.81 60.23 6.72
CA PHE B 280 -7.04 59.31 7.53
C PHE B 280 -5.90 58.73 6.70
N PHE B 281 -4.67 58.87 7.20
CA PHE B 281 -3.49 58.36 6.52
C PHE B 281 -2.59 57.65 7.52
N TRP B 282 -1.81 56.69 7.00
CA TRP B 282 -0.90 55.92 7.83
C TRP B 282 0.34 55.58 7.03
N MET B 283 1.42 55.27 7.74
CA MET B 283 2.62 54.76 7.09
C MET B 283 3.46 54.05 8.13
N PHE B 284 4.35 53.18 7.64
CA PHE B 284 5.23 52.38 8.49
C PHE B 284 6.64 52.41 7.91
N VAL B 285 7.61 52.78 8.74
CA VAL B 285 9.00 52.89 8.31
C VAL B 285 9.84 51.92 9.12
N ASP B 286 10.69 51.17 8.43
CA ASP B 286 11.54 50.15 9.02
C ASP B 286 13.00 50.46 8.72
N ASN B 287 13.86 50.29 9.73
CA ASN B 287 15.28 50.59 9.60
C ASN B 287 16.08 49.38 9.14
N LEU B 288 15.63 48.75 8.06
CA LEU B 288 16.34 47.64 7.42
C LEU B 288 16.65 46.49 8.38
N VAL B 289 15.88 46.34 9.45
CA VAL B 289 16.16 45.31 10.43
C VAL B 289 15.35 44.04 10.20
N LEU B 290 14.24 44.12 9.47
CA LEU B 290 13.45 42.93 9.19
C LEU B 290 14.07 42.14 8.03
N ASN B 291 13.82 40.84 8.03
CA ASN B 291 14.31 39.97 6.96
C ASN B 291 13.44 40.10 5.71
N LYS B 292 13.86 39.43 4.63
CA LYS B 292 13.14 39.57 3.37
C LYS B 292 11.75 38.95 3.45
N GLU B 293 11.59 37.84 4.17
CA GLU B 293 10.27 37.26 4.36
C GLU B 293 9.37 38.22 5.13
N ASP B 294 9.91 38.85 6.18
CA ASP B 294 9.15 39.83 6.93
C ASP B 294 8.81 41.05 6.07
N LEU B 295 9.72 41.45 5.19
CA LEU B 295 9.42 42.55 4.28
C LEU B 295 8.28 42.18 3.34
N ASP B 296 8.28 40.96 2.82
CA ASP B 296 7.17 40.52 1.99
C ASP B 296 5.85 40.50 2.77
N VAL B 297 5.90 40.02 4.02
CA VAL B 297 4.70 39.97 4.84
C VAL B 297 4.16 41.38 5.07
N ALA B 298 5.04 42.34 5.39
CA ALA B 298 4.61 43.70 5.63
C ALA B 298 4.06 44.34 4.36
N SER B 299 4.71 44.11 3.21
CA SER B 299 4.23 44.67 1.96
C SER B 299 2.86 44.11 1.59
N ARG B 300 2.61 42.84 1.90
CA ARG B 300 1.31 42.25 1.60
C ARG B 300 0.24 42.73 2.58
N PHE B 301 0.60 42.88 3.86
CA PHE B 301 -0.36 43.34 4.85
C PHE B 301 -0.74 44.80 4.63
N LEU B 302 0.19 45.61 4.14
CA LEU B 302 -0.10 47.01 3.83
C LEU B 302 -0.52 47.23 2.38
N GLU B 303 -0.42 46.19 1.54
CA GLU B 303 -0.74 46.29 0.11
C GLU B 303 0.01 47.45 -0.55
N MET B 304 1.29 47.58 -0.20
CA MET B 304 2.12 48.65 -0.74
C MET B 304 3.52 48.14 -1.01
N GLU B 305 4.10 48.58 -2.13
CA GLU B 305 5.48 48.27 -2.44
C GLU B 305 6.40 48.93 -1.42
N PRO B 306 7.51 48.26 -1.02
CA PRO B 306 8.43 48.88 -0.07
C PRO B 306 9.27 49.99 -0.69
N VAL B 307 8.70 51.20 -0.76
CA VAL B 307 9.41 52.35 -1.31
C VAL B 307 10.48 52.78 -0.31
N THR B 308 11.74 52.68 -0.73
CA THR B 308 12.86 53.02 0.14
C THR B 308 13.24 54.49 0.00
N ILE B 309 13.82 55.04 1.07
CA ILE B 309 14.30 56.41 1.06
C ILE B 309 15.75 56.41 1.53
N PRO B 310 16.71 56.18 0.64
CA PRO B 310 18.11 56.15 1.04
C PRO B 310 18.66 57.56 1.28
N ASP B 311 19.72 57.61 2.08
CA ASP B 311 20.43 58.85 2.39
C ASP B 311 21.89 58.67 1.97
N VAL B 312 22.28 59.35 0.90
CA VAL B 312 23.63 59.24 0.35
C VAL B 312 24.33 60.57 0.58
N HIS B 313 25.49 60.52 1.23
CA HIS B 313 26.31 61.69 1.50
C HIS B 313 27.70 61.45 0.92
N GLY B 314 28.21 62.43 0.18
CA GLY B 314 29.53 62.31 -0.43
C GLY B 314 29.66 61.14 -1.38
N GLY B 315 28.56 60.71 -1.98
CA GLY B 315 28.58 59.54 -2.84
C GLY B 315 28.58 58.20 -2.12
N SER B 316 28.45 58.20 -0.80
CA SER B 316 28.46 56.97 -0.02
C SER B 316 27.17 56.86 0.78
N LEU B 317 26.68 55.63 0.93
CA LEU B 317 25.44 55.36 1.66
C LEU B 317 25.79 54.88 3.06
N GLN B 318 25.25 55.57 4.08
CA GLN B 318 25.49 55.20 5.46
C GLN B 318 24.24 54.70 6.19
N ASN B 319 23.04 55.05 5.72
CA ASN B 319 21.82 54.59 6.34
C ASN B 319 20.69 54.67 5.32
N ALA B 320 19.68 53.82 5.53
CA ALA B 320 18.51 53.80 4.65
C ALA B 320 17.33 53.24 5.43
N VAL B 321 16.13 53.55 4.94
CA VAL B 321 14.88 53.09 5.54
C VAL B 321 13.95 52.60 4.45
N ARG B 322 13.01 51.74 4.83
CA ARG B 322 11.99 51.24 3.94
C ARG B 322 10.62 51.72 4.42
N VAL B 323 9.84 52.30 3.51
CA VAL B 323 8.60 52.97 3.85
C VAL B 323 7.44 52.28 3.14
N TRP B 324 6.39 51.97 3.91
CA TRP B 324 5.14 51.43 3.40
C TRP B 324 4.07 52.46 3.70
N SER B 325 3.57 53.14 2.67
CA SER B 325 2.74 54.32 2.89
C SER B 325 1.71 54.46 1.78
N ASN B 326 0.65 55.20 2.09
CA ASN B 326 -0.37 55.58 1.12
C ASN B 326 -0.36 57.07 0.83
N ILE B 327 0.63 57.80 1.32
CA ILE B 327 0.72 59.24 1.07
C ILE B 327 0.94 59.48 -0.42
N PRO B 328 0.24 60.44 -1.04
CA PRO B 328 0.45 60.70 -2.46
C PRO B 328 1.86 61.16 -2.77
N ALA B 329 2.31 60.86 -3.98
CA ALA B 329 3.63 61.27 -4.49
C ALA B 329 4.77 60.69 -3.64
N ILE B 330 4.61 59.47 -3.15
CA ILE B 330 5.71 58.79 -2.48
C ILE B 330 6.39 57.77 -3.40
N ARG B 331 5.70 57.28 -4.43
CA ARG B 331 6.34 56.40 -5.40
C ARG B 331 7.42 57.16 -6.18
N SER B 332 7.22 58.45 -6.42
CA SER B 332 8.27 59.25 -7.06
C SER B 332 9.52 59.34 -6.22
N ARG B 333 9.43 59.11 -4.91
CA ARG B 333 10.59 59.09 -4.03
C ARG B 333 11.29 57.74 -4.00
N HIS B 334 10.77 56.73 -4.72
CA HIS B 334 11.39 55.42 -4.73
C HIS B 334 12.76 55.46 -5.41
N TRP B 335 13.68 54.67 -4.89
CA TRP B 335 15.04 54.59 -5.42
C TRP B 335 15.25 53.16 -5.93
N ALA B 336 15.45 53.03 -7.24
CA ALA B 336 15.58 51.72 -7.87
C ALA B 336 17.02 51.24 -7.96
N LEU B 337 18.00 52.12 -7.77
CA LEU B 337 19.40 51.72 -7.87
C LEU B 337 19.87 50.91 -6.67
N VAL B 338 19.23 51.06 -5.52
CA VAL B 338 19.62 50.32 -4.32
C VAL B 338 19.34 48.85 -4.52
N SER B 339 20.30 48.01 -4.15
CA SER B 339 20.17 46.56 -4.22
C SER B 339 20.40 45.97 -2.84
N GLU B 340 20.13 44.67 -2.72
CA GLU B 340 20.10 44.02 -1.41
C GLU B 340 21.49 43.90 -0.79
N GLU B 341 22.53 43.73 -1.62
CA GLU B 341 23.83 43.34 -1.08
C GLU B 341 24.47 44.44 -0.24
N GLU B 342 24.47 45.68 -0.74
CA GLU B 342 25.17 46.72 0.01
C GLU B 342 24.37 47.18 1.23
N LEU B 343 23.04 47.22 1.12
CA LEU B 343 22.24 47.54 2.29
C LEU B 343 22.38 46.45 3.35
N SER B 344 22.45 45.18 2.94
CA SER B 344 22.61 44.09 3.89
C SER B 344 23.97 44.17 4.58
N LEU B 345 25.04 44.41 3.82
CA LEU B 345 26.36 44.50 4.45
C LEU B 345 26.45 45.70 5.37
N LEU B 346 25.83 46.83 4.98
CA LEU B 346 25.78 47.98 5.87
C LEU B 346 25.03 47.66 7.16
N ALA B 347 23.91 46.95 7.05
CA ALA B 347 23.16 46.58 8.25
C ALA B 347 23.98 45.70 9.16
N GLN B 348 24.64 44.66 8.60
CA GLN B 348 25.45 43.78 9.43
C GLN B 348 26.61 44.53 10.07
N ASN B 349 27.22 45.46 9.34
CA ASN B 349 28.23 46.33 9.96
C ASN B 349 27.62 47.16 11.08
N LYS B 350 26.33 47.50 10.97
CA LYS B 350 25.68 48.28 12.02
C LYS B 350 25.49 47.46 13.28
N GLN B 351 25.04 46.20 13.16
CA GLN B 351 25.01 45.37 14.39
C GLN B 351 26.41 45.13 14.92
N SER B 352 27.39 44.91 14.03
CA SER B 352 28.75 44.66 14.48
C SER B 352 29.40 45.90 15.09
N SER B 353 28.85 47.08 14.83
CA SER B 353 29.44 48.32 15.34
C SER B 353 29.04 48.56 16.79
N LYS B 354 29.85 49.39 17.46
CA LYS B 354 29.60 49.75 18.86
C LYS B 354 28.76 51.02 18.98
N LEU B 355 28.63 51.80 17.91
CA LEU B 355 27.95 53.08 17.99
C LEU B 355 26.50 52.91 18.45
N ALA B 356 26.05 53.85 19.27
CA ALA B 356 24.71 53.78 19.84
C ALA B 356 23.65 53.91 18.75
N ALA B 357 22.52 53.25 18.97
CA ALA B 357 21.42 53.27 18.00
C ALA B 357 20.77 54.64 17.98
N LYS B 358 21.03 55.41 16.93
CA LYS B 358 20.44 56.73 16.75
C LYS B 358 19.33 56.65 15.73
N TRP B 359 18.14 57.09 16.12
CA TRP B 359 16.99 57.02 15.23
C TRP B 359 17.08 58.10 14.16
N PRO B 360 16.91 57.77 12.88
CA PRO B 360 17.06 58.74 11.77
C PRO B 360 15.89 59.71 11.64
N THR B 361 15.93 60.78 12.44
CA THR B 361 14.86 61.77 12.42
C THR B 361 14.82 62.56 11.11
N LYS B 362 15.95 62.66 10.42
CA LYS B 362 16.01 63.46 9.20
C LYS B 362 15.37 62.76 8.02
N LEU B 363 15.45 61.43 7.95
CA LEU B 363 14.94 60.72 6.78
C LEU B 363 13.42 60.76 6.69
N VAL B 364 12.74 60.94 7.82
CA VAL B 364 11.28 60.93 7.83
C VAL B 364 10.75 62.36 7.73
N LYS B 365 11.65 63.32 7.53
CA LYS B 365 11.23 64.72 7.42
C LYS B 365 10.36 64.94 6.18
N ASN B 366 10.71 64.30 5.06
CA ASN B 366 9.99 64.50 3.81
C ASN B 366 8.65 63.76 3.77
N CYS B 367 8.39 62.87 4.71
CA CYS B 367 7.16 62.09 4.66
C CYS B 367 5.94 62.95 5.01
N PHE B 368 6.06 63.83 5.99
CA PHE B 368 4.93 64.61 6.50
C PHE B 368 4.80 65.97 5.83
N LEU B 369 5.65 66.30 4.87
CA LEU B 369 5.56 67.59 4.20
C LEU B 369 4.22 67.80 3.46
N PRO B 370 3.72 66.85 2.66
CA PRO B 370 2.42 67.10 2.00
C PRO B 370 1.26 67.25 2.97
N LEU B 371 1.36 66.69 4.17
CA LEU B 371 0.27 66.81 5.14
C LEU B 371 0.05 68.26 5.58
N ARG B 372 1.00 69.15 5.30
CA ARG B 372 0.78 70.57 5.52
C ARG B 372 -0.38 71.08 4.68
N GLU B 373 -0.49 70.59 3.43
CA GLU B 373 -1.59 70.98 2.57
C GLU B 373 -2.93 70.40 3.01
N TYR B 374 -2.94 69.49 3.98
CA TYR B 374 -4.15 68.84 4.43
C TYR B 374 -4.64 69.34 5.79
N PHE B 375 -3.74 69.61 6.73
CA PHE B 375 -4.11 69.93 8.10
C PHE B 375 -3.56 71.30 8.49
N LYS B 376 -3.79 71.66 9.75
CA LYS B 376 -3.32 72.93 10.28
C LYS B 376 -1.81 72.96 10.41
N TYR B 377 -1.23 74.14 10.19
CA TYR B 377 0.18 74.42 10.46
C TYR B 377 0.28 75.50 11.52
N PHE B 378 1.00 75.20 12.59
CA PHE B 378 1.16 76.14 13.70
C PHE B 378 2.61 76.54 13.86
N GLY C 34 4.61 -69.72 34.52
CA GLY C 34 4.30 -71.13 34.37
C GLY C 34 4.11 -71.55 32.93
N ARG C 35 5.21 -71.57 32.18
CA ARG C 35 5.13 -71.98 30.78
C ARG C 35 4.71 -73.44 30.64
N ASP C 36 5.27 -74.31 31.47
CA ASP C 36 4.94 -75.73 31.45
C ASP C 36 3.78 -76.08 32.38
N LEU C 37 3.28 -75.13 33.15
CA LEU C 37 2.19 -75.38 34.08
C LEU C 37 0.81 -75.12 33.48
N ILE C 38 0.74 -74.74 32.20
CA ILE C 38 -0.55 -74.50 31.57
C ILE C 38 -1.32 -75.81 31.43
N ALA C 39 -0.62 -76.91 31.10
CA ALA C 39 -1.28 -78.20 31.01
C ALA C 39 -1.85 -78.63 32.36
N TYR C 40 -1.09 -78.43 33.42
CA TYR C 40 -1.59 -78.72 34.76
C TYR C 40 -2.79 -77.85 35.11
N GLU C 41 -2.74 -76.58 34.72
CA GLU C 41 -3.85 -75.67 35.00
C GLU C 41 -5.12 -76.08 34.29
N VAL C 42 -5.01 -76.52 33.03
CA VAL C 42 -6.21 -76.83 32.26
C VAL C 42 -6.75 -78.21 32.62
N LYS C 43 -5.86 -79.19 32.84
CA LYS C 43 -6.32 -80.55 33.10
C LYS C 43 -6.82 -80.70 34.53
N ALA C 44 -6.15 -80.08 35.51
CA ALA C 44 -6.51 -80.26 36.91
C ALA C 44 -7.52 -79.21 37.38
N ASN C 45 -7.18 -77.93 37.26
CA ASN C 45 -8.07 -76.88 37.73
C ASN C 45 -9.33 -76.76 36.87
N GLN C 46 -9.28 -77.24 35.63
CA GLN C 46 -10.43 -77.23 34.71
C GLN C 46 -10.98 -75.81 34.53
N ARG C 47 -10.15 -74.95 33.96
CA ARG C 47 -10.50 -73.57 33.68
C ARG C 47 -10.44 -73.31 32.18
N ASN C 48 -11.29 -72.40 31.73
CA ASN C 48 -11.31 -72.04 30.32
C ASN C 48 -9.97 -71.44 29.92
N ILE C 49 -9.43 -71.89 28.78
CA ILE C 49 -8.15 -71.41 28.30
C ILE C 49 -8.21 -69.98 27.80
N GLU C 50 -9.42 -69.41 27.69
CA GLU C 50 -9.55 -68.00 27.32
C GLU C 50 -8.93 -67.10 28.38
N ASP C 51 -9.14 -67.42 29.65
CA ASP C 51 -8.68 -66.57 30.75
C ASP C 51 -7.18 -66.62 30.96
N ILE C 52 -6.48 -67.57 30.35
CA ILE C 52 -5.04 -67.73 30.54
C ILE C 52 -4.34 -67.54 29.19
N CYS C 53 -3.20 -66.85 29.21
CA CYS C 53 -2.42 -66.66 27.99
C CYS C 53 -1.89 -68.01 27.50
N ILE C 54 -1.90 -68.19 26.18
CA ILE C 54 -1.42 -69.42 25.57
C ILE C 54 -0.01 -69.19 25.04
N CYS C 55 0.28 -67.95 24.67
CA CYS C 55 1.60 -67.63 24.12
C CYS C 55 2.71 -67.86 25.14
N CYS C 56 2.48 -67.45 26.38
CA CYS C 56 3.49 -67.58 27.43
C CYS C 56 2.99 -68.20 28.72
N GLY C 57 1.68 -68.26 28.95
CA GLY C 57 1.14 -68.86 30.14
C GLY C 57 0.80 -67.90 31.26
N SER C 58 0.87 -66.59 31.01
CA SER C 58 0.56 -65.62 32.05
C SER C 58 -0.92 -65.68 32.41
N LEU C 59 -1.21 -65.63 33.71
CA LEU C 59 -2.59 -65.64 34.18
C LEU C 59 -3.33 -64.38 33.73
N GLN C 60 -2.67 -63.22 33.80
CA GLN C 60 -3.29 -61.97 33.39
C GLN C 60 -3.43 -61.95 31.87
N VAL C 61 -4.63 -61.60 31.40
CA VAL C 61 -4.92 -61.50 29.98
C VAL C 61 -5.66 -60.19 29.72
N HIS C 62 -5.61 -59.74 28.47
CA HIS C 62 -6.29 -58.53 28.05
C HIS C 62 -7.27 -58.76 26.91
N THR C 63 -6.99 -59.69 26.01
CA THR C 63 -7.89 -60.03 24.92
C THR C 63 -7.64 -61.48 24.54
N GLN C 64 -8.42 -61.97 23.58
CA GLN C 64 -8.30 -63.35 23.11
C GLN C 64 -7.24 -63.47 22.04
N HIS C 65 -6.61 -64.64 21.98
CA HIS C 65 -5.60 -64.91 20.97
C HIS C 65 -6.28 -65.02 19.60
N PRO C 66 -5.79 -64.28 18.59
CA PRO C 66 -6.48 -64.29 17.29
C PRO C 66 -6.40 -65.60 16.53
N LEU C 67 -5.18 -66.13 16.35
CA LEU C 67 -5.00 -67.29 15.49
C LEU C 67 -5.76 -68.50 16.01
N PHE C 68 -5.53 -68.84 17.28
CA PHE C 68 -6.17 -69.99 17.93
C PHE C 68 -6.93 -69.51 19.15
N GLU C 69 -7.98 -70.24 19.51
CA GLU C 69 -8.80 -69.85 20.65
C GLU C 69 -8.01 -69.96 21.95
N GLY C 70 -8.02 -68.89 22.74
CA GLY C 70 -7.25 -68.85 23.96
C GLY C 70 -7.05 -67.41 24.40
N GLY C 71 -6.10 -67.23 25.32
CA GLY C 71 -5.77 -65.93 25.86
C GLY C 71 -4.41 -65.43 25.38
N ILE C 72 -4.14 -64.17 25.70
CA ILE C 72 -2.89 -63.54 25.32
C ILE C 72 -2.64 -62.38 26.28
N CYS C 73 -1.37 -62.12 26.57
CA CYS C 73 -0.96 -61.04 27.44
C CYS C 73 -0.52 -59.82 26.63
N ALA C 74 -0.34 -58.70 27.32
CA ALA C 74 0.04 -57.46 26.64
C ALA C 74 1.41 -57.54 25.95
N PRO C 75 2.49 -57.98 26.60
CA PRO C 75 3.74 -58.14 25.84
C PRO C 75 3.64 -59.19 24.75
N CYS C 76 2.85 -60.24 24.97
CA CYS C 76 2.68 -61.27 23.96
C CYS C 76 2.01 -60.70 22.71
N LYS C 77 0.96 -59.90 22.89
CA LYS C 77 0.31 -59.30 21.72
C LYS C 77 1.18 -58.21 21.09
N ASP C 78 1.97 -57.50 21.90
CA ASP C 78 2.89 -56.53 21.33
C ASP C 78 3.89 -57.20 20.39
N LYS C 79 4.53 -58.27 20.87
CA LYS C 79 5.46 -59.00 20.01
C LYS C 79 4.76 -59.78 18.90
N PHE C 80 3.46 -60.05 19.05
CA PHE C 80 2.70 -60.67 17.97
C PHE C 80 2.49 -59.69 16.83
N LEU C 81 2.06 -58.47 17.15
CA LEU C 81 1.95 -57.43 16.11
C LEU C 81 3.31 -57.06 15.56
N ASP C 82 4.38 -57.16 16.36
CA ASP C 82 5.71 -56.86 15.86
C ASP C 82 6.12 -57.83 14.75
N ALA C 83 5.78 -59.11 14.89
CA ALA C 83 6.17 -60.14 13.93
C ALA C 83 4.97 -60.92 13.41
N LEU C 84 3.88 -60.22 13.10
CA LEU C 84 2.69 -60.90 12.58
C LEU C 84 2.94 -61.43 11.17
N PHE C 85 3.39 -60.56 10.27
CA PHE C 85 3.69 -60.94 8.88
C PHE C 85 5.16 -60.76 8.56
N LEU C 86 6.03 -60.94 9.55
CA LEU C 86 7.47 -60.83 9.32
C LEU C 86 7.97 -62.05 8.58
N TYR C 87 8.94 -61.82 7.67
CA TYR C 87 9.51 -62.88 6.86
C TYR C 87 11.03 -62.79 6.88
N ASP C 88 11.68 -63.93 6.74
CA ASP C 88 13.12 -64.02 6.67
C ASP C 88 13.57 -64.07 5.20
N ASP C 89 14.90 -64.10 5.01
CA ASP C 89 15.43 -64.15 3.65
C ASP C 89 15.08 -65.46 2.95
N ASP C 90 14.93 -66.55 3.70
CA ASP C 90 14.57 -67.83 3.10
C ASP C 90 13.12 -67.87 2.62
N GLY C 91 12.31 -66.88 2.98
CA GLY C 91 10.93 -66.81 2.54
C GLY C 91 9.91 -67.35 3.49
N TYR C 92 10.30 -67.72 4.71
CA TYR C 92 9.39 -68.27 5.72
C TYR C 92 9.22 -67.26 6.84
N GLN C 93 8.37 -67.62 7.80
CA GLN C 93 8.09 -66.74 8.94
C GLN C 93 9.35 -66.54 9.79
N SER C 94 9.59 -65.29 10.18
CA SER C 94 10.72 -65.00 11.05
C SER C 94 10.53 -65.60 12.42
N TYR C 95 9.37 -65.39 13.02
CA TYR C 95 9.05 -65.89 14.35
C TYR C 95 7.91 -66.91 14.27
N CYS C 96 7.61 -67.51 15.41
CA CYS C 96 6.54 -68.50 15.48
C CYS C 96 5.18 -67.82 15.37
N SER C 97 4.20 -68.57 14.86
CA SER C 97 2.85 -68.07 14.72
C SER C 97 2.07 -68.09 16.04
N ILE C 98 2.63 -68.67 17.10
CA ILE C 98 1.94 -68.75 18.38
C ILE C 98 2.79 -68.07 19.46
N CYS C 99 3.99 -68.59 19.69
CA CYS C 99 4.87 -68.07 20.72
C CYS C 99 5.85 -67.03 20.21
N CYS C 100 5.93 -66.82 18.89
CA CYS C 100 6.80 -65.83 18.27
C CYS C 100 8.26 -66.03 18.68
N SER C 101 8.77 -67.22 18.37
CA SER C 101 10.17 -67.56 18.60
C SER C 101 10.74 -68.17 17.33
N GLY C 102 11.87 -67.65 16.88
CA GLY C 102 12.50 -68.13 15.67
C GLY C 102 13.65 -69.08 15.92
N GLU C 103 13.55 -69.88 16.98
CA GLU C 103 14.61 -70.82 17.34
C GLU C 103 14.32 -72.25 16.92
N THR C 104 13.05 -72.67 16.96
CA THR C 104 12.65 -74.04 16.62
C THR C 104 11.55 -74.01 15.57
N LEU C 105 11.76 -73.21 14.53
CA LEU C 105 10.77 -73.10 13.45
C LEU C 105 10.68 -74.39 12.67
N LEU C 106 9.45 -74.73 12.26
CA LEU C 106 9.17 -75.93 11.47
C LEU C 106 8.63 -75.52 10.11
N ILE C 107 9.18 -76.12 9.06
CA ILE C 107 8.75 -75.84 7.70
C ILE C 107 7.47 -76.59 7.39
N CYS C 108 6.81 -76.22 6.30
CA CYS C 108 5.56 -76.85 5.87
C CYS C 108 5.79 -77.57 4.54
N GLY C 109 5.29 -78.80 4.45
CA GLY C 109 5.52 -79.60 3.25
C GLY C 109 4.89 -78.99 2.01
N ASN C 110 3.64 -78.56 2.12
CA ASN C 110 2.96 -77.93 0.99
C ASN C 110 3.48 -76.51 0.80
N PRO C 111 3.95 -76.15 -0.40
CA PRO C 111 4.63 -74.86 -0.57
C PRO C 111 3.75 -73.65 -0.30
N ASP C 112 2.46 -73.70 -0.64
CA ASP C 112 1.63 -72.49 -0.56
C ASP C 112 1.36 -72.05 0.86
N CYS C 113 1.68 -72.86 1.87
CA CYS C 113 1.58 -72.46 3.26
C CYS C 113 3.00 -72.43 3.85
N THR C 114 3.33 -71.32 4.52
CA THR C 114 4.66 -71.11 5.06
C THR C 114 4.65 -70.89 6.57
N ARG C 115 3.60 -71.38 7.25
CA ARG C 115 3.50 -71.18 8.69
C ARG C 115 4.61 -71.93 9.41
N CYS C 116 5.13 -71.30 10.47
CA CYS C 116 6.19 -71.88 11.28
C CYS C 116 5.75 -71.92 12.73
N TYR C 117 6.08 -73.02 13.41
CA TYR C 117 5.65 -73.27 14.78
C TYR C 117 6.86 -73.33 15.71
N CYS C 118 6.61 -73.68 16.97
CA CYS C 118 7.65 -73.78 17.98
C CYS C 118 7.59 -75.14 18.65
N PHE C 119 8.76 -75.64 19.05
CA PHE C 119 8.81 -76.88 19.82
C PHE C 119 8.11 -76.71 21.16
N GLU C 120 8.32 -75.57 21.83
CA GLU C 120 7.69 -75.34 23.12
C GLU C 120 6.18 -75.29 23.01
N CYS C 121 5.67 -74.59 21.99
CA CYS C 121 4.22 -74.47 21.82
C CYS C 121 3.59 -75.84 21.58
N VAL C 122 4.18 -76.62 20.68
CA VAL C 122 3.64 -77.93 20.36
C VAL C 122 3.72 -78.86 21.57
N ASP C 123 4.86 -78.85 22.27
CA ASP C 123 5.00 -79.68 23.45
C ASP C 123 4.09 -79.26 24.59
N SER C 124 3.65 -78.00 24.61
CA SER C 124 2.81 -77.52 25.69
C SER C 124 1.32 -77.73 25.42
N LEU C 125 0.85 -77.43 24.21
CA LEU C 125 -0.58 -77.51 23.92
C LEU C 125 -0.97 -78.69 23.04
N VAL C 126 -0.16 -79.04 22.04
CA VAL C 126 -0.46 -80.23 21.24
C VAL C 126 -0.23 -81.49 22.06
N GLY C 127 0.89 -81.55 22.79
CA GLY C 127 1.25 -82.71 23.57
C GLY C 127 2.74 -82.95 23.57
N PRO C 128 3.29 -83.35 24.71
CA PRO C 128 4.73 -83.60 24.80
C PRO C 128 5.15 -84.73 23.89
N GLY C 129 6.35 -84.58 23.31
CA GLY C 129 6.94 -85.61 22.48
C GLY C 129 6.52 -85.61 21.02
N THR C 130 5.46 -84.87 20.67
CA THR C 130 5.01 -84.85 19.29
C THR C 130 5.86 -83.95 18.40
N SER C 131 6.62 -83.02 18.98
CA SER C 131 7.45 -82.12 18.19
C SER C 131 8.51 -82.91 17.42
N GLY C 132 9.17 -83.84 18.09
CA GLY C 132 10.16 -84.67 17.42
C GLY C 132 9.55 -85.55 16.34
N LYS C 133 8.37 -86.10 16.60
CA LYS C 133 7.70 -86.92 15.61
C LYS C 133 7.34 -86.11 14.36
N VAL C 134 6.85 -84.89 14.56
CA VAL C 134 6.53 -84.02 13.42
C VAL C 134 7.80 -83.65 12.66
N HIS C 135 8.87 -83.31 13.39
CA HIS C 135 10.10 -82.88 12.74
C HIS C 135 10.74 -84.02 11.94
N ALA C 136 10.69 -85.24 12.47
CA ALA C 136 11.39 -86.35 11.84
C ALA C 136 10.77 -86.70 10.49
N MET C 137 9.46 -86.88 10.43
CA MET C 137 8.80 -87.26 9.20
C MET C 137 8.58 -86.01 8.34
N SER C 138 8.81 -86.14 7.04
CA SER C 138 9.23 -85.00 6.23
C SER C 138 8.08 -84.06 5.86
N ASN C 139 7.13 -84.54 5.06
CA ASN C 139 6.03 -83.68 4.64
C ASN C 139 5.09 -83.39 5.80
N TRP C 140 4.48 -82.22 5.79
CA TRP C 140 3.68 -81.84 6.95
C TRP C 140 2.63 -80.83 6.53
N VAL C 141 1.43 -80.97 7.09
CA VAL C 141 0.33 -80.04 6.88
C VAL C 141 0.07 -79.33 8.20
N CYS C 142 0.19 -78.02 8.20
CA CYS C 142 0.04 -77.24 9.42
C CYS C 142 -1.42 -77.28 9.90
N TYR C 143 -1.59 -77.00 11.20
CA TYR C 143 -2.94 -76.99 11.77
C TYR C 143 -3.81 -75.92 11.13
N LEU C 144 -3.23 -74.78 10.75
CA LEU C 144 -3.97 -73.76 10.04
C LEU C 144 -4.38 -74.21 8.65
N CYS C 145 -3.70 -75.21 8.09
CA CYS C 145 -3.99 -75.70 6.75
C CYS C 145 -5.00 -76.84 6.75
N LEU C 146 -4.70 -77.91 7.48
CA LEU C 146 -5.58 -79.06 7.51
C LEU C 146 -6.87 -78.70 8.24
N PRO C 147 -8.03 -79.11 7.72
CA PRO C 147 -9.31 -78.57 8.24
C PRO C 147 -9.75 -79.13 9.59
N SER C 148 -8.89 -79.85 10.29
CA SER C 148 -9.25 -80.37 11.60
C SER C 148 -9.27 -79.22 12.61
N SER C 149 -10.43 -79.01 13.23
CA SER C 149 -10.58 -77.91 14.18
C SER C 149 -10.10 -78.29 15.58
N ARG C 150 -9.84 -79.57 15.85
CA ARG C 150 -9.41 -80.00 17.17
C ARG C 150 -8.15 -80.84 17.04
N SER C 151 -7.18 -80.59 17.93
CA SER C 151 -5.99 -81.44 18.03
C SER C 151 -5.43 -81.24 19.44
N GLY C 152 -5.74 -82.17 20.33
CA GLY C 152 -5.38 -81.98 21.73
C GLY C 152 -6.04 -80.73 22.28
N LEU C 153 -5.24 -79.87 22.92
CA LEU C 153 -5.75 -78.60 23.42
C LEU C 153 -5.92 -77.57 22.31
N LEU C 154 -5.26 -77.76 21.18
CA LEU C 154 -5.33 -76.80 20.08
C LEU C 154 -6.74 -76.77 19.50
N GLN C 155 -7.19 -75.56 19.14
CA GLN C 155 -8.50 -75.38 18.55
C GLN C 155 -8.44 -74.18 17.60
N ARG C 156 -9.04 -74.34 16.43
CA ARG C 156 -9.04 -73.31 15.40
C ARG C 156 -10.39 -72.60 15.37
N ARG C 157 -10.35 -71.27 15.45
CA ARG C 157 -11.58 -70.49 15.45
C ARG C 157 -12.27 -70.58 14.10
N ARG C 158 -13.59 -70.74 14.12
CA ARG C 158 -14.37 -70.75 12.90
C ARG C 158 -14.47 -69.34 12.34
N LYS C 159 -14.24 -69.21 11.02
CA LYS C 159 -14.21 -67.91 10.35
C LYS C 159 -13.21 -66.97 11.03
N TRP C 160 -12.07 -67.52 11.43
CA TRP C 160 -11.04 -66.74 12.10
C TRP C 160 -10.40 -65.71 11.18
N ARG C 161 -10.57 -65.85 9.87
CA ARG C 161 -9.82 -65.01 8.94
C ARG C 161 -10.23 -63.55 9.07
N SER C 162 -11.53 -63.28 9.21
CA SER C 162 -11.99 -61.93 9.52
C SER C 162 -11.74 -61.57 10.98
N GLN C 163 -11.60 -62.57 11.85
CA GLN C 163 -11.25 -62.27 13.24
C GLN C 163 -9.85 -61.69 13.34
N LEU C 164 -8.94 -62.09 12.46
CA LEU C 164 -7.64 -61.42 12.40
C LEU C 164 -7.77 -59.96 12.03
N LYS C 165 -8.67 -59.65 11.08
CA LYS C 165 -8.94 -58.26 10.73
C LYS C 165 -9.48 -57.50 11.94
N ALA C 166 -10.42 -58.10 12.66
CA ALA C 166 -10.96 -57.46 13.86
C ALA C 166 -9.86 -57.23 14.89
N PHE C 167 -9.01 -58.23 15.11
CA PHE C 167 -7.92 -58.10 16.08
C PHE C 167 -6.98 -56.97 15.69
N TYR C 168 -6.61 -56.89 14.41
CA TYR C 168 -5.74 -55.81 13.97
C TYR C 168 -6.42 -54.45 14.11
N ASP C 169 -7.74 -54.40 13.91
CA ASP C 169 -8.44 -53.12 13.98
C ASP C 169 -8.54 -52.60 15.41
N ARG C 170 -8.93 -53.47 16.35
CA ARG C 170 -9.22 -53.00 17.71
C ARG C 170 -8.08 -53.26 18.69
N GLU C 171 -6.94 -53.74 18.23
CA GLU C 171 -5.79 -53.99 19.10
C GLU C 171 -4.52 -53.42 18.50
N SER C 172 -4.59 -52.19 18.02
CA SER C 172 -3.41 -51.51 17.48
C SER C 172 -3.52 -50.03 17.76
N GLU C 173 -2.41 -49.43 18.18
CA GLU C 173 -2.40 -47.99 18.42
C GLU C 173 -2.50 -47.21 17.11
N ASN C 174 -1.89 -47.72 16.04
CA ASN C 174 -1.96 -47.11 14.72
C ASN C 174 -2.27 -48.18 13.68
N PRO C 175 -3.52 -48.67 13.65
CA PRO C 175 -3.91 -49.63 12.59
C PRO C 175 -4.24 -48.91 11.29
N LEU C 176 -3.20 -48.63 10.51
CA LEU C 176 -3.36 -47.80 9.31
C LEU C 176 -4.30 -48.43 8.30
N GLU C 177 -3.88 -49.54 7.69
CA GLU C 177 -4.70 -50.19 6.67
C GLU C 177 -4.15 -51.57 6.33
N MET C 178 -5.02 -52.59 6.34
CA MET C 178 -4.60 -53.97 6.12
C MET C 178 -5.83 -54.77 5.72
N PHE C 179 -5.69 -55.63 4.72
CA PHE C 179 -6.82 -56.30 4.08
C PHE C 179 -6.96 -57.75 4.53
N GLU C 180 -8.20 -58.22 4.52
CA GLU C 180 -8.51 -59.59 4.92
C GLU C 180 -7.94 -60.57 3.89
N THR C 181 -7.10 -61.50 4.36
CA THR C 181 -6.43 -62.42 3.48
C THR C 181 -7.41 -63.48 2.95
N VAL C 182 -7.07 -64.03 1.78
CA VAL C 182 -7.91 -65.02 1.12
C VAL C 182 -7.28 -66.40 1.26
N PRO C 183 -8.07 -67.47 1.31
CA PRO C 183 -7.50 -68.82 1.46
C PRO C 183 -6.79 -69.26 0.19
N VAL C 184 -6.04 -70.35 0.32
CA VAL C 184 -5.19 -70.82 -0.77
C VAL C 184 -6.02 -71.17 -2.00
N TRP C 185 -7.22 -71.74 -1.80
CA TRP C 185 -8.06 -72.12 -2.91
C TRP C 185 -8.80 -70.94 -3.54
N ARG C 186 -8.76 -69.76 -2.91
CA ARG C 186 -9.44 -68.58 -3.41
C ARG C 186 -8.45 -67.50 -3.84
N ARG C 187 -7.27 -67.90 -4.29
CA ARG C 187 -6.20 -66.97 -4.66
C ARG C 187 -6.12 -66.89 -6.18
N GLN C 188 -6.51 -65.74 -6.72
CA GLN C 188 -6.30 -65.49 -8.13
C GLN C 188 -4.86 -65.06 -8.37
N PRO C 189 -4.32 -65.28 -9.57
CA PRO C 189 -2.98 -64.78 -9.89
C PRO C 189 -2.93 -63.26 -9.76
N VAL C 190 -1.81 -62.76 -9.26
CA VAL C 190 -1.69 -61.33 -8.97
C VAL C 190 -1.51 -60.56 -10.27
N ARG C 191 -2.20 -59.42 -10.37
CA ARG C 191 -2.09 -58.51 -11.51
C ARG C 191 -1.36 -57.27 -11.03
N VAL C 192 -0.19 -57.02 -11.59
CA VAL C 192 0.73 -56.01 -11.09
C VAL C 192 1.00 -54.98 -12.19
N LEU C 193 0.88 -53.70 -11.85
CA LEU C 193 1.31 -52.61 -12.69
C LEU C 193 2.74 -52.22 -12.33
N SER C 194 3.47 -51.70 -13.31
CA SER C 194 4.83 -51.24 -13.12
C SER C 194 4.97 -49.83 -13.66
N LEU C 195 5.74 -49.00 -12.96
CA LEU C 195 5.99 -47.63 -13.37
C LEU C 195 7.48 -47.34 -13.31
N PHE C 196 8.07 -46.99 -14.46
CA PHE C 196 9.44 -46.52 -14.60
C PHE C 196 10.48 -47.60 -14.31
N GLU C 197 10.05 -48.77 -13.83
CA GLU C 197 10.96 -49.87 -13.52
C GLU C 197 10.24 -51.19 -13.70
N ASP C 198 11.03 -52.23 -13.96
CA ASP C 198 10.50 -53.57 -14.18
C ASP C 198 10.51 -54.35 -12.88
N ILE C 199 9.34 -54.91 -12.53
CA ILE C 199 9.19 -55.73 -11.33
C ILE C 199 9.06 -57.21 -11.66
N LYS C 200 8.93 -57.56 -12.94
CA LYS C 200 8.64 -58.95 -13.30
C LYS C 200 9.76 -59.90 -12.87
N LYS C 201 11.01 -59.46 -12.93
CA LYS C 201 12.10 -60.31 -12.46
C LYS C 201 11.98 -60.59 -10.97
N GLU C 202 11.63 -59.57 -10.18
CA GLU C 202 11.46 -59.75 -8.75
C GLU C 202 10.31 -60.71 -8.46
N LEU C 203 9.19 -60.56 -9.18
CA LEU C 203 8.05 -61.43 -8.94
C LEU C 203 8.34 -62.87 -9.35
N THR C 204 9.05 -63.06 -10.47
CA THR C 204 9.41 -64.41 -10.88
C THR C 204 10.40 -65.04 -9.90
N SER C 205 11.30 -64.24 -9.32
CA SER C 205 12.19 -64.77 -8.30
C SER C 205 11.43 -65.18 -7.04
N LEU C 206 10.29 -64.54 -6.78
CA LEU C 206 9.40 -64.93 -5.69
C LEU C 206 8.33 -65.92 -6.13
N GLY C 207 8.32 -66.33 -7.40
CA GLY C 207 7.36 -67.31 -7.86
C GLY C 207 5.93 -66.81 -7.91
N PHE C 208 5.72 -65.49 -7.99
CA PHE C 208 4.36 -64.97 -8.09
C PHE C 208 3.77 -65.18 -9.48
N LEU C 209 4.59 -65.15 -10.52
CA LEU C 209 4.12 -65.24 -11.89
C LEU C 209 4.87 -66.35 -12.63
N GLU C 210 4.20 -66.89 -13.65
CA GLU C 210 4.80 -67.96 -14.45
C GLU C 210 5.80 -67.39 -15.45
N SER C 211 6.96 -68.05 -15.55
CA SER C 211 7.97 -67.63 -16.50
C SER C 211 7.50 -67.89 -17.92
N GLY C 212 7.67 -66.90 -18.79
CA GLY C 212 7.23 -67.02 -20.17
C GLY C 212 5.75 -66.85 -20.38
N SER C 213 5.00 -66.44 -19.35
CA SER C 213 3.57 -66.27 -19.46
C SER C 213 3.24 -64.98 -20.24
N ASP C 214 1.97 -64.84 -20.61
CA ASP C 214 1.53 -63.66 -21.32
C ASP C 214 1.62 -62.43 -20.42
N PRO C 215 1.82 -61.24 -20.99
CA PRO C 215 1.92 -60.02 -20.18
C PRO C 215 0.60 -59.50 -19.64
N GLY C 216 -0.47 -60.28 -19.69
CA GLY C 216 -1.75 -59.80 -19.20
C GLY C 216 -1.74 -59.49 -17.71
N GLN C 217 -1.06 -60.32 -16.92
CA GLN C 217 -1.01 -60.14 -15.48
C GLN C 217 0.08 -59.18 -15.03
N LEU C 218 0.88 -58.66 -15.95
CA LEU C 218 1.91 -57.67 -15.60
C LEU C 218 2.22 -56.86 -16.84
N LYS C 219 1.86 -55.58 -16.84
CA LYS C 219 2.18 -54.66 -17.91
C LYS C 219 3.08 -53.56 -17.38
N HIS C 220 4.18 -53.30 -18.08
CA HIS C 220 5.17 -52.32 -17.68
C HIS C 220 4.99 -51.04 -18.50
N VAL C 221 5.11 -49.90 -17.82
CA VAL C 221 4.91 -48.60 -18.45
C VAL C 221 6.22 -47.84 -18.35
N VAL C 222 6.96 -47.78 -19.47
CA VAL C 222 8.20 -47.01 -19.49
C VAL C 222 7.91 -45.52 -19.38
N ASP C 223 6.98 -45.03 -20.21
CA ASP C 223 6.55 -43.64 -20.20
C ASP C 223 5.06 -43.61 -19.91
N VAL C 224 4.67 -42.86 -18.88
CA VAL C 224 3.31 -42.93 -18.34
C VAL C 224 2.55 -41.62 -18.54
N THR C 225 3.20 -40.57 -19.02
CA THR C 225 2.56 -39.26 -19.12
C THR C 225 1.39 -39.23 -20.08
N ASP C 226 1.23 -40.24 -20.93
CA ASP C 226 0.18 -40.25 -21.94
C ASP C 226 -1.06 -41.04 -21.51
N THR C 227 -1.00 -41.76 -20.40
CA THR C 227 -2.10 -42.63 -20.03
C THR C 227 -3.26 -41.83 -19.43
N VAL C 228 -4.46 -42.41 -19.53
CA VAL C 228 -5.69 -41.83 -19.01
C VAL C 228 -6.43 -42.92 -18.24
N ARG C 229 -7.32 -42.51 -17.34
CA ARG C 229 -8.05 -43.46 -16.50
C ARG C 229 -8.73 -44.54 -17.31
N LYS C 230 -9.30 -44.18 -18.46
CA LYS C 230 -10.00 -45.16 -19.29
C LYS C 230 -9.05 -46.28 -19.74
N ASP C 231 -7.85 -45.90 -20.20
CA ASP C 231 -6.92 -46.91 -20.70
C ASP C 231 -6.38 -47.76 -19.56
N VAL C 232 -6.14 -47.15 -18.39
CA VAL C 232 -5.73 -47.90 -17.21
C VAL C 232 -6.81 -48.91 -16.83
N GLU C 233 -8.07 -48.50 -16.92
CA GLU C 233 -9.17 -49.43 -16.67
C GLU C 233 -9.18 -50.55 -17.70
N GLU C 234 -8.86 -50.23 -18.96
CA GLU C 234 -9.02 -51.22 -20.01
C GLU C 234 -7.81 -52.12 -20.19
N TRP C 235 -6.70 -51.92 -19.46
CA TRP C 235 -5.84 -53.10 -19.26
C TRP C 235 -6.57 -54.13 -18.41
N GLY C 236 -7.27 -53.69 -17.37
CA GLY C 236 -7.94 -54.59 -16.46
C GLY C 236 -7.67 -54.22 -15.02
N PRO C 237 -8.45 -54.76 -14.10
CA PRO C 237 -8.23 -54.46 -12.68
C PRO C 237 -6.87 -54.93 -12.22
N PHE C 238 -6.22 -54.10 -11.40
CA PHE C 238 -4.88 -54.37 -10.89
C PHE C 238 -4.92 -54.45 -9.37
N ASP C 239 -4.27 -55.48 -8.82
CA ASP C 239 -4.18 -55.67 -7.38
C ASP C 239 -2.88 -55.15 -6.80
N LEU C 240 -2.01 -54.54 -7.62
CA LEU C 240 -0.74 -54.04 -7.14
C LEU C 240 -0.25 -52.97 -8.11
N VAL C 241 0.27 -51.87 -7.56
CA VAL C 241 0.85 -50.79 -8.35
C VAL C 241 2.24 -50.52 -7.78
N TYR C 242 3.27 -50.99 -8.46
CA TYR C 242 4.66 -50.84 -8.03
C TYR C 242 5.33 -49.80 -8.91
N GLY C 243 5.67 -48.66 -8.34
CA GLY C 243 6.36 -47.62 -9.07
C GLY C 243 7.68 -47.24 -8.41
N ALA C 244 8.77 -47.32 -9.16
CA ALA C 244 10.10 -47.11 -8.61
C ALA C 244 10.82 -46.02 -9.38
N THR C 245 11.40 -45.07 -8.65
CA THR C 245 12.25 -44.07 -9.27
C THR C 245 13.52 -44.72 -9.80
N PRO C 246 14.02 -44.31 -10.97
CA PRO C 246 15.24 -44.91 -11.48
C PRO C 246 16.41 -44.67 -10.55
N PRO C 247 17.39 -45.57 -10.56
CA PRO C 247 18.48 -45.48 -9.57
C PRO C 247 19.31 -44.21 -9.74
N LEU C 248 20.08 -43.90 -8.71
CA LEU C 248 20.93 -42.72 -8.73
C LEU C 248 21.98 -42.85 -9.82
N GLY C 249 22.22 -41.75 -10.53
CA GLY C 249 23.15 -41.74 -11.64
C GLY C 249 22.68 -40.83 -12.76
N HIS C 250 22.55 -41.37 -13.97
CA HIS C 250 22.05 -40.61 -15.11
C HIS C 250 20.52 -40.58 -15.01
N THR C 251 20.03 -39.65 -14.20
CA THR C 251 18.59 -39.47 -14.05
C THR C 251 18.04 -38.74 -15.27
N CYS C 252 16.85 -39.15 -15.72
CA CYS C 252 16.23 -38.52 -16.87
C CYS C 252 15.96 -37.04 -16.58
N ASP C 253 15.77 -36.28 -17.66
CA ASP C 253 15.57 -34.84 -17.54
C ASP C 253 14.31 -34.50 -16.77
N ARG C 254 13.37 -35.43 -16.66
CA ARG C 254 12.17 -35.19 -15.88
C ARG C 254 12.52 -35.05 -14.40
N PRO C 255 11.95 -34.09 -13.69
CA PRO C 255 12.26 -33.93 -12.27
C PRO C 255 11.84 -35.16 -11.49
N PRO C 256 12.57 -35.48 -10.41
CA PRO C 256 12.21 -36.68 -9.64
C PRO C 256 10.83 -36.60 -8.99
N SER C 257 10.33 -35.40 -8.69
CA SER C 257 8.99 -35.30 -8.10
C SER C 257 7.91 -35.77 -9.07
N TRP C 258 8.13 -35.58 -10.38
CA TRP C 258 7.22 -36.12 -11.38
C TRP C 258 7.07 -37.62 -11.23
N TYR C 259 8.17 -38.31 -10.91
CA TYR C 259 8.16 -39.76 -10.79
C TYR C 259 7.24 -40.24 -9.68
N LEU C 260 6.92 -39.38 -8.73
CA LEU C 260 6.01 -39.71 -7.63
C LEU C 260 4.61 -39.17 -7.85
N PHE C 261 4.48 -37.98 -8.42
CA PHE C 261 3.15 -37.44 -8.71
C PHE C 261 2.44 -38.30 -9.75
N GLN C 262 3.15 -38.75 -10.78
CA GLN C 262 2.55 -39.64 -11.77
C GLN C 262 2.14 -40.96 -11.14
N PHE C 263 2.98 -41.50 -10.24
CA PHE C 263 2.60 -42.74 -9.58
C PHE C 263 1.36 -42.56 -8.72
N HIS C 264 1.26 -41.42 -8.03
CA HIS C 264 0.06 -41.16 -7.23
C HIS C 264 -1.18 -41.08 -8.11
N ARG C 265 -1.07 -40.38 -9.25
CA ARG C 265 -2.23 -40.26 -10.14
C ARG C 265 -2.63 -41.61 -10.72
N LEU C 266 -1.64 -42.42 -11.12
CA LEU C 266 -1.94 -43.74 -11.66
C LEU C 266 -2.53 -44.66 -10.60
N LEU C 267 -2.02 -44.59 -9.38
CA LEU C 267 -2.60 -45.35 -8.28
C LEU C 267 -4.04 -44.93 -8.04
N GLN C 268 -4.32 -43.63 -8.15
CA GLN C 268 -5.68 -43.14 -7.96
C GLN C 268 -6.59 -43.68 -9.05
N TYR C 269 -6.11 -43.73 -10.29
CA TYR C 269 -6.89 -44.36 -11.37
C TYR C 269 -7.13 -45.83 -11.08
N ALA C 270 -6.11 -46.54 -10.61
CA ALA C 270 -6.19 -47.99 -10.44
C ALA C 270 -6.86 -48.40 -9.14
N ARG C 271 -7.34 -47.47 -8.34
CA ARG C 271 -8.01 -47.82 -7.11
C ARG C 271 -9.25 -48.65 -7.41
N PRO C 272 -9.53 -49.69 -6.63
CA PRO C 272 -10.74 -50.49 -6.87
C PRO C 272 -12.00 -49.66 -6.64
N LYS C 273 -13.06 -50.02 -7.34
CA LYS C 273 -14.32 -49.30 -7.23
C LYS C 273 -14.86 -49.44 -5.81
N PRO C 274 -15.25 -48.35 -5.17
CA PRO C 274 -15.80 -48.44 -3.81
C PRO C 274 -17.05 -49.30 -3.77
N GLY C 275 -17.20 -50.04 -2.66
CA GLY C 275 -18.27 -50.99 -2.47
C GLY C 275 -17.81 -52.43 -2.43
N SER C 276 -16.72 -52.74 -3.13
CA SER C 276 -16.12 -54.07 -3.12
C SER C 276 -14.64 -53.91 -2.82
N PRO C 277 -14.27 -53.83 -1.54
CA PRO C 277 -12.86 -53.60 -1.19
C PRO C 277 -11.98 -54.82 -1.40
N ARG C 278 -11.54 -55.03 -2.64
CA ARG C 278 -10.62 -56.11 -2.94
C ARG C 278 -9.22 -55.78 -2.41
N PRO C 279 -8.41 -56.80 -2.17
CA PRO C 279 -7.02 -56.54 -1.71
C PRO C 279 -6.26 -55.70 -2.71
N PHE C 280 -5.87 -54.50 -2.28
CA PHE C 280 -5.19 -53.53 -3.14
C PHE C 280 -3.97 -52.98 -2.41
N PHE C 281 -2.81 -53.08 -3.06
CA PHE C 281 -1.55 -52.71 -2.43
C PHE C 281 -0.70 -51.92 -3.41
N TRP C 282 0.22 -51.14 -2.86
CA TRP C 282 1.15 -50.36 -3.66
C TRP C 282 2.44 -50.18 -2.88
N MET C 283 3.52 -49.90 -3.61
CA MET C 283 4.85 -49.79 -2.99
C MET C 283 5.68 -48.86 -3.88
N PHE C 284 5.81 -47.60 -3.46
CA PHE C 284 6.64 -46.63 -4.16
C PHE C 284 8.00 -46.59 -3.48
N VAL C 285 9.05 -46.93 -4.23
CA VAL C 285 10.40 -47.03 -3.69
C VAL C 285 11.30 -46.06 -4.43
N ASP C 286 12.15 -45.37 -3.68
CA ASP C 286 13.09 -44.40 -4.21
C ASP C 286 14.51 -44.81 -3.85
N ASN C 287 15.45 -44.52 -4.75
CA ASN C 287 16.86 -44.87 -4.56
C ASN C 287 17.67 -43.63 -4.17
N LEU C 288 17.13 -42.82 -3.28
CA LEU C 288 17.85 -41.68 -2.67
C LEU C 288 18.13 -40.57 -3.68
N VAL C 289 17.13 -40.24 -4.49
CA VAL C 289 17.25 -39.13 -5.42
C VAL C 289 16.13 -38.12 -5.16
N LEU C 290 15.65 -38.08 -3.92
CA LEU C 290 14.62 -37.14 -3.51
C LEU C 290 15.14 -36.29 -2.38
N ASN C 291 14.94 -34.98 -2.46
CA ASN C 291 15.37 -34.08 -1.41
C ASN C 291 14.39 -34.09 -0.25
N LYS C 292 14.78 -33.44 0.85
CA LYS C 292 14.00 -33.51 2.08
C LYS C 292 12.59 -32.94 1.88
N GLU C 293 12.47 -31.83 1.16
CA GLU C 293 11.16 -31.26 0.91
C GLU C 293 10.29 -32.23 0.11
N ASP C 294 10.90 -32.98 -0.80
CA ASP C 294 10.12 -33.95 -1.58
C ASP C 294 9.76 -35.16 -0.72
N LEU C 295 10.61 -35.54 0.24
CA LEU C 295 10.21 -36.53 1.22
C LEU C 295 8.99 -36.07 2.01
N ASP C 296 8.98 -34.80 2.43
CA ASP C 296 7.81 -34.28 3.14
C ASP C 296 6.58 -34.30 2.24
N VAL C 297 6.73 -33.90 0.97
CA VAL C 297 5.60 -33.91 0.05
C VAL C 297 5.07 -35.33 -0.14
N ALA C 298 5.97 -36.30 -0.24
CA ALA C 298 5.55 -37.70 -0.33
C ALA C 298 4.79 -38.12 0.92
N SER C 299 5.26 -37.69 2.09
CA SER C 299 4.58 -38.01 3.34
C SER C 299 3.16 -37.46 3.36
N ARG C 300 2.98 -36.22 2.88
CA ARG C 300 1.63 -35.68 2.81
C ARG C 300 0.78 -36.42 1.78
N PHE C 301 1.36 -36.74 0.63
CA PHE C 301 0.57 -37.31 -0.47
C PHE C 301 0.11 -38.74 -0.16
N LEU C 302 1.03 -39.58 0.32
CA LEU C 302 0.72 -40.98 0.55
C LEU C 302 0.34 -41.28 1.98
N GLU C 303 0.34 -40.29 2.87
CA GLU C 303 0.04 -40.46 4.29
C GLU C 303 0.84 -41.62 4.87
N MET C 304 2.13 -41.64 4.58
CA MET C 304 2.97 -42.77 4.98
C MET C 304 4.39 -42.25 5.19
N GLU C 305 4.93 -42.48 6.37
CA GLU C 305 6.30 -42.08 6.66
C GLU C 305 7.27 -43.00 5.94
N PRO C 306 8.26 -42.47 5.20
CA PRO C 306 9.14 -43.34 4.41
C PRO C 306 9.93 -44.29 5.29
N VAL C 307 9.74 -45.58 5.05
CA VAL C 307 10.43 -46.63 5.78
C VAL C 307 11.78 -46.87 5.08
N THR C 308 12.85 -46.39 5.70
CA THR C 308 14.17 -46.55 5.11
C THR C 308 14.60 -48.02 5.17
N ILE C 309 15.10 -48.53 4.05
CA ILE C 309 15.54 -49.91 3.96
C ILE C 309 17.05 -49.90 3.72
N PRO C 310 17.86 -50.15 4.75
CA PRO C 310 19.32 -50.16 4.57
C PRO C 310 19.85 -51.51 4.10
N ASP C 311 21.04 -51.46 3.51
CA ASP C 311 21.75 -52.66 3.09
C ASP C 311 23.22 -52.49 3.46
N VAL C 312 23.69 -53.27 4.43
CA VAL C 312 25.04 -53.15 4.96
C VAL C 312 25.76 -54.48 4.77
N HIS C 313 26.97 -54.41 4.24
CA HIS C 313 27.88 -55.55 4.14
C HIS C 313 29.17 -55.22 4.85
N GLY C 314 29.59 -56.09 5.76
CA GLY C 314 30.82 -55.87 6.51
C GLY C 314 30.83 -54.58 7.31
N GLY C 315 29.65 -54.13 7.75
CA GLY C 315 29.54 -52.87 8.46
C GLY C 315 29.51 -51.65 7.58
N SER C 316 29.56 -51.80 6.27
CA SER C 316 29.55 -50.68 5.34
C SER C 316 28.19 -50.62 4.64
N LEU C 317 27.56 -49.45 4.68
CA LEU C 317 26.26 -49.25 4.06
C LEU C 317 26.46 -49.11 2.55
N GLN C 318 26.20 -50.20 1.82
CA GLN C 318 26.42 -50.17 0.37
C GLN C 318 25.36 -49.34 -0.34
N ASN C 319 24.09 -49.54 0.02
CA ASN C 319 22.99 -48.84 -0.62
C ASN C 319 21.78 -48.86 0.29
N ALA C 320 20.81 -48.00 -0.01
CA ALA C 320 19.57 -47.94 0.74
C ALA C 320 18.47 -47.37 -0.15
N VAL C 321 17.23 -47.72 0.19
CA VAL C 321 16.06 -47.23 -0.52
C VAL C 321 15.02 -46.76 0.48
N ARG C 322 14.14 -45.87 0.02
CA ARG C 322 13.06 -45.34 0.83
C ARG C 322 11.74 -45.88 0.29
N VAL C 323 10.95 -46.50 1.16
CA VAL C 323 9.77 -47.27 0.76
C VAL C 323 8.53 -46.65 1.40
N TRP C 324 7.58 -46.24 0.57
CA TRP C 324 6.22 -45.94 1.00
C TRP C 324 5.34 -47.09 0.51
N SER C 325 4.91 -47.94 1.43
CA SER C 325 4.21 -49.16 1.05
C SER C 325 2.91 -49.29 1.82
N ASN C 326 1.98 -50.04 1.22
CA ASN C 326 0.70 -50.35 1.84
C ASN C 326 0.63 -51.78 2.35
N ILE C 327 1.51 -52.66 1.87
CA ILE C 327 1.49 -54.06 2.27
C ILE C 327 1.77 -54.16 3.75
N PRO C 328 1.19 -55.13 4.46
CA PRO C 328 1.42 -55.23 5.90
C PRO C 328 2.86 -55.59 6.23
N ALA C 329 3.23 -55.30 7.47
CA ALA C 329 4.58 -55.57 7.99
C ALA C 329 5.64 -54.84 7.16
N ILE C 330 5.49 -53.51 7.10
CA ILE C 330 6.46 -52.67 6.44
C ILE C 330 7.31 -51.86 7.42
N ARG C 331 6.77 -51.53 8.60
CA ARG C 331 7.54 -50.82 9.61
C ARG C 331 8.35 -51.76 10.50
N SER C 332 8.17 -53.07 10.38
CA SER C 332 8.90 -54.01 11.22
C SER C 332 10.40 -53.98 10.91
N ARG C 333 10.76 -53.87 9.63
CA ARG C 333 12.15 -53.88 9.20
C ARG C 333 12.77 -52.49 9.31
N HIS C 334 11.96 -51.47 9.62
CA HIS C 334 12.46 -50.11 9.76
C HIS C 334 13.61 -50.05 10.76
N TRP C 335 14.68 -49.37 10.37
CA TRP C 335 15.92 -49.33 11.15
C TRP C 335 16.10 -47.94 11.72
N ALA C 336 16.24 -47.86 13.05
CA ALA C 336 16.37 -46.57 13.72
C ALA C 336 17.77 -45.98 13.58
N LEU C 337 18.80 -46.81 13.52
CA LEU C 337 20.17 -46.31 13.48
C LEU C 337 20.48 -45.57 12.19
N VAL C 338 19.66 -45.72 11.16
CA VAL C 338 19.89 -45.02 9.90
C VAL C 338 19.70 -43.53 10.10
N SER C 339 20.62 -42.73 9.56
CA SER C 339 20.61 -41.29 9.73
C SER C 339 20.65 -40.60 8.38
N GLU C 340 20.21 -39.34 8.34
CA GLU C 340 20.08 -38.64 7.07
C GLU C 340 21.43 -38.20 6.53
N GLU C 341 22.34 -37.76 7.40
CA GLU C 341 23.62 -37.25 6.94
C GLU C 341 24.45 -38.34 6.27
N GLU C 342 24.47 -39.54 6.83
CA GLU C 342 25.20 -40.63 6.19
C GLU C 342 24.59 -41.00 4.85
N LEU C 343 23.25 -40.92 4.74
CA LEU C 343 22.61 -41.22 3.47
C LEU C 343 22.92 -40.17 2.42
N SER C 344 22.96 -38.89 2.82
CA SER C 344 23.35 -37.84 1.88
C SER C 344 24.81 -38.01 1.45
N LEU C 345 25.68 -38.41 2.38
CA LEU C 345 27.06 -38.69 2.02
C LEU C 345 27.15 -39.84 1.04
N LEU C 346 26.35 -40.89 1.25
CA LEU C 346 26.31 -42.01 0.31
C LEU C 346 25.83 -41.56 -1.06
N ALA C 347 24.80 -40.71 -1.10
CA ALA C 347 24.29 -40.22 -2.37
C ALA C 347 25.35 -39.39 -3.10
N GLN C 348 26.05 -38.53 -2.37
CA GLN C 348 27.12 -37.73 -2.98
C GLN C 348 28.24 -38.63 -3.50
N ASN C 349 28.60 -39.66 -2.74
CA ASN C 349 29.64 -40.58 -3.18
C ASN C 349 29.22 -41.31 -4.46
N LYS C 350 27.97 -41.78 -4.50
CA LYS C 350 27.48 -42.47 -5.69
C LYS C 350 27.43 -41.53 -6.90
N GLN C 351 27.01 -40.28 -6.68
CA GLN C 351 27.00 -39.31 -7.78
C GLN C 351 28.40 -39.04 -8.30
N SER C 352 29.37 -38.92 -7.38
CA SER C 352 30.75 -38.70 -7.81
C SER C 352 31.30 -39.90 -8.57
N SER C 353 30.98 -41.10 -8.13
CA SER C 353 31.46 -42.30 -8.79
C SER C 353 30.79 -42.50 -10.14
N LYS C 354 31.48 -43.20 -11.03
CA LYS C 354 30.99 -43.48 -12.38
C LYS C 354 30.38 -44.87 -12.49
N LEU C 355 29.80 -45.37 -11.41
CA LEU C 355 29.17 -46.69 -11.42
C LEU C 355 27.94 -46.70 -12.33
N ALA C 356 27.70 -47.84 -12.95
CA ALA C 356 26.58 -47.98 -13.86
C ALA C 356 25.26 -47.99 -13.08
N ALA C 357 24.18 -47.66 -13.79
CA ALA C 357 22.85 -47.61 -13.19
C ALA C 357 22.36 -49.03 -12.94
N LYS C 358 22.46 -49.48 -11.69
CA LYS C 358 22.05 -50.81 -11.29
C LYS C 358 21.01 -50.69 -10.19
N TRP C 359 19.88 -51.37 -10.36
CA TRP C 359 18.82 -51.32 -9.35
C TRP C 359 19.17 -52.19 -8.16
N PRO C 360 18.83 -51.76 -6.94
CA PRO C 360 19.01 -52.63 -5.77
C PRO C 360 17.97 -53.73 -5.71
N THR C 361 18.22 -54.82 -6.44
CA THR C 361 17.24 -55.91 -6.51
C THR C 361 17.04 -56.57 -5.15
N LYS C 362 18.11 -56.80 -4.40
CA LYS C 362 17.99 -57.49 -3.11
C LYS C 362 17.12 -56.72 -2.14
N LEU C 363 17.25 -55.39 -2.12
CA LEU C 363 16.57 -54.58 -1.12
C LEU C 363 15.06 -54.71 -1.22
N VAL C 364 14.53 -54.66 -2.44
CA VAL C 364 13.08 -54.72 -2.64
C VAL C 364 12.58 -56.16 -2.81
N LYS C 365 13.46 -57.09 -3.20
CA LYS C 365 13.04 -58.46 -3.44
C LYS C 365 12.45 -59.11 -2.20
N ASN C 366 13.07 -58.87 -1.04
CA ASN C 366 12.64 -59.54 0.19
C ASN C 366 11.30 -59.01 0.69
N CYS C 367 10.97 -57.74 0.40
CA CYS C 367 9.84 -57.09 1.06
C CYS C 367 8.49 -57.60 0.58
N PHE C 368 8.42 -58.18 -0.62
CA PHE C 368 7.15 -58.64 -1.16
C PHE C 368 6.69 -59.98 -0.60
N LEU C 369 7.43 -60.54 0.36
CA LEU C 369 7.08 -61.85 0.90
C LEU C 369 5.69 -61.94 1.52
N PRO C 370 5.21 -60.95 2.30
CA PRO C 370 3.86 -61.10 2.89
C PRO C 370 2.75 -61.26 1.87
N LEU C 371 2.97 -60.86 0.61
CA LEU C 371 1.97 -61.08 -0.42
C LEU C 371 1.79 -62.54 -0.79
N ARG C 372 2.68 -63.43 -0.30
CA ARG C 372 2.48 -64.86 -0.52
C ARG C 372 1.16 -65.32 0.08
N GLU C 373 0.82 -64.82 1.27
CA GLU C 373 -0.43 -65.15 1.92
C GLU C 373 -1.63 -64.62 1.14
N TYR C 374 -1.42 -63.65 0.26
CA TYR C 374 -2.52 -62.95 -0.40
C TYR C 374 -2.76 -63.42 -1.84
N PHE C 375 -1.73 -63.88 -2.54
CA PHE C 375 -1.86 -64.24 -3.94
C PHE C 375 -1.32 -65.65 -4.17
N LYS C 376 -1.83 -66.30 -5.21
CA LYS C 376 -1.52 -67.69 -5.46
C LYS C 376 -0.04 -67.86 -5.79
N TYR C 377 0.55 -68.95 -5.29
CA TYR C 377 1.97 -69.21 -5.43
C TYR C 377 2.22 -70.14 -6.61
N PHE C 378 3.18 -69.77 -7.45
CA PHE C 378 3.65 -70.61 -8.54
C PHE C 378 5.02 -71.18 -8.18
N SER C 379 5.18 -72.48 -8.35
CA SER C 379 6.46 -73.14 -8.10
C SER C 379 7.20 -73.23 -9.43
N THR C 380 8.22 -72.41 -9.59
CA THR C 380 9.01 -72.36 -10.83
C THR C 380 10.27 -73.21 -10.76
N GLU C 381 10.67 -73.65 -9.57
CA GLU C 381 11.85 -74.50 -9.46
C GLU C 381 11.63 -75.84 -10.13
N LEU C 382 10.45 -76.42 -9.97
CA LEU C 382 10.12 -77.71 -10.58
C LEU C 382 10.01 -77.58 -12.09
N GLU D 4 25.56 -39.12 -36.99
CA GLU D 4 25.50 -38.21 -38.12
C GLU D 4 26.01 -36.83 -37.75
N TYR D 5 25.82 -35.86 -38.65
CA TYR D 5 26.20 -34.46 -38.45
C TYR D 5 27.71 -34.33 -38.23
N GLU D 6 28.47 -34.73 -39.24
CA GLU D 6 29.90 -34.51 -39.29
C GLU D 6 30.22 -33.64 -40.50
N ASP D 7 30.83 -32.47 -40.25
CA ASP D 7 31.19 -31.56 -41.32
C ASP D 7 32.62 -31.04 -41.21
N GLY D 8 33.35 -31.39 -40.16
CA GLY D 8 34.70 -30.90 -39.96
C GLY D 8 34.79 -29.50 -39.37
N ARG D 9 33.65 -28.88 -39.06
CA ARG D 9 33.62 -27.54 -38.48
C ARG D 9 33.13 -27.54 -37.04
N GLY D 10 33.12 -28.70 -36.39
CA GLY D 10 32.66 -28.78 -35.02
C GLY D 10 31.17 -28.49 -34.91
N PHE D 11 30.81 -27.85 -33.80
CA PHE D 11 29.43 -27.46 -33.50
C PHE D 11 28.50 -28.68 -33.51
N GLY D 12 28.82 -29.64 -32.65
CA GLY D 12 28.03 -30.84 -32.51
C GLY D 12 26.76 -30.61 -31.70
N ILE D 13 26.01 -31.70 -31.53
CA ILE D 13 24.76 -31.63 -30.79
C ILE D 13 25.04 -31.34 -29.33
N GLY D 14 24.30 -30.38 -28.77
CA GLY D 14 24.41 -30.02 -27.37
C GLY D 14 25.22 -28.77 -27.10
N GLU D 15 26.07 -28.35 -28.03
CA GLU D 15 26.87 -27.15 -27.84
C GLU D 15 26.02 -25.90 -27.99
N LEU D 16 26.27 -24.90 -27.15
CA LEU D 16 25.52 -23.66 -27.14
C LEU D 16 26.46 -22.49 -27.42
N VAL D 17 26.11 -21.70 -28.44
CA VAL D 17 26.89 -20.56 -28.93
C VAL D 17 25.92 -19.49 -29.40
N TRP D 18 26.42 -18.36 -29.90
CA TRP D 18 25.49 -17.40 -30.48
C TRP D 18 25.21 -17.75 -31.94
N GLY D 19 24.33 -16.95 -32.53
CA GLY D 19 24.09 -17.01 -33.96
C GLY D 19 24.00 -15.61 -34.53
N LYS D 20 24.31 -15.51 -35.82
CA LYS D 20 24.39 -14.23 -36.54
C LYS D 20 23.52 -14.28 -37.80
N LEU D 21 22.27 -14.69 -37.64
CA LEU D 21 21.36 -14.79 -38.77
C LEU D 21 21.09 -13.40 -39.36
N ARG D 22 20.42 -13.40 -40.51
CA ARG D 22 20.11 -12.16 -41.21
C ARG D 22 19.23 -11.26 -40.34
N GLY D 23 19.61 -9.99 -40.22
CA GLY D 23 18.86 -9.07 -39.39
C GLY D 23 18.90 -9.35 -37.91
N PHE D 24 19.76 -10.28 -37.47
CA PHE D 24 19.90 -10.61 -36.06
C PHE D 24 21.31 -10.26 -35.61
N SER D 25 21.44 -9.89 -34.34
CA SER D 25 22.73 -9.50 -33.76
C SER D 25 23.08 -10.48 -32.65
N TRP D 26 23.67 -11.61 -33.03
CA TRP D 26 24.27 -12.56 -32.10
C TRP D 26 23.28 -12.98 -31.01
N TRP D 27 22.27 -13.73 -31.44
CA TRP D 27 21.30 -14.26 -30.48
C TRP D 27 21.81 -15.59 -29.93
N PRO D 28 21.84 -15.78 -28.61
CA PRO D 28 22.36 -17.04 -28.06
C PRO D 28 21.40 -18.20 -28.28
N GLY D 29 21.97 -19.38 -28.47
CA GLY D 29 21.19 -20.58 -28.70
C GLY D 29 22.06 -21.82 -28.60
N ARG D 30 21.51 -22.95 -29.00
CA ARG D 30 22.19 -24.24 -28.88
C ARG D 30 22.03 -25.02 -30.18
N ILE D 31 22.50 -26.25 -30.19
CA ILE D 31 22.48 -27.13 -31.36
C ILE D 31 21.79 -28.43 -30.97
N VAL D 32 20.87 -28.89 -31.80
CA VAL D 32 20.15 -30.14 -31.58
C VAL D 32 19.98 -30.87 -32.92
N SER D 33 19.31 -32.02 -32.86
CA SER D 33 18.99 -32.81 -34.02
C SER D 33 17.58 -32.48 -34.51
N TRP D 34 17.05 -33.29 -35.43
CA TRP D 34 15.78 -32.97 -36.08
C TRP D 34 14.56 -33.46 -35.32
N TRP D 35 14.65 -34.57 -34.59
CA TRP D 35 13.44 -35.17 -34.01
C TRP D 35 12.98 -34.47 -32.73
N MET D 36 13.48 -33.28 -32.42
CA MET D 36 12.88 -32.43 -31.40
C MET D 36 12.22 -31.18 -31.97
N THR D 37 12.69 -30.67 -33.10
CA THR D 37 12.07 -29.53 -33.74
C THR D 37 10.87 -29.91 -34.61
N GLY D 38 10.69 -31.21 -34.88
CA GLY D 38 9.57 -31.67 -35.68
C GLY D 38 9.78 -31.63 -37.18
N ARG D 39 10.96 -31.25 -37.65
CA ARG D 39 11.24 -31.18 -39.07
C ARG D 39 12.07 -32.38 -39.53
N SER D 40 12.22 -32.50 -40.84
CA SER D 40 12.86 -33.67 -41.43
C SER D 40 14.39 -33.55 -41.36
N ARG D 41 15.08 -34.41 -42.10
CA ARG D 41 16.53 -34.48 -42.04
C ARG D 41 17.17 -33.18 -42.51
N ALA D 42 18.34 -32.88 -41.95
CA ALA D 42 19.11 -31.72 -42.35
C ALA D 42 20.12 -32.12 -43.42
N ALA D 43 21.06 -31.22 -43.73
CA ALA D 43 22.07 -31.48 -44.75
C ALA D 43 23.39 -30.86 -44.27
N GLU D 44 24.35 -30.78 -45.19
CA GLU D 44 25.65 -30.19 -44.86
C GLU D 44 25.50 -28.69 -44.64
N GLY D 45 26.10 -28.20 -43.56
CA GLY D 45 25.95 -26.81 -43.20
C GLY D 45 24.60 -26.44 -42.65
N THR D 46 23.75 -27.42 -42.36
CA THR D 46 22.39 -27.22 -41.88
C THR D 46 22.36 -27.57 -40.40
N ARG D 47 22.66 -26.57 -39.56
CA ARG D 47 22.75 -26.77 -38.12
C ARG D 47 21.42 -26.40 -37.50
N TRP D 48 20.61 -27.41 -37.16
CA TRP D 48 19.34 -27.18 -36.50
C TRP D 48 19.57 -26.53 -35.15
N VAL D 49 19.23 -25.24 -35.02
CA VAL D 49 19.58 -24.46 -33.83
C VAL D 49 18.40 -24.46 -32.88
N MET D 50 18.66 -24.78 -31.62
CA MET D 50 17.68 -24.78 -30.55
C MET D 50 17.99 -23.59 -29.65
N TRP D 51 17.40 -22.44 -29.97
CA TRP D 51 17.61 -21.26 -29.13
C TRP D 51 17.09 -21.53 -27.73
N PHE D 52 17.99 -21.61 -26.76
CA PHE D 52 17.58 -21.79 -25.37
C PHE D 52 16.79 -20.60 -24.83
N GLY D 53 16.79 -19.46 -25.53
CA GLY D 53 16.04 -18.32 -25.08
C GLY D 53 14.57 -18.43 -25.44
N ASP D 54 14.02 -17.36 -26.02
CA ASP D 54 12.60 -17.30 -26.33
C ASP D 54 12.31 -17.36 -27.82
N GLY D 55 13.31 -17.63 -28.65
CA GLY D 55 13.10 -17.68 -30.08
C GLY D 55 12.41 -18.95 -30.53
N LYS D 56 11.99 -18.94 -31.79
CA LYS D 56 11.37 -20.11 -32.41
C LYS D 56 12.45 -21.10 -32.81
N PHE D 57 12.09 -22.10 -33.61
CA PHE D 57 13.00 -23.17 -33.99
C PHE D 57 13.40 -22.98 -35.45
N SER D 58 14.70 -22.88 -35.71
CA SER D 58 15.17 -22.61 -37.08
C SER D 58 16.54 -23.25 -37.25
N VAL D 59 17.28 -22.81 -38.27
CA VAL D 59 18.56 -23.39 -38.64
C VAL D 59 19.59 -22.29 -38.81
N VAL D 60 20.84 -22.60 -38.47
CA VAL D 60 21.98 -21.71 -38.66
C VAL D 60 23.11 -22.53 -39.25
N CYS D 61 23.99 -21.86 -39.99
CA CYS D 61 25.15 -22.48 -40.59
C CYS D 61 26.42 -22.13 -39.81
N VAL D 62 27.46 -22.94 -40.03
CA VAL D 62 28.70 -22.78 -39.26
C VAL D 62 29.37 -21.45 -39.57
N GLU D 63 29.14 -20.88 -40.75
CA GLU D 63 29.75 -19.60 -41.09
C GLU D 63 29.27 -18.50 -40.16
N LYS D 64 27.98 -18.49 -39.82
CA LYS D 64 27.44 -17.53 -38.87
C LYS D 64 27.55 -18.00 -37.43
N LEU D 65 28.15 -19.17 -37.19
CA LEU D 65 28.33 -19.71 -35.85
C LEU D 65 29.75 -19.47 -35.37
N MET D 66 29.89 -19.03 -34.12
CA MET D 66 31.19 -18.82 -33.51
C MET D 66 31.17 -19.40 -32.09
N PRO D 67 32.29 -19.97 -31.63
CA PRO D 67 32.29 -20.60 -30.30
C PRO D 67 31.98 -19.60 -29.20
N LEU D 68 31.24 -20.08 -28.19
CA LEU D 68 30.87 -19.26 -27.05
C LEU D 68 31.96 -19.17 -25.99
N SER D 69 33.06 -19.93 -26.15
CA SER D 69 34.17 -19.83 -25.22
C SER D 69 34.66 -18.39 -25.09
N SER D 70 34.68 -17.66 -26.20
CA SER D 70 34.95 -16.21 -26.18
C SER D 70 33.64 -15.46 -25.95
N PHE D 71 33.16 -15.57 -24.71
CA PHE D 71 31.85 -15.01 -24.37
C PHE D 71 31.85 -13.49 -24.53
N CYS D 72 32.68 -12.79 -23.77
CA CYS D 72 32.67 -11.33 -23.75
C CYS D 72 33.35 -10.73 -24.97
N SER D 73 34.07 -11.52 -25.76
CA SER D 73 34.74 -10.98 -26.94
C SER D 73 33.72 -10.49 -27.97
N ALA D 74 32.62 -11.23 -28.15
CA ALA D 74 31.60 -10.88 -29.13
C ALA D 74 30.27 -10.49 -28.47
N PHE D 75 30.29 -10.13 -27.19
CA PHE D 75 29.08 -9.77 -26.48
C PHE D 75 28.61 -8.38 -26.92
N HIS D 76 27.30 -8.18 -26.89
CA HIS D 76 26.68 -6.93 -27.30
C HIS D 76 26.01 -6.28 -26.10
N GLN D 77 26.31 -4.99 -25.88
CA GLN D 77 25.79 -4.29 -24.71
C GLN D 77 24.42 -3.67 -24.95
N ALA D 78 24.14 -3.24 -26.18
CA ALA D 78 22.88 -2.55 -26.46
C ALA D 78 21.68 -3.45 -26.21
N THR D 79 21.76 -4.70 -26.69
CA THR D 79 20.68 -5.66 -26.43
C THR D 79 20.60 -6.00 -24.96
N TYR D 80 21.73 -5.97 -24.25
CA TYR D 80 21.73 -6.28 -22.82
C TYR D 80 20.98 -5.20 -22.04
N ASN D 81 21.26 -3.93 -22.32
CA ASN D 81 20.77 -2.84 -21.50
C ASN D 81 19.54 -2.12 -22.07
N LYS D 82 19.04 -2.54 -23.23
CA LYS D 82 17.88 -1.86 -23.80
C LYS D 82 16.87 -2.80 -24.43
N GLN D 83 16.93 -4.10 -24.13
CA GLN D 83 16.11 -5.08 -24.83
C GLN D 83 16.05 -6.31 -23.94
N PRO D 84 15.09 -6.36 -23.00
CA PRO D 84 15.29 -7.15 -21.77
C PRO D 84 15.14 -8.65 -21.92
N MET D 85 14.37 -9.12 -22.90
CA MET D 85 14.34 -10.57 -23.12
C MET D 85 15.69 -11.12 -23.58
N TYR D 86 16.60 -10.27 -24.08
CA TYR D 86 17.99 -10.68 -24.19
C TYR D 86 18.57 -10.97 -22.80
N ARG D 87 18.26 -10.14 -21.82
CA ARG D 87 18.74 -10.38 -20.47
C ARG D 87 18.17 -11.68 -19.90
N LYS D 88 16.89 -11.95 -20.18
CA LYS D 88 16.32 -13.20 -19.68
C LYS D 88 16.93 -14.42 -20.39
N ALA D 89 17.21 -14.29 -21.70
CA ALA D 89 17.90 -15.35 -22.41
C ALA D 89 19.29 -15.56 -21.84
N ILE D 90 19.99 -14.47 -21.50
CA ILE D 90 21.31 -14.57 -20.88
C ILE D 90 21.21 -15.29 -19.54
N TYR D 91 20.23 -14.91 -18.72
CA TYR D 91 19.91 -15.66 -17.51
C TYR D 91 19.85 -17.15 -17.77
N GLU D 92 18.94 -17.56 -18.65
CA GLU D 92 18.70 -18.99 -18.83
C GLU D 92 19.93 -19.71 -19.39
N VAL D 93 20.61 -19.10 -20.35
CA VAL D 93 21.74 -19.78 -20.99
C VAL D 93 22.92 -19.88 -20.03
N LEU D 94 23.14 -18.83 -19.23
CA LEU D 94 24.24 -18.86 -18.24
C LEU D 94 23.91 -19.93 -17.20
N GLN D 95 22.65 -19.96 -16.74
CA GLN D 95 22.23 -20.97 -15.73
C GLN D 95 22.51 -22.37 -16.29
N VAL D 96 22.02 -22.67 -17.49
CA VAL D 96 22.18 -24.02 -18.01
C VAL D 96 23.66 -24.33 -18.24
N ALA D 97 24.46 -23.33 -18.65
CA ALA D 97 25.89 -23.54 -18.81
C ALA D 97 26.55 -23.85 -17.48
N SER D 98 26.18 -23.13 -16.42
CA SER D 98 26.73 -23.38 -15.10
C SER D 98 26.31 -24.76 -14.59
N SER D 99 25.06 -25.15 -14.85
CA SER D 99 24.61 -26.48 -14.45
C SER D 99 25.39 -27.57 -15.17
N ARG D 100 25.63 -27.38 -16.47
CA ARG D 100 26.42 -28.34 -17.23
C ARG D 100 27.86 -28.41 -16.73
N ALA D 101 28.46 -27.25 -16.41
CA ALA D 101 29.82 -27.20 -15.93
C ALA D 101 29.96 -27.60 -14.47
N GLY D 102 28.85 -27.76 -13.74
CA GLY D 102 28.88 -28.12 -12.35
C GLY D 102 29.15 -26.99 -11.38
N LYS D 103 29.21 -25.76 -11.86
CA LYS D 103 29.48 -24.60 -11.01
C LYS D 103 28.15 -23.93 -10.64
N LEU D 104 28.05 -23.52 -9.37
CA LEU D 104 26.85 -22.87 -8.85
C LEU D 104 27.21 -21.52 -8.28
N PHE D 105 26.37 -20.53 -8.54
CA PHE D 105 26.59 -19.17 -8.05
C PHE D 105 25.29 -18.57 -7.50
N ASP D 115 8.81 -7.13 -10.48
CA ASP D 115 9.56 -7.98 -9.56
C ASP D 115 10.46 -8.94 -10.32
N THR D 116 9.97 -9.44 -11.46
CA THR D 116 10.77 -10.35 -12.28
C THR D 116 11.98 -9.64 -12.86
N ALA D 117 11.78 -8.44 -13.42
CA ALA D 117 12.89 -7.67 -13.96
C ALA D 117 13.87 -7.28 -12.87
N LYS D 118 13.36 -6.83 -11.71
CA LYS D 118 14.23 -6.51 -10.60
C LYS D 118 15.05 -7.72 -10.19
N ALA D 119 14.41 -8.88 -10.10
CA ALA D 119 15.11 -10.10 -9.70
C ALA D 119 16.19 -10.46 -10.70
N VAL D 120 15.89 -10.36 -12.00
CA VAL D 120 16.88 -10.76 -13.00
C VAL D 120 18.06 -9.79 -13.02
N GLU D 121 17.80 -8.49 -12.88
CA GLU D 121 18.91 -7.54 -12.87
C GLU D 121 19.73 -7.65 -11.59
N VAL D 122 19.12 -8.05 -10.48
CA VAL D 122 19.90 -8.29 -9.27
C VAL D 122 20.76 -9.53 -9.42
N GLN D 123 20.19 -10.61 -9.95
CA GLN D 123 20.89 -11.89 -9.97
C GLN D 123 21.96 -11.97 -11.05
N ASN D 124 21.82 -11.21 -12.16
CA ASN D 124 22.73 -11.43 -13.27
C ASN D 124 24.14 -10.90 -13.03
N LYS D 125 24.35 -10.13 -11.97
CA LYS D 125 25.67 -9.53 -11.75
C LYS D 125 26.77 -10.55 -11.49
N PRO D 126 26.62 -11.52 -10.56
CA PRO D 126 27.72 -12.48 -10.34
C PRO D 126 28.08 -13.30 -11.57
N MET D 127 27.09 -13.79 -12.31
CA MET D 127 27.40 -14.62 -13.47
C MET D 127 27.96 -13.79 -14.62
N ILE D 128 27.48 -12.56 -14.82
CA ILE D 128 28.08 -11.72 -15.85
C ILE D 128 29.52 -11.35 -15.47
N GLU D 129 29.79 -11.16 -14.18
CA GLU D 129 31.16 -10.91 -13.74
C GLU D 129 32.04 -12.14 -13.96
N TRP D 130 31.51 -13.33 -13.68
CA TRP D 130 32.26 -14.56 -13.93
C TRP D 130 32.51 -14.77 -15.42
N ALA D 131 31.57 -14.36 -16.27
CA ALA D 131 31.81 -14.37 -17.72
C ALA D 131 32.91 -13.37 -18.08
N LEU D 132 32.91 -12.20 -17.45
CA LEU D 132 33.98 -11.23 -17.68
C LEU D 132 35.33 -11.80 -17.27
N GLY D 133 35.35 -12.62 -16.22
CA GLY D 133 36.61 -13.18 -15.75
C GLY D 133 37.29 -14.06 -16.78
N GLY D 134 36.49 -14.79 -17.56
CA GLY D 134 37.04 -15.65 -18.60
C GLY D 134 36.76 -17.12 -18.38
N PHE D 135 35.68 -17.41 -17.64
CA PHE D 135 35.27 -18.79 -17.35
C PHE D 135 36.41 -19.57 -16.70
N GLN D 136 37.08 -18.94 -15.73
CA GLN D 136 38.28 -19.54 -15.16
C GLN D 136 38.04 -20.87 -14.45
N PRO D 137 37.03 -21.03 -13.59
CA PRO D 137 36.92 -22.29 -12.83
C PRO D 137 36.80 -23.53 -13.69
N SER D 138 36.09 -23.46 -14.82
CA SER D 138 35.88 -24.62 -15.66
C SER D 138 36.65 -24.58 -16.98
N GLY D 139 37.03 -23.40 -17.45
CA GLY D 139 37.73 -23.27 -18.71
C GLY D 139 36.79 -23.32 -19.88
N PRO D 140 37.28 -22.96 -21.07
CA PRO D 140 36.47 -23.11 -22.29
C PRO D 140 36.03 -24.55 -22.53
N LYS D 141 36.86 -25.51 -22.14
CA LYS D 141 36.55 -26.93 -22.30
C LYS D 141 35.38 -27.37 -21.43
N GLY D 142 35.09 -26.64 -20.35
CA GLY D 142 34.07 -27.00 -19.39
C GLY D 142 32.63 -26.83 -19.86
N LEU D 143 32.42 -26.34 -21.08
CA LEU D 143 31.08 -26.18 -21.63
C LEU D 143 30.62 -27.40 -22.41
N GLU D 144 31.10 -28.59 -22.06
CA GLU D 144 30.76 -29.79 -22.79
C GLU D 144 29.35 -30.26 -22.45
N PRO D 145 28.71 -31.02 -23.35
CA PRO D 145 27.43 -31.63 -23.02
C PRO D 145 27.60 -32.64 -21.90
N PRO D 146 26.57 -32.86 -21.08
CA PRO D 146 26.65 -33.80 -19.96
C PRO D 146 26.50 -35.28 -20.36
N GLU D 147 27.23 -35.67 -21.40
CA GLU D 147 27.31 -37.05 -21.89
C GLU D 147 25.96 -37.60 -22.36
N GLU D 148 24.95 -36.75 -22.49
CA GLU D 148 23.65 -37.20 -22.96
C GLU D 148 23.16 -36.41 -24.17
N GLU D 149 23.39 -35.10 -24.21
CA GLU D 149 22.97 -34.27 -25.32
C GLU D 149 23.98 -34.26 -26.47
N LYS D 150 25.11 -34.94 -26.31
CA LYS D 150 26.12 -34.98 -27.36
C LYS D 150 25.66 -35.84 -28.53
N GLU D 190 12.43 -35.29 -46.37
CA GLU D 190 12.75 -34.08 -47.09
C GLU D 190 14.00 -33.41 -46.54
N ILE D 191 14.16 -32.12 -46.81
CA ILE D 191 15.31 -31.36 -46.35
C ILE D 191 14.89 -29.92 -46.14
N ILE D 192 15.53 -29.26 -45.18
CA ILE D 192 15.28 -27.86 -44.85
C ILE D 192 16.56 -27.08 -45.07
N ASP D 193 16.47 -25.98 -45.82
CA ASP D 193 17.62 -25.13 -46.08
C ASP D 193 17.57 -23.89 -45.19
N GLU D 194 18.57 -23.03 -45.36
CA GLU D 194 18.68 -21.83 -44.53
C GLU D 194 17.52 -20.87 -44.74
N ARG D 195 17.15 -20.64 -46.01
CA ARG D 195 16.15 -19.65 -46.37
C ARG D 195 14.79 -20.26 -46.67
N THR D 196 14.38 -21.25 -45.89
CA THR D 196 13.10 -21.92 -46.13
C THR D 196 11.95 -20.92 -46.17
N ARG D 197 11.88 -20.03 -45.17
CA ARG D 197 10.81 -19.04 -45.16
C ARG D 197 10.96 -18.06 -46.32
N GLU D 198 12.19 -17.67 -46.65
CA GLU D 198 12.41 -16.78 -47.79
C GLU D 198 12.13 -17.45 -49.14
N ARG D 199 11.99 -18.77 -49.17
CA ARG D 199 11.64 -19.47 -50.41
C ARG D 199 10.15 -19.74 -50.52
N LEU D 200 9.51 -20.21 -49.45
CA LEU D 200 8.08 -20.47 -49.51
C LEU D 200 7.30 -19.19 -49.76
N VAL D 201 7.65 -18.10 -49.07
CA VAL D 201 7.02 -16.81 -49.34
C VAL D 201 7.35 -16.36 -50.76
N TYR D 202 8.54 -16.68 -51.25
CA TYR D 202 8.91 -16.36 -52.63
C TYR D 202 8.00 -17.06 -53.64
N GLU D 203 7.34 -18.15 -53.24
CA GLU D 203 6.38 -18.81 -54.10
C GLU D 203 4.93 -18.46 -53.78
N VAL D 204 4.66 -17.93 -52.58
CA VAL D 204 3.28 -17.60 -52.22
C VAL D 204 2.72 -16.53 -53.14
N ARG D 205 3.49 -15.46 -53.37
CA ARG D 205 3.00 -14.38 -54.22
C ARG D 205 3.06 -14.73 -55.69
N GLN D 206 3.70 -15.84 -56.06
CA GLN D 206 3.66 -16.36 -57.42
C GLN D 206 2.44 -17.25 -57.64
N LYS D 207 1.69 -17.55 -56.58
CA LYS D 207 0.49 -18.40 -56.60
C LYS D 207 0.80 -19.86 -56.89
N CYS D 208 2.05 -20.27 -56.74
CA CYS D 208 2.39 -21.69 -56.89
C CYS D 208 1.86 -22.51 -55.73
N ARG D 209 1.98 -22.00 -54.50
CA ARG D 209 1.54 -22.69 -53.30
C ARG D 209 0.54 -21.82 -52.55
N ASN D 210 -0.49 -22.46 -52.00
CA ASN D 210 -1.49 -21.73 -51.23
C ASN D 210 -0.87 -21.15 -49.97
N ILE D 211 -1.26 -19.91 -49.65
CA ILE D 211 -0.78 -19.28 -48.41
C ILE D 211 -1.31 -20.04 -47.21
N GLU D 212 -2.54 -20.54 -47.28
CA GLU D 212 -3.09 -21.36 -46.20
C GLU D 212 -2.41 -22.72 -46.11
N ASP D 213 -1.70 -23.14 -47.15
CA ASP D 213 -0.99 -24.41 -47.16
C ASP D 213 0.40 -24.31 -46.52
N ILE D 214 0.85 -23.12 -46.16
CA ILE D 214 2.15 -22.92 -45.53
C ILE D 214 1.97 -22.16 -44.23
N CYS D 215 2.70 -22.57 -43.19
CA CYS D 215 2.62 -21.92 -41.90
C CYS D 215 3.38 -20.60 -41.94
N ILE D 216 2.74 -19.53 -41.42
CA ILE D 216 3.36 -18.21 -41.41
C ILE D 216 4.27 -18.00 -40.22
N SER D 217 4.41 -19.00 -39.35
CA SER D 217 5.24 -18.88 -38.16
C SER D 217 6.60 -19.57 -38.31
N CYS D 218 6.64 -20.72 -38.96
CA CYS D 218 7.89 -21.47 -39.12
C CYS D 218 8.14 -21.96 -40.54
N GLY D 219 7.19 -21.78 -41.46
CA GLY D 219 7.40 -22.22 -42.83
C GLY D 219 7.35 -23.72 -43.04
N SER D 220 6.71 -24.45 -42.13
CA SER D 220 6.61 -25.89 -42.25
C SER D 220 5.46 -26.28 -43.18
N LEU D 221 5.67 -27.35 -43.95
CA LEU D 221 4.65 -27.85 -44.86
C LEU D 221 3.63 -28.74 -44.16
N ASN D 222 3.85 -29.10 -42.90
CA ASN D 222 2.92 -29.97 -42.17
C ASN D 222 1.87 -29.12 -41.46
N VAL D 223 1.05 -28.46 -42.27
CA VAL D 223 -0.04 -27.64 -41.75
C VAL D 223 -1.16 -28.54 -41.28
N THR D 224 -1.56 -28.38 -40.02
CA THR D 224 -2.62 -29.19 -39.42
C THR D 224 -3.86 -28.37 -39.11
N LEU D 225 -3.71 -27.25 -38.41
CA LEU D 225 -4.79 -26.30 -38.18
C LEU D 225 -4.49 -24.98 -38.88
N GLU D 226 -5.50 -24.12 -38.92
CA GLU D 226 -5.39 -22.80 -39.51
C GLU D 226 -5.00 -21.79 -38.44
N HIS D 227 -4.11 -20.87 -38.80
CA HIS D 227 -3.67 -19.84 -37.87
C HIS D 227 -4.86 -18.97 -37.47
N PRO D 228 -5.16 -18.84 -36.19
CA PRO D 228 -6.39 -18.15 -35.77
C PRO D 228 -6.40 -16.67 -36.14
N LEU D 229 -5.37 -15.95 -35.73
CA LEU D 229 -5.34 -14.50 -35.90
C LEU D 229 -5.15 -14.09 -37.35
N PHE D 230 -4.22 -14.72 -38.07
CA PHE D 230 -3.91 -14.29 -39.43
C PHE D 230 -4.15 -15.45 -40.39
N VAL D 231 -4.42 -15.09 -41.64
CA VAL D 231 -4.71 -16.09 -42.68
C VAL D 231 -3.43 -16.84 -43.01
N GLY D 232 -3.51 -18.16 -43.01
CA GLY D 232 -2.37 -18.99 -43.35
C GLY D 232 -2.40 -20.29 -42.57
N GLY D 233 -1.46 -21.15 -42.91
CA GLY D 233 -1.30 -22.42 -42.22
C GLY D 233 -0.63 -22.27 -40.87
N MET D 234 -0.55 -23.39 -40.15
CA MET D 234 -0.01 -23.37 -38.80
C MET D 234 0.33 -24.79 -38.39
N CYS D 235 1.58 -25.04 -38.05
CA CYS D 235 2.04 -26.37 -37.67
C CYS D 235 1.80 -26.63 -36.19
N GLN D 236 1.98 -27.89 -35.78
CA GLN D 236 1.68 -28.27 -34.40
C GLN D 236 2.66 -27.64 -33.42
N ASN D 237 3.95 -27.57 -33.79
CA ASN D 237 4.89 -26.85 -32.95
C ASN D 237 4.51 -25.38 -32.83
N CYS D 238 4.03 -24.79 -33.92
CA CYS D 238 3.50 -23.44 -33.86
C CYS D 238 2.29 -23.35 -32.95
N LYS D 239 1.45 -24.39 -32.96
CA LYS D 239 0.31 -24.45 -32.04
C LYS D 239 0.78 -24.39 -30.60
N ASN D 240 1.75 -25.23 -30.24
CA ASN D 240 2.25 -25.24 -28.87
C ASN D 240 2.87 -23.90 -28.50
N CYS D 241 3.66 -23.32 -29.40
CA CYS D 241 4.30 -22.04 -29.11
C CYS D 241 3.25 -20.94 -28.92
N PHE D 242 2.22 -20.93 -29.77
CA PHE D 242 1.17 -19.93 -29.65
C PHE D 242 0.40 -20.09 -28.35
N LEU D 243 0.05 -21.32 -27.99
CA LEU D 243 -0.65 -21.54 -26.72
C LEU D 243 0.23 -21.15 -25.54
N GLU D 244 1.56 -21.28 -25.68
CA GLU D 244 2.46 -20.87 -24.61
C GLU D 244 2.50 -19.36 -24.47
N CYS D 245 2.67 -18.64 -25.59
CA CYS D 245 3.12 -17.25 -25.54
C CYS D 245 2.27 -16.35 -26.43
N ALA D 246 0.96 -16.44 -26.32
CA ALA D 246 0.08 -15.51 -27.02
C ALA D 246 -0.44 -14.39 -26.13
N TYR D 247 -0.73 -14.67 -24.86
CA TYR D 247 -1.18 -13.68 -23.90
C TYR D 247 -0.10 -13.29 -22.91
N GLN D 248 1.16 -13.53 -23.24
CA GLN D 248 2.30 -13.24 -22.37
C GLN D 248 2.54 -11.73 -22.38
N TYR D 249 1.92 -11.04 -21.42
CA TYR D 249 2.09 -9.60 -21.27
C TYR D 249 3.10 -9.32 -20.17
N ASP D 250 4.13 -8.54 -20.50
CA ASP D 250 5.12 -8.17 -19.51
C ASP D 250 4.53 -7.17 -18.52
N ASP D 251 5.20 -7.03 -17.38
CA ASP D 251 4.80 -6.02 -16.41
C ASP D 251 4.90 -4.61 -16.98
N ASP D 252 5.73 -4.42 -18.01
CA ASP D 252 5.79 -3.14 -18.70
C ASP D 252 4.44 -2.79 -19.32
N GLY D 253 3.77 -3.78 -19.90
CA GLY D 253 2.47 -3.55 -20.51
C GLY D 253 2.50 -3.72 -22.00
N TYR D 254 3.36 -4.61 -22.49
CA TYR D 254 3.49 -4.90 -23.90
C TYR D 254 3.70 -6.39 -24.08
N GLN D 255 3.21 -6.92 -25.20
CA GLN D 255 3.39 -8.34 -25.48
C GLN D 255 4.87 -8.67 -25.60
N SER D 256 5.29 -9.75 -24.95
CA SER D 256 6.70 -10.10 -24.91
C SER D 256 7.23 -10.46 -26.30
N TYR D 257 6.48 -11.26 -27.05
CA TYR D 257 6.96 -11.80 -28.32
C TYR D 257 6.07 -11.31 -29.47
N CYS D 258 6.35 -11.84 -30.65
CA CYS D 258 5.65 -11.45 -31.87
C CYS D 258 4.27 -12.10 -31.94
N THR D 259 3.33 -11.41 -32.57
CA THR D 259 1.99 -11.96 -32.75
C THR D 259 1.98 -13.07 -33.80
N ILE D 260 2.82 -12.95 -34.83
CA ILE D 260 2.78 -13.90 -35.94
C ILE D 260 3.33 -15.26 -35.51
N CYS D 261 4.60 -15.31 -35.15
CA CYS D 261 5.30 -16.56 -34.89
C CYS D 261 5.53 -16.83 -33.41
N CYS D 262 5.10 -15.93 -32.53
CA CYS D 262 5.27 -16.08 -31.08
C CYS D 262 6.75 -16.22 -30.71
N GLY D 263 7.63 -15.57 -31.47
CA GLY D 263 9.04 -15.57 -31.14
C GLY D 263 9.58 -14.16 -30.97
N GLY D 264 9.97 -13.81 -29.75
CA GLY D 264 10.43 -12.47 -29.47
C GLY D 264 11.93 -12.30 -29.58
N ARG D 265 12.38 -11.79 -30.72
CA ARG D 265 13.80 -11.55 -30.95
C ARG D 265 14.09 -10.06 -31.10
N GLU D 266 13.46 -9.40 -32.07
CA GLU D 266 13.50 -7.94 -32.22
C GLU D 266 12.09 -7.53 -32.66
N VAL D 267 11.26 -7.16 -31.69
CA VAL D 267 9.86 -6.86 -31.94
C VAL D 267 9.69 -5.36 -32.11
N LEU D 268 8.58 -4.98 -32.71
CA LEU D 268 8.24 -3.57 -32.93
C LEU D 268 7.06 -3.20 -32.04
N MET D 269 7.22 -2.11 -31.30
CA MET D 269 6.16 -1.66 -30.41
C MET D 269 4.96 -1.16 -31.22
N CYS D 270 3.77 -1.53 -30.78
CA CYS D 270 2.55 -1.00 -31.37
C CYS D 270 2.32 0.38 -30.79
N GLY D 271 2.47 1.42 -31.64
CA GLY D 271 2.51 2.78 -31.13
C GLY D 271 1.23 3.20 -30.44
N ASN D 272 0.08 2.87 -31.03
CA ASN D 272 -1.19 3.29 -30.47
C ASN D 272 -1.46 2.58 -29.14
N ASN D 273 -2.14 3.28 -28.24
CA ASN D 273 -2.50 2.73 -26.95
C ASN D 273 -3.54 1.62 -27.12
N ASN D 274 -3.81 0.93 -26.01
CA ASN D 274 -4.69 -0.24 -25.93
C ASN D 274 -4.34 -1.33 -26.92
N CYS D 275 -3.15 -1.27 -27.51
CA CYS D 275 -2.66 -2.30 -28.43
C CYS D 275 -1.20 -2.54 -28.08
N CYS D 276 -0.93 -3.67 -27.45
CA CYS D 276 0.41 -3.99 -26.97
C CYS D 276 1.04 -5.11 -27.76
N ARG D 277 0.27 -5.73 -28.64
CA ARG D 277 0.75 -6.72 -29.59
C ARG D 277 2.00 -6.25 -30.32
N CYS D 278 2.89 -7.20 -30.61
CA CYS D 278 4.17 -6.90 -31.25
C CYS D 278 4.31 -7.66 -32.57
N PHE D 279 5.32 -7.26 -33.33
CA PHE D 279 5.65 -7.90 -34.60
C PHE D 279 7.17 -8.02 -34.74
N CYS D 280 7.64 -9.24 -35.01
CA CYS D 280 9.07 -9.46 -35.22
C CYS D 280 9.51 -8.94 -36.58
N VAL D 281 10.80 -8.63 -36.68
CA VAL D 281 11.31 -8.01 -37.91
C VAL D 281 11.30 -9.00 -39.06
N GLU D 282 11.57 -10.28 -38.80
CA GLU D 282 11.56 -11.27 -39.87
C GLU D 282 10.17 -11.45 -40.45
N CYS D 283 9.15 -11.51 -39.58
CA CYS D 283 7.79 -11.72 -40.04
C CYS D 283 7.30 -10.56 -40.89
N VAL D 284 7.59 -9.32 -40.47
CA VAL D 284 7.16 -8.18 -41.26
C VAL D 284 7.98 -8.08 -42.56
N ASP D 285 9.26 -8.44 -42.52
CA ASP D 285 10.07 -8.37 -43.72
C ASP D 285 9.62 -9.39 -44.77
N LEU D 286 9.14 -10.55 -44.32
CA LEU D 286 8.75 -11.60 -45.25
C LEU D 286 7.27 -11.49 -45.65
N LEU D 287 6.37 -11.58 -44.67
CA LEU D 287 4.95 -11.62 -44.97
C LEU D 287 4.46 -10.31 -45.59
N VAL D 288 4.92 -9.18 -45.08
CA VAL D 288 4.48 -7.89 -45.61
C VAL D 288 5.34 -7.43 -46.78
N GLY D 289 6.66 -7.54 -46.64
CA GLY D 289 7.57 -7.16 -47.69
C GLY D 289 8.79 -6.43 -47.16
N PRO D 290 9.85 -6.38 -47.97
CA PRO D 290 11.08 -5.71 -47.52
C PRO D 290 10.87 -4.20 -47.37
N GLY D 291 11.54 -3.64 -46.37
CA GLY D 291 11.46 -2.23 -46.09
C GLY D 291 10.25 -1.81 -45.30
N ALA D 292 9.34 -2.73 -44.96
CA ALA D 292 8.16 -2.36 -44.19
C ALA D 292 8.53 -2.05 -42.74
N ALA D 293 9.49 -2.78 -42.18
CA ALA D 293 9.89 -2.54 -40.80
C ALA D 293 10.50 -1.16 -40.63
N GLN D 294 11.36 -0.74 -41.57
CA GLN D 294 11.97 0.57 -41.48
C GLN D 294 10.93 1.68 -41.60
N ALA D 295 9.96 1.51 -42.50
CA ALA D 295 8.90 2.50 -42.64
C ALA D 295 8.04 2.56 -41.38
N ALA D 296 7.74 1.40 -40.79
CA ALA D 296 6.94 1.36 -39.57
C ALA D 296 7.65 2.04 -38.41
N ILE D 297 8.95 1.75 -38.25
CA ILE D 297 9.69 2.34 -37.13
C ILE D 297 10.02 3.81 -37.39
N LYS D 298 10.00 4.26 -38.64
CA LYS D 298 10.31 5.66 -38.93
C LYS D 298 9.24 6.58 -38.35
N GLU D 299 7.97 6.29 -38.61
CA GLU D 299 6.89 7.11 -38.07
C GLU D 299 6.70 6.82 -36.59
N ASP D 300 6.37 7.87 -35.82
CA ASP D 300 6.28 7.71 -34.37
C ASP D 300 5.03 6.92 -33.97
N PRO D 301 3.79 7.35 -34.29
CA PRO D 301 2.59 6.63 -33.85
C PRO D 301 2.16 5.53 -34.82
N TRP D 302 3.09 4.64 -35.16
CA TRP D 302 2.78 3.57 -36.10
C TRP D 302 1.75 2.62 -35.51
N ASN D 303 0.79 2.23 -36.34
CA ASN D 303 -0.29 1.33 -35.92
C ASN D 303 0.04 -0.09 -36.37
N CYS D 304 -0.07 -1.04 -35.44
CA CYS D 304 0.15 -2.43 -35.76
C CYS D 304 -0.90 -2.93 -36.73
N TYR D 305 -0.52 -3.92 -37.56
CA TYR D 305 -1.32 -4.27 -38.72
C TYR D 305 -2.68 -4.86 -38.36
N MET D 306 -2.73 -5.79 -37.40
CA MET D 306 -4.06 -6.31 -37.06
C MET D 306 -4.86 -5.30 -36.25
N CYS D 307 -4.19 -4.32 -35.64
CA CYS D 307 -4.84 -3.15 -35.07
C CYS D 307 -5.23 -2.11 -36.13
N GLY D 308 -4.84 -2.32 -37.38
CA GLY D 308 -5.01 -1.33 -38.42
C GLY D 308 -6.44 -1.20 -38.89
N HIS D 309 -6.66 -0.20 -39.74
CA HIS D 309 -8.00 0.12 -40.22
C HIS D 309 -8.41 -0.67 -41.46
N LYS D 310 -7.47 -1.28 -42.17
CA LYS D 310 -7.76 -1.99 -43.40
C LYS D 310 -7.31 -3.45 -43.26
N GLY D 311 -8.10 -4.35 -43.84
CA GLY D 311 -7.99 -5.77 -43.55
C GLY D 311 -6.88 -6.52 -44.26
N THR D 312 -6.14 -5.87 -45.16
CA THR D 312 -5.05 -6.53 -45.88
C THR D 312 -3.80 -5.68 -45.82
N TYR D 313 -2.65 -6.36 -45.76
CA TYR D 313 -1.35 -5.71 -45.77
C TYR D 313 -0.39 -6.45 -46.69
N GLY D 314 -0.88 -6.82 -47.87
CA GLY D 314 -0.07 -7.57 -48.82
C GLY D 314 -0.39 -9.06 -48.76
N LEU D 315 0.66 -9.88 -48.66
CA LEU D 315 0.46 -11.31 -48.48
C LEU D 315 -0.15 -11.65 -47.12
N LEU D 316 -0.17 -10.69 -46.20
CA LEU D 316 -0.59 -10.93 -44.82
C LEU D 316 -1.84 -10.10 -44.55
N ARG D 317 -2.98 -10.78 -44.37
CA ARG D 317 -4.25 -10.10 -44.16
C ARG D 317 -4.94 -10.64 -42.91
N ARG D 318 -5.61 -9.73 -42.20
CA ARG D 318 -6.30 -10.08 -40.97
C ARG D 318 -7.57 -10.88 -41.25
N ARG D 319 -7.89 -11.80 -40.35
CA ARG D 319 -9.16 -12.51 -40.39
C ARG D 319 -10.26 -11.64 -39.79
N GLU D 320 -11.36 -11.48 -40.53
CA GLU D 320 -12.47 -10.65 -40.05
C GLU D 320 -13.11 -11.25 -38.81
N ASP D 321 -13.14 -12.57 -38.69
CA ASP D 321 -13.72 -13.27 -37.55
C ASP D 321 -12.63 -13.72 -36.56
N TRP D 322 -11.59 -12.91 -36.39
CA TRP D 322 -10.49 -13.30 -35.51
C TRP D 322 -10.89 -13.57 -34.07
N PRO D 323 -11.79 -12.82 -33.42
CA PRO D 323 -12.07 -13.13 -32.00
C PRO D 323 -12.69 -14.49 -31.80
N SER D 324 -13.69 -14.85 -32.61
CA SER D 324 -14.33 -16.15 -32.46
C SER D 324 -13.36 -17.29 -32.73
N ARG D 325 -12.55 -17.16 -33.78
CA ARG D 325 -11.57 -18.20 -34.08
C ARG D 325 -10.53 -18.32 -32.98
N LEU D 326 -10.08 -17.19 -32.43
CA LEU D 326 -9.10 -17.23 -31.33
C LEU D 326 -9.69 -17.91 -30.10
N GLN D 327 -10.95 -17.58 -29.77
CA GLN D 327 -11.60 -18.21 -28.63
C GLN D 327 -11.79 -19.70 -28.84
N MET D 328 -12.18 -20.09 -30.05
CA MET D 328 -12.29 -21.51 -30.38
C MET D 328 -10.93 -22.20 -30.27
N PHE D 329 -9.87 -21.52 -30.69
CA PHE D 329 -8.53 -22.06 -30.59
C PHE D 329 -8.14 -22.33 -29.13
N PHE D 330 -8.13 -21.28 -28.31
CA PHE D 330 -7.59 -21.41 -26.96
C PHE D 330 -8.39 -22.36 -26.08
N ALA D 331 -9.59 -22.76 -26.49
CA ALA D 331 -10.39 -23.69 -25.72
C ALA D 331 -10.67 -25.02 -26.41
N ASN D 332 -10.33 -25.16 -27.70
CA ASN D 332 -10.73 -26.38 -28.41
C ASN D 332 -9.64 -26.89 -29.36
N ASN D 333 -8.35 -26.70 -29.01
CA ASN D 333 -7.29 -27.41 -29.72
C ASN D 333 -6.32 -28.10 -28.77
N HIS D 334 -6.59 -28.06 -27.46
CA HIS D 334 -5.75 -28.78 -26.51
C HIS D 334 -5.69 -30.26 -26.88
N ASP D 335 -4.48 -30.83 -26.80
CA ASP D 335 -4.12 -32.04 -27.53
C ASP D 335 -4.43 -33.32 -26.75
N GLN D 336 -5.42 -33.30 -25.87
CA GLN D 336 -5.99 -34.54 -25.33
C GLN D 336 -7.48 -34.32 -25.09
N GLU D 337 -8.29 -35.28 -25.50
CA GLU D 337 -9.73 -35.15 -25.46
C GLU D 337 -10.30 -35.96 -24.31
N PHE D 338 -11.10 -35.30 -23.47
CA PHE D 338 -11.74 -35.93 -22.33
C PHE D 338 -13.26 -35.84 -22.49
N ASP D 339 -13.96 -36.74 -21.81
CA ASP D 339 -15.41 -36.76 -21.87
C ASP D 339 -15.97 -35.50 -21.21
N PRO D 340 -17.15 -35.05 -21.63
CA PRO D 340 -17.75 -33.84 -21.04
C PRO D 340 -17.98 -34.03 -19.56
N PRO D 341 -17.80 -32.99 -18.76
CA PRO D 341 -17.95 -33.13 -17.30
C PRO D 341 -19.37 -33.57 -16.93
N LYS D 342 -19.45 -34.40 -15.89
CA LYS D 342 -20.74 -34.88 -15.42
C LYS D 342 -21.57 -33.72 -14.88
N VAL D 343 -22.83 -33.65 -15.32
CA VAL D 343 -23.75 -32.61 -14.87
C VAL D 343 -24.73 -33.22 -13.87
N TYR D 344 -25.14 -32.41 -12.90
CA TYR D 344 -26.03 -32.89 -11.87
C TYR D 344 -27.44 -32.36 -12.09
N PRO D 345 -28.48 -33.14 -11.75
CA PRO D 345 -29.83 -32.65 -11.90
C PRO D 345 -30.09 -31.47 -10.97
N PRO D 346 -30.93 -30.52 -11.38
CA PRO D 346 -31.21 -29.36 -10.52
C PRO D 346 -32.05 -29.78 -9.33
N VAL D 347 -31.54 -29.50 -8.13
CA VAL D 347 -32.22 -29.87 -6.89
C VAL D 347 -33.47 -29.01 -6.74
N PRO D 348 -34.53 -29.54 -6.11
CA PRO D 348 -35.74 -28.73 -5.93
C PRO D 348 -35.50 -27.53 -5.03
N ALA D 349 -36.29 -26.48 -5.27
CA ALA D 349 -36.11 -25.23 -4.51
C ALA D 349 -36.37 -25.41 -3.02
N GLU D 350 -37.13 -26.43 -2.63
CA GLU D 350 -37.44 -26.66 -1.23
C GLU D 350 -36.37 -27.44 -0.49
N LYS D 351 -35.36 -27.96 -1.20
CA LYS D 351 -34.30 -28.77 -0.60
C LYS D 351 -32.93 -28.27 -1.02
N ARG D 352 -32.73 -26.96 -0.94
CA ARG D 352 -31.47 -26.33 -1.31
C ARG D 352 -30.66 -26.08 -0.04
N LYS D 353 -29.70 -26.95 0.23
CA LYS D 353 -28.87 -26.83 1.41
C LYS D 353 -27.86 -25.69 1.24
N PRO D 354 -27.39 -25.11 2.35
CA PRO D 354 -26.33 -24.10 2.24
C PRO D 354 -25.05 -24.68 1.69
N ILE D 355 -24.31 -23.83 0.99
CA ILE D 355 -23.11 -24.28 0.27
C ILE D 355 -21.96 -24.44 1.27
N ARG D 356 -21.14 -25.46 1.05
CA ARG D 356 -19.91 -25.69 1.82
C ARG D 356 -18.73 -25.51 0.89
N VAL D 357 -17.85 -24.57 1.21
CA VAL D 357 -16.81 -24.12 0.30
C VAL D 357 -15.45 -24.30 0.96
N LEU D 358 -14.54 -24.93 0.23
CA LEU D 358 -13.14 -25.07 0.61
C LEU D 358 -12.31 -24.30 -0.40
N SER D 359 -11.70 -23.21 0.02
CA SER D 359 -11.01 -22.28 -0.88
C SER D 359 -9.51 -22.34 -0.61
N LEU D 360 -8.82 -23.17 -1.38
CA LEU D 360 -7.36 -23.22 -1.30
C LEU D 360 -6.76 -21.98 -1.94
N PHE D 361 -5.68 -21.49 -1.35
CA PHE D 361 -5.00 -20.29 -1.82
C PHE D 361 -5.99 -19.14 -1.95
N ASP D 362 -6.70 -18.88 -0.86
CA ASP D 362 -7.82 -17.94 -0.88
C ASP D 362 -7.36 -16.53 -1.23
N GLY D 363 -6.26 -16.09 -0.64
CA GLY D 363 -5.80 -14.73 -0.84
C GLY D 363 -6.64 -13.73 -0.08
N ILE D 364 -7.38 -12.89 -0.80
CA ILE D 364 -8.22 -11.89 -0.18
C ILE D 364 -9.68 -12.35 -0.13
N ALA D 365 -9.92 -13.65 -0.17
CA ALA D 365 -11.25 -14.24 -0.01
C ALA D 365 -12.21 -13.73 -1.08
N THR D 366 -11.77 -13.75 -2.34
CA THR D 366 -12.63 -13.35 -3.43
C THR D 366 -13.80 -14.31 -3.61
N GLY D 367 -13.57 -15.60 -3.38
CA GLY D 367 -14.64 -16.57 -3.54
C GLY D 367 -15.81 -16.31 -2.61
N LEU D 368 -15.53 -16.09 -1.33
CA LEU D 368 -16.60 -15.80 -0.38
C LEU D 368 -17.28 -14.49 -0.71
N LEU D 369 -16.51 -13.49 -1.15
CA LEU D 369 -17.10 -12.21 -1.53
C LEU D 369 -18.07 -12.37 -2.67
N VAL D 370 -17.70 -13.14 -3.69
CA VAL D 370 -18.59 -13.35 -4.83
C VAL D 370 -19.80 -14.18 -4.43
N LEU D 371 -19.61 -15.17 -3.56
CA LEU D 371 -20.73 -15.98 -3.09
C LEU D 371 -21.74 -15.12 -2.32
N LYS D 372 -21.25 -14.26 -1.42
CA LYS D 372 -22.15 -13.39 -0.67
C LYS D 372 -22.82 -12.38 -1.58
N ASP D 373 -22.09 -11.84 -2.56
CA ASP D 373 -22.69 -10.92 -3.52
C ASP D 373 -23.73 -11.61 -4.39
N LEU D 374 -23.63 -12.93 -4.55
CA LEU D 374 -24.65 -13.70 -5.27
C LEU D 374 -25.82 -14.09 -4.39
N GLY D 375 -25.78 -13.75 -3.10
CA GLY D 375 -26.84 -14.13 -2.20
C GLY D 375 -26.95 -15.62 -1.95
N ILE D 376 -25.82 -16.29 -1.74
CA ILE D 376 -25.77 -17.72 -1.46
C ILE D 376 -25.32 -17.90 -0.02
N GLN D 377 -26.11 -18.61 0.77
CA GLN D 377 -25.74 -18.88 2.15
C GLN D 377 -24.54 -19.83 2.19
N VAL D 378 -23.55 -19.49 3.01
CA VAL D 378 -22.34 -20.29 3.16
C VAL D 378 -22.37 -20.89 4.55
N ASP D 379 -22.52 -22.22 4.64
CA ASP D 379 -22.52 -22.87 5.94
C ASP D 379 -21.12 -22.87 6.56
N ARG D 380 -20.09 -23.13 5.75
CA ARG D 380 -18.71 -23.07 6.20
C ARG D 380 -17.82 -22.70 5.04
N TYR D 381 -16.81 -21.88 5.32
CA TYR D 381 -15.85 -21.42 4.31
C TYR D 381 -14.44 -21.63 4.86
N ILE D 382 -13.92 -22.83 4.69
CA ILE D 382 -12.58 -23.17 5.16
C ILE D 382 -11.58 -22.82 4.06
N ALA D 383 -10.68 -21.90 4.35
CA ALA D 383 -9.72 -21.39 3.38
C ALA D 383 -8.30 -21.56 3.90
N SER D 384 -7.38 -21.85 2.99
CA SER D 384 -5.98 -22.05 3.31
C SER D 384 -5.15 -20.90 2.75
N GLU D 385 -4.38 -20.24 3.60
CA GLU D 385 -3.57 -19.11 3.17
C GLU D 385 -2.44 -18.91 4.17
N VAL D 386 -1.28 -18.50 3.65
CA VAL D 386 -0.09 -18.29 4.48
C VAL D 386 0.24 -16.81 4.61
N CYS D 387 0.02 -16.03 3.56
CA CYS D 387 0.34 -14.61 3.58
C CYS D 387 -0.44 -13.91 4.68
N GLU D 388 0.28 -13.14 5.51
CA GLU D 388 -0.34 -12.47 6.65
C GLU D 388 -1.35 -11.41 6.19
N ASP D 389 -0.97 -10.60 5.19
CA ASP D 389 -1.89 -9.57 4.71
C ASP D 389 -3.15 -10.19 4.11
N SER D 390 -2.99 -11.25 3.32
CA SER D 390 -4.14 -11.90 2.71
C SER D 390 -5.09 -12.44 3.76
N ILE D 391 -4.55 -13.15 4.75
CA ILE D 391 -5.40 -13.79 5.76
C ILE D 391 -6.05 -12.73 6.64
N THR D 392 -5.34 -11.66 6.97
CA THR D 392 -5.95 -10.63 7.81
C THR D 392 -7.03 -9.87 7.06
N VAL D 393 -6.83 -9.61 5.76
CA VAL D 393 -7.88 -8.97 4.98
C VAL D 393 -9.10 -9.87 4.88
N GLY D 394 -8.89 -11.16 4.61
CA GLY D 394 -10.02 -12.07 4.52
C GLY D 394 -10.77 -12.20 5.83
N MET D 395 -10.05 -12.18 6.96
CA MET D 395 -10.69 -12.31 8.25
C MET D 395 -11.40 -11.03 8.69
N VAL D 396 -10.86 -9.87 8.34
CA VAL D 396 -11.39 -8.61 8.84
C VAL D 396 -12.52 -8.09 7.95
N ARG D 397 -12.34 -8.12 6.63
CA ARG D 397 -13.35 -7.54 5.74
C ARG D 397 -14.67 -8.29 5.86
N HIS D 398 -14.61 -9.62 5.96
CA HIS D 398 -15.80 -10.41 6.21
C HIS D 398 -16.02 -10.51 7.72
N GLN D 399 -17.08 -11.23 8.11
CA GLN D 399 -17.50 -11.31 9.51
C GLN D 399 -16.88 -12.51 10.24
N GLY D 400 -15.71 -12.96 9.80
CA GLY D 400 -15.01 -14.03 10.48
C GLY D 400 -15.53 -15.42 10.22
N LYS D 401 -16.37 -15.61 9.19
CA LYS D 401 -16.86 -16.94 8.86
C LYS D 401 -15.77 -17.84 8.28
N ILE D 402 -14.62 -17.29 7.92
CA ILE D 402 -13.57 -18.06 7.26
C ILE D 402 -12.75 -18.76 8.33
N MET D 403 -12.91 -20.07 8.45
CA MET D 403 -12.15 -20.87 9.41
C MET D 403 -10.83 -21.24 8.78
N TYR D 404 -9.88 -20.31 8.85
CA TYR D 404 -8.57 -20.51 8.23
C TYR D 404 -7.86 -21.70 8.85
N VAL D 405 -7.21 -22.49 8.00
CA VAL D 405 -6.40 -23.61 8.45
C VAL D 405 -4.93 -23.20 8.43
N GLY D 406 -4.57 -22.34 7.48
CA GLY D 406 -3.20 -21.85 7.41
C GLY D 406 -2.42 -22.40 6.24
N ASP D 407 -1.47 -23.27 6.51
CA ASP D 407 -0.58 -23.79 5.48
C ASP D 407 -1.22 -25.00 4.79
N VAL D 408 -1.28 -24.94 3.45
CA VAL D 408 -1.94 -26.00 2.70
C VAL D 408 -1.08 -27.27 2.67
N ARG D 409 0.23 -27.13 2.82
CA ARG D 409 1.11 -28.30 2.79
C ARG D 409 0.98 -29.17 4.02
N SER D 410 0.27 -28.70 5.06
CA SER D 410 0.14 -29.44 6.31
C SER D 410 -1.21 -30.12 6.47
N VAL D 411 -2.25 -29.64 5.79
CA VAL D 411 -3.58 -30.23 5.92
C VAL D 411 -3.60 -31.60 5.25
N THR D 412 -4.14 -32.59 5.95
CA THR D 412 -4.20 -33.96 5.49
C THR D 412 -5.65 -34.36 5.20
N GLN D 413 -5.83 -35.64 4.86
CA GLN D 413 -7.17 -36.13 4.55
C GLN D 413 -8.05 -36.19 5.80
N LYS D 414 -7.45 -36.35 6.98
CA LYS D 414 -8.24 -36.38 8.20
C LYS D 414 -8.96 -35.06 8.43
N HIS D 415 -8.27 -33.94 8.19
CA HIS D 415 -8.91 -32.63 8.33
C HIS D 415 -10.06 -32.47 7.36
N ILE D 416 -9.88 -32.90 6.11
CA ILE D 416 -10.93 -32.77 5.11
C ILE D 416 -12.13 -33.62 5.48
N GLN D 417 -11.90 -34.85 5.96
CA GLN D 417 -13.01 -35.70 6.37
C GLN D 417 -13.73 -35.11 7.58
N GLU D 418 -12.97 -34.57 8.55
CA GLU D 418 -13.59 -34.00 9.74
C GLU D 418 -14.42 -32.77 9.39
N TRP D 419 -13.90 -31.90 8.53
CA TRP D 419 -14.62 -30.70 8.11
C TRP D 419 -15.61 -30.96 7.00
N GLY D 420 -15.66 -32.20 6.48
CA GLY D 420 -16.49 -32.49 5.34
C GLY D 420 -17.93 -32.73 5.72
N PRO D 421 -18.74 -33.04 4.70
CA PRO D 421 -18.39 -33.13 3.28
C PRO D 421 -18.27 -31.75 2.65
N PHE D 422 -17.47 -31.61 1.60
CA PHE D 422 -17.30 -30.35 0.89
C PHE D 422 -17.88 -30.46 -0.51
N ASP D 423 -18.74 -29.51 -0.87
CA ASP D 423 -19.43 -29.56 -2.16
C ASP D 423 -19.14 -28.33 -3.02
N LEU D 424 -18.09 -27.56 -2.68
CA LEU D 424 -17.55 -26.59 -3.61
C LEU D 424 -16.10 -26.32 -3.24
N VAL D 425 -15.17 -26.81 -4.06
CA VAL D 425 -13.74 -26.65 -3.80
C VAL D 425 -13.20 -25.71 -4.87
N ILE D 426 -12.71 -24.54 -4.44
CA ILE D 426 -12.15 -23.56 -5.36
C ILE D 426 -10.70 -23.31 -4.97
N GLY D 427 -9.92 -22.79 -5.91
CA GLY D 427 -8.54 -22.48 -5.61
C GLY D 427 -7.80 -22.06 -6.86
N GLY D 428 -6.58 -21.55 -6.64
CA GLY D 428 -5.69 -21.21 -7.72
C GLY D 428 -4.24 -21.32 -7.32
N SER D 429 -3.45 -22.08 -8.07
CA SER D 429 -2.06 -22.29 -7.72
C SER D 429 -1.26 -21.02 -7.91
N PRO D 430 -0.18 -20.84 -7.17
CA PRO D 430 0.69 -19.66 -7.37
C PRO D 430 1.30 -19.68 -8.77
N CYS D 431 1.07 -18.61 -9.51
CA CYS D 431 1.53 -18.49 -10.89
C CYS D 431 2.88 -17.81 -11.01
N ASN D 432 3.53 -17.47 -9.89
CA ASN D 432 4.81 -16.77 -9.96
C ASN D 432 5.88 -17.63 -10.61
N ASP D 433 5.97 -18.90 -10.20
CA ASP D 433 6.95 -19.82 -10.75
C ASP D 433 6.37 -20.75 -11.81
N LEU D 434 5.11 -20.55 -12.19
CA LEU D 434 4.48 -21.36 -13.23
C LEU D 434 4.29 -20.61 -14.54
N SER D 435 4.24 -19.28 -14.51
CA SER D 435 4.12 -18.51 -15.74
C SER D 435 5.39 -18.61 -16.56
N ILE D 436 5.23 -18.67 -17.88
CA ILE D 436 6.38 -18.66 -18.77
C ILE D 436 7.00 -17.27 -18.84
N VAL D 437 6.28 -16.23 -18.42
CA VAL D 437 6.81 -14.88 -18.44
C VAL D 437 7.95 -14.71 -17.46
N ASN D 438 8.06 -15.58 -16.46
CA ASN D 438 9.14 -15.48 -15.48
C ASN D 438 10.44 -15.95 -16.10
N PRO D 439 11.48 -15.12 -16.17
CA PRO D 439 12.78 -15.60 -16.66
C PRO D 439 13.34 -16.71 -15.81
N ALA D 440 13.03 -16.73 -14.51
CA ALA D 440 13.49 -17.77 -13.60
C ALA D 440 12.51 -18.93 -13.49
N ARG D 441 11.77 -19.21 -14.57
CA ARG D 441 10.82 -20.32 -14.60
C ARG D 441 11.48 -21.62 -14.19
N LYS D 442 11.07 -22.16 -13.04
CA LYS D 442 11.68 -23.36 -12.49
C LYS D 442 10.91 -24.63 -12.83
N GLY D 443 9.60 -24.55 -12.98
CA GLY D 443 8.79 -25.67 -13.42
C GLY D 443 7.63 -25.93 -12.49
N LEU D 444 6.74 -26.80 -12.96
CA LEU D 444 5.58 -27.20 -12.17
C LEU D 444 5.95 -28.17 -11.06
N TYR D 445 7.01 -28.96 -11.26
CA TYR D 445 7.38 -30.00 -10.31
C TYR D 445 8.34 -29.52 -9.23
N GLU D 446 8.81 -28.27 -9.30
CA GLU D 446 9.66 -27.72 -8.26
C GLU D 446 9.22 -26.30 -7.97
N GLY D 447 9.17 -25.96 -6.69
CA GLY D 447 8.78 -24.62 -6.28
C GLY D 447 7.28 -24.49 -6.05
N THR D 448 6.81 -23.24 -6.15
CA THR D 448 5.41 -22.94 -5.87
C THR D 448 4.46 -23.71 -6.77
N GLY D 449 4.89 -24.02 -8.01
CA GLY D 449 4.05 -24.80 -8.89
C GLY D 449 3.68 -26.16 -8.32
N ARG D 450 4.60 -26.75 -7.54
CA ARG D 450 4.31 -28.03 -6.89
C ARG D 450 3.04 -27.95 -6.05
N LEU D 451 2.73 -26.78 -5.49
CA LEU D 451 1.55 -26.62 -4.67
C LEU D 451 0.28 -26.99 -5.42
N PHE D 452 0.28 -26.83 -6.75
CA PHE D 452 -0.87 -27.26 -7.54
C PHE D 452 -1.22 -28.71 -7.26
N PHE D 453 -0.21 -29.58 -7.26
CA PHE D 453 -0.47 -30.99 -6.97
C PHE D 453 -1.07 -31.16 -5.59
N GLU D 454 -0.63 -30.36 -4.62
CA GLU D 454 -1.27 -30.38 -3.32
C GLU D 454 -2.77 -30.14 -3.44
N PHE D 455 -3.14 -29.11 -4.22
CA PHE D 455 -4.56 -28.87 -4.50
C PHE D 455 -5.21 -30.15 -5.02
N TYR D 456 -4.58 -30.80 -6.00
CA TYR D 456 -5.11 -32.03 -6.54
C TYR D 456 -5.44 -33.01 -5.42
N ARG D 457 -4.47 -33.22 -4.51
CA ARG D 457 -4.71 -34.09 -3.36
C ARG D 457 -6.01 -33.74 -2.68
N LEU D 458 -6.12 -32.49 -2.21
CA LEU D 458 -7.30 -32.10 -1.45
C LEU D 458 -8.56 -32.21 -2.29
N LEU D 459 -8.44 -32.04 -3.61
CA LEU D 459 -9.61 -32.19 -4.45
C LEU D 459 -10.17 -33.60 -4.34
N HIS D 460 -9.30 -34.61 -4.43
CA HIS D 460 -9.76 -35.98 -4.22
C HIS D 460 -10.32 -36.13 -2.82
N ASP D 461 -9.74 -35.40 -1.85
CA ASP D 461 -10.20 -35.50 -0.48
C ASP D 461 -11.64 -34.99 -0.33
N ALA D 462 -12.13 -34.22 -1.29
CA ALA D 462 -13.51 -33.74 -1.24
C ALA D 462 -14.42 -34.39 -2.28
N ARG D 463 -13.87 -34.97 -3.32
CA ARG D 463 -14.69 -35.61 -4.35
C ARG D 463 -15.39 -36.83 -3.76
N PRO D 464 -16.71 -36.94 -3.91
CA PRO D 464 -17.42 -38.11 -3.39
C PRO D 464 -17.05 -39.37 -4.16
N LYS D 465 -17.43 -40.51 -3.58
CA LYS D 465 -17.14 -41.79 -4.19
C LYS D 465 -18.00 -42.02 -5.42
N GLU D 466 -17.88 -43.20 -6.02
CA GLU D 466 -18.68 -43.52 -7.20
C GLU D 466 -20.17 -43.55 -6.85
N GLY D 467 -20.50 -44.02 -5.65
CA GLY D 467 -21.86 -43.99 -5.16
C GLY D 467 -22.18 -42.67 -4.48
N ASP D 468 -23.37 -42.63 -3.87
CA ASP D 468 -23.85 -41.46 -3.13
C ASP D 468 -23.82 -40.22 -4.03
N ASP D 469 -24.66 -40.28 -5.08
CA ASP D 469 -24.72 -39.22 -6.08
C ASP D 469 -25.28 -37.96 -5.44
N ARG D 470 -24.39 -37.05 -5.08
CA ARG D 470 -24.73 -35.77 -4.48
C ARG D 470 -23.97 -34.67 -5.21
N PRO D 471 -24.51 -33.45 -5.21
CA PRO D 471 -23.87 -32.36 -5.96
C PRO D 471 -22.45 -32.11 -5.48
N PHE D 472 -21.57 -31.85 -6.45
CA PHE D 472 -20.18 -31.49 -6.16
C PHE D 472 -19.66 -30.64 -7.31
N PHE D 473 -18.94 -29.58 -6.98
CA PHE D 473 -18.43 -28.64 -7.96
C PHE D 473 -17.04 -28.20 -7.54
N TRP D 474 -16.13 -28.11 -8.49
CA TRP D 474 -14.78 -27.66 -8.21
C TRP D 474 -14.30 -26.71 -9.31
N LEU D 475 -13.43 -25.79 -8.94
CA LEU D 475 -12.92 -24.77 -9.86
C LEU D 475 -11.45 -24.53 -9.55
N PHE D 476 -10.64 -24.42 -10.60
CA PHE D 476 -9.22 -24.16 -10.45
C PHE D 476 -8.83 -23.06 -11.45
N GLU D 477 -8.08 -22.08 -10.97
CA GLU D 477 -7.66 -20.95 -11.78
C GLU D 477 -6.14 -20.97 -11.94
N ASN D 478 -5.68 -20.61 -13.14
CA ASN D 478 -4.24 -20.54 -13.39
C ASN D 478 -3.98 -19.55 -14.51
N VAL D 479 -2.69 -19.18 -14.64
CA VAL D 479 -2.28 -18.21 -15.65
C VAL D 479 -2.38 -18.84 -17.03
N VAL D 480 -2.70 -18.00 -18.03
CA VAL D 480 -2.78 -18.49 -19.41
C VAL D 480 -1.40 -18.54 -20.05
N ALA D 481 -0.50 -17.62 -19.69
CA ALA D 481 0.83 -17.56 -20.28
C ALA D 481 1.76 -18.50 -19.51
N MET D 482 1.71 -19.77 -19.90
CA MET D 482 2.52 -20.79 -19.26
C MET D 482 2.76 -21.93 -20.24
N GLY D 483 3.74 -22.78 -19.91
CA GLY D 483 4.18 -23.79 -20.86
C GLY D 483 3.07 -24.74 -21.24
N VAL D 484 3.06 -25.14 -22.51
CA VAL D 484 2.01 -26.03 -23.01
C VAL D 484 2.11 -27.39 -22.36
N SER D 485 3.33 -27.87 -22.08
CA SER D 485 3.48 -29.14 -21.37
C SER D 485 2.90 -29.05 -19.96
N ASP D 486 3.15 -27.93 -19.28
CA ASP D 486 2.59 -27.74 -17.95
C ASP D 486 1.07 -27.71 -18.00
N LYS D 487 0.50 -27.03 -19.00
CA LYS D 487 -0.95 -27.00 -19.14
C LYS D 487 -1.51 -28.40 -19.40
N ARG D 488 -0.85 -29.17 -20.26
CA ARG D 488 -1.30 -30.51 -20.55
C ARG D 488 -1.29 -31.38 -19.30
N ASP D 489 -0.19 -31.31 -18.54
CA ASP D 489 -0.10 -32.11 -17.33
C ASP D 489 -1.13 -31.67 -16.29
N ILE D 490 -1.33 -30.36 -16.14
CA ILE D 490 -2.30 -29.86 -15.16
C ILE D 490 -3.70 -30.33 -15.52
N SER D 491 -4.07 -30.22 -16.81
CA SER D 491 -5.40 -30.65 -17.24
C SER D 491 -5.55 -32.16 -17.16
N ARG D 492 -4.46 -32.91 -17.30
CA ARG D 492 -4.56 -34.37 -17.17
C ARG D 492 -4.70 -34.82 -15.73
N PHE D 493 -4.03 -34.14 -14.79
CA PHE D 493 -4.17 -34.51 -13.38
C PHE D 493 -5.60 -34.28 -12.89
N LEU D 494 -6.21 -33.17 -13.27
CA LEU D 494 -7.55 -32.84 -12.79
C LEU D 494 -8.65 -33.60 -13.51
N GLU D 495 -8.31 -34.36 -14.56
CA GLU D 495 -9.29 -35.13 -15.33
C GLU D 495 -10.39 -34.23 -15.89
N SER D 496 -10.01 -33.04 -16.34
CA SER D 496 -10.96 -32.10 -16.93
C SER D 496 -10.20 -31.19 -17.86
N ASN D 497 -10.92 -30.64 -18.84
CA ASN D 497 -10.23 -29.77 -19.77
C ASN D 497 -10.51 -28.31 -19.44
N PRO D 498 -9.53 -27.43 -19.63
CA PRO D 498 -9.69 -26.03 -19.23
C PRO D 498 -10.53 -25.23 -20.21
N VAL D 499 -10.96 -24.06 -19.74
CA VAL D 499 -11.57 -23.05 -20.58
C VAL D 499 -10.84 -21.73 -20.32
N MET D 500 -10.48 -21.02 -21.38
CA MET D 500 -9.76 -19.77 -21.24
C MET D 500 -10.77 -18.64 -21.12
N ILE D 501 -10.97 -18.15 -19.90
CA ILE D 501 -11.93 -17.09 -19.64
C ILE D 501 -11.17 -15.77 -19.58
N ASP D 502 -11.54 -14.84 -20.44
CA ASP D 502 -10.88 -13.54 -20.53
C ASP D 502 -11.67 -12.53 -19.73
N ALA D 503 -10.99 -11.83 -18.81
CA ALA D 503 -11.64 -10.79 -18.04
C ALA D 503 -12.01 -9.57 -18.88
N LYS D 504 -11.51 -9.48 -20.12
CA LYS D 504 -11.82 -8.34 -20.96
C LYS D 504 -13.27 -8.32 -21.42
N GLU D 505 -14.00 -9.43 -21.29
CA GLU D 505 -15.38 -9.44 -21.72
C GLU D 505 -16.28 -8.66 -20.76
N VAL D 506 -16.00 -8.74 -19.46
CA VAL D 506 -16.85 -8.16 -18.43
C VAL D 506 -16.12 -7.14 -17.58
N SER D 507 -14.89 -7.42 -17.17
CA SER D 507 -14.14 -6.53 -16.29
C SER D 507 -13.47 -5.42 -17.11
N ALA D 508 -12.76 -4.53 -16.42
CA ALA D 508 -12.04 -3.44 -17.06
C ALA D 508 -10.59 -3.76 -17.33
N ALA D 509 -10.12 -4.94 -16.95
CA ALA D 509 -8.73 -5.35 -17.15
C ALA D 509 -8.67 -6.50 -18.14
N HIS D 510 -7.44 -7.00 -18.36
CA HIS D 510 -7.18 -8.07 -19.30
C HIS D 510 -6.62 -9.30 -18.59
N ARG D 511 -7.23 -9.66 -17.46
CA ARG D 511 -6.80 -10.82 -16.68
C ARG D 511 -7.45 -12.08 -17.24
N ALA D 512 -6.94 -12.52 -18.38
CA ALA D 512 -7.42 -13.74 -19.01
C ALA D 512 -6.72 -14.94 -18.38
N ARG D 513 -7.50 -15.87 -17.83
CA ARG D 513 -6.96 -16.98 -17.08
C ARG D 513 -7.61 -18.29 -17.52
N TYR D 514 -6.88 -19.39 -17.31
CA TYR D 514 -7.44 -20.71 -17.51
C TYR D 514 -8.25 -21.11 -16.28
N PHE D 515 -9.49 -21.55 -16.51
CA PHE D 515 -10.35 -22.04 -15.46
C PHE D 515 -10.72 -23.49 -15.79
N TRP D 516 -10.39 -24.40 -14.89
CA TRP D 516 -10.77 -25.80 -15.02
C TRP D 516 -12.10 -26.01 -14.30
N GLY D 517 -12.47 -27.26 -14.09
CA GLY D 517 -13.60 -27.59 -13.25
C GLY D 517 -14.80 -28.08 -14.03
N ASN D 518 -15.79 -28.54 -13.27
CA ASN D 518 -17.04 -29.06 -13.81
C ASN D 518 -18.23 -28.19 -13.44
N LEU D 519 -18.01 -26.92 -13.11
CA LEU D 519 -19.12 -26.02 -12.87
C LEU D 519 -19.92 -25.87 -14.16
N PRO D 520 -21.25 -25.80 -14.07
CA PRO D 520 -22.06 -25.67 -15.28
C PRO D 520 -21.77 -24.36 -16.00
N GLY D 521 -21.83 -24.41 -17.33
CA GLY D 521 -21.78 -23.21 -18.15
C GLY D 521 -20.50 -22.40 -18.13
N MET D 522 -19.33 -23.06 -18.25
CA MET D 522 -18.13 -22.31 -18.60
C MET D 522 -18.12 -21.96 -20.09
N ASN D 523 -18.60 -22.88 -20.93
CA ASN D 523 -18.51 -22.71 -22.37
C ASN D 523 -19.39 -21.57 -22.89
N ARG D 524 -20.42 -21.19 -22.14
CA ARG D 524 -21.29 -20.12 -22.58
C ARG D 524 -20.53 -18.78 -22.56
N PRO D 525 -20.82 -17.89 -23.50
CA PRO D 525 -20.09 -16.61 -23.56
C PRO D 525 -20.39 -15.74 -22.35
N LEU D 526 -19.43 -14.89 -22.03
CA LEU D 526 -19.58 -13.98 -20.89
C LEU D 526 -20.68 -12.97 -21.16
N ALA D 527 -21.34 -12.55 -20.08
CA ALA D 527 -22.46 -11.62 -20.15
C ALA D 527 -22.07 -10.33 -19.45
N SER D 528 -22.30 -9.20 -20.13
CA SER D 528 -21.99 -7.88 -19.59
C SER D 528 -23.20 -7.36 -18.83
N THR D 529 -23.07 -7.21 -17.52
CA THR D 529 -24.15 -6.73 -16.67
C THR D 529 -24.23 -5.20 -16.76
N VAL D 530 -25.34 -4.65 -16.29
CA VAL D 530 -25.50 -3.20 -16.27
C VAL D 530 -24.59 -2.57 -15.21
N ASN D 531 -24.47 -3.22 -14.06
CA ASN D 531 -23.83 -2.62 -12.88
C ASN D 531 -22.34 -2.95 -12.77
N ASP D 532 -21.64 -3.15 -13.87
CA ASP D 532 -20.20 -3.35 -13.85
C ASP D 532 -19.52 -2.34 -14.77
N LYS D 533 -18.24 -2.12 -14.53
CA LYS D 533 -17.46 -1.13 -15.26
C LYS D 533 -16.62 -1.83 -16.32
N LEU D 534 -16.77 -1.40 -17.56
CA LEU D 534 -16.05 -2.00 -18.68
C LEU D 534 -14.79 -1.23 -19.06
N GLU D 535 -14.88 0.09 -19.16
CA GLU D 535 -13.72 0.93 -19.47
C GLU D 535 -13.12 1.48 -18.18
N LEU D 536 -11.87 1.94 -18.31
CA LEU D 536 -11.17 2.50 -17.16
C LEU D 536 -11.77 3.83 -16.71
N GLN D 537 -12.39 4.57 -17.64
CA GLN D 537 -12.94 5.88 -17.30
C GLN D 537 -14.00 5.77 -16.21
N GLU D 538 -14.84 4.74 -16.27
CA GLU D 538 -15.87 4.56 -15.25
C GLU D 538 -15.28 4.23 -13.88
N CYS D 539 -14.03 3.78 -13.84
CA CYS D 539 -13.39 3.41 -12.58
C CYS D 539 -12.56 4.53 -11.97
N LEU D 540 -12.31 5.61 -12.71
CA LEU D 540 -11.53 6.72 -12.18
C LEU D 540 -12.31 7.51 -11.15
N GLU D 541 -11.58 8.11 -10.22
CA GLU D 541 -12.17 9.08 -9.31
C GLU D 541 -12.47 10.37 -10.07
N HIS D 542 -13.28 11.23 -9.45
CA HIS D 542 -13.73 12.43 -10.13
C HIS D 542 -12.57 13.36 -10.43
N GLY D 543 -12.66 14.06 -11.56
CA GLY D 543 -11.64 15.03 -11.93
C GLY D 543 -10.44 14.44 -12.63
N ARG D 544 -10.54 13.22 -13.13
CA ARG D 544 -9.42 12.55 -13.78
C ARG D 544 -9.88 11.99 -15.12
N ILE D 545 -8.97 12.06 -16.10
CA ILE D 545 -9.26 11.65 -17.48
C ILE D 545 -8.46 10.39 -17.78
N ALA D 546 -9.15 9.40 -18.34
CA ALA D 546 -8.52 8.11 -18.64
C ALA D 546 -7.77 8.19 -19.97
N LYS D 547 -6.47 7.90 -19.94
CA LYS D 547 -5.70 7.82 -21.17
C LYS D 547 -5.92 6.51 -21.91
N PHE D 548 -6.34 5.47 -21.22
CA PHE D 548 -6.52 4.14 -21.79
C PHE D 548 -8.00 3.80 -21.86
N SER D 549 -8.43 3.21 -22.97
CA SER D 549 -9.74 2.59 -23.00
C SER D 549 -9.80 1.42 -22.03
N LYS D 550 -8.74 0.62 -21.99
CA LYS D 550 -8.62 -0.49 -21.06
C LYS D 550 -7.17 -0.60 -20.61
N VAL D 551 -6.95 -1.21 -19.46
CA VAL D 551 -5.63 -1.23 -18.82
C VAL D 551 -5.21 -2.66 -18.55
N ARG D 552 -3.89 -2.88 -18.58
CA ARG D 552 -3.28 -4.12 -18.15
C ARG D 552 -2.10 -3.89 -17.21
N THR D 553 -1.76 -2.63 -16.92
CA THR D 553 -0.62 -2.28 -16.09
C THR D 553 -1.09 -1.87 -14.71
N ILE D 554 -0.49 -2.47 -13.69
CA ILE D 554 -0.81 -2.14 -12.30
C ILE D 554 0.48 -1.88 -11.55
N THR D 555 1.61 -2.17 -12.18
CA THR D 555 2.92 -2.03 -11.57
C THR D 555 3.59 -0.74 -12.05
N THR D 556 3.99 0.11 -11.11
CA THR D 556 4.64 1.36 -11.47
C THR D 556 6.02 1.12 -12.06
N ARG D 557 6.68 0.02 -11.69
CA ARG D 557 7.96 -0.39 -12.26
C ARG D 557 9.04 0.67 -12.06
N SER D 558 8.90 1.47 -11.00
CA SER D 558 9.84 2.54 -10.68
C SER D 558 10.03 3.48 -11.87
N ASN D 559 8.90 3.93 -12.43
CA ASN D 559 8.82 4.83 -13.58
C ASN D 559 9.30 4.17 -14.87
N SER D 560 9.79 2.94 -14.81
CA SER D 560 10.29 2.19 -15.97
C SER D 560 11.26 3.04 -16.79
N ILE D 561 10.92 3.30 -18.04
CA ILE D 561 11.75 4.10 -18.94
C ILE D 561 10.86 5.11 -19.65
N LYS D 562 11.43 5.85 -20.61
CA LYS D 562 10.63 6.77 -21.41
C LYS D 562 9.53 6.02 -22.16
N GLN D 563 9.86 4.85 -22.71
CA GLN D 563 8.83 4.02 -23.33
C GLN D 563 7.82 3.53 -22.29
N GLY D 564 8.28 3.29 -21.06
CA GLY D 564 7.36 2.94 -19.99
C GLY D 564 6.36 4.05 -19.70
N LYS D 565 6.79 5.30 -19.83
CA LYS D 565 5.88 6.43 -19.75
C LYS D 565 4.86 6.34 -20.88
N ASP D 566 3.65 6.83 -20.60
CA ASP D 566 2.46 6.72 -21.45
C ASP D 566 1.89 5.31 -21.43
N GLN D 567 2.43 4.41 -20.60
CA GLN D 567 1.97 3.04 -20.48
C GLN D 567 1.67 2.64 -19.04
N HIS D 568 2.44 3.14 -18.08
CA HIS D 568 2.23 2.87 -16.67
C HIS D 568 1.40 3.93 -15.96
N PHE D 569 1.08 5.02 -16.64
CA PHE D 569 0.42 6.17 -16.02
C PHE D 569 -0.85 6.48 -16.81
N PRO D 570 -1.88 5.65 -16.66
CA PRO D 570 -3.03 5.76 -17.57
C PRO D 570 -4.06 6.81 -17.17
N VAL D 571 -3.68 7.78 -16.33
CA VAL D 571 -4.61 8.77 -15.83
C VAL D 571 -3.99 10.16 -15.87
N PHE D 572 -4.77 11.13 -16.31
CA PHE D 572 -4.42 12.55 -16.25
C PHE D 572 -5.26 13.19 -15.14
N MET D 573 -4.60 13.62 -14.06
CA MET D 573 -5.39 14.18 -12.95
C MET D 573 -5.36 15.71 -12.96
N ASN D 574 -4.19 16.30 -12.76
CA ASN D 574 -4.02 17.75 -12.90
C ASN D 574 -3.35 18.10 -14.22
N GLU D 575 -4.01 17.70 -15.32
CA GLU D 575 -3.45 17.83 -16.66
C GLU D 575 -2.05 17.21 -16.77
N LYS D 576 -1.72 16.28 -15.87
CA LYS D 576 -0.42 15.65 -15.83
C LYS D 576 -0.59 14.19 -15.46
N GLU D 577 0.43 13.39 -15.77
CA GLU D 577 0.38 11.96 -15.53
C GLU D 577 0.29 11.67 -14.04
N ASP D 578 -0.36 10.55 -13.72
CA ASP D 578 -0.45 10.08 -12.34
C ASP D 578 -0.48 8.56 -12.35
N ILE D 579 -0.18 7.98 -11.21
CA ILE D 579 -0.11 6.53 -11.06
C ILE D 579 -1.47 6.04 -10.57
N LEU D 580 -1.84 4.82 -10.96
CA LEU D 580 -3.09 4.23 -10.51
C LEU D 580 -3.14 4.18 -8.99
N TRP D 581 -4.26 4.60 -8.44
CA TRP D 581 -4.43 4.67 -6.99
C TRP D 581 -4.78 3.30 -6.43
N CYS D 582 -4.72 3.19 -5.09
CA CYS D 582 -5.02 1.92 -4.44
C CYS D 582 -6.45 1.47 -4.72
N THR D 583 -7.40 2.42 -4.70
CA THR D 583 -8.78 2.09 -5.03
C THR D 583 -9.01 1.92 -6.52
N GLU D 584 -8.07 2.36 -7.36
CA GLU D 584 -8.25 2.23 -8.80
C GLU D 584 -8.24 0.77 -9.24
N MET D 585 -7.30 -0.02 -8.73
CA MET D 585 -7.30 -1.44 -9.05
C MET D 585 -8.52 -2.14 -8.46
N GLU D 586 -8.98 -1.68 -7.29
CA GLU D 586 -10.21 -2.23 -6.72
C GLU D 586 -11.39 -2.02 -7.66
N ARG D 587 -11.57 -0.79 -8.14
CA ARG D 587 -12.69 -0.50 -9.03
C ARG D 587 -12.55 -1.21 -10.37
N VAL D 588 -11.34 -1.24 -10.92
CA VAL D 588 -11.12 -1.88 -12.22
C VAL D 588 -11.39 -3.38 -12.15
N PHE D 589 -10.90 -4.04 -11.10
CA PHE D 589 -11.05 -5.48 -10.95
C PHE D 589 -12.45 -5.89 -10.51
N GLY D 590 -13.36 -4.95 -10.34
CA GLY D 590 -14.70 -5.26 -9.89
C GLY D 590 -14.86 -5.44 -8.40
N PHE D 591 -13.79 -5.28 -7.63
CA PHE D 591 -13.86 -5.39 -6.19
C PHE D 591 -14.66 -4.23 -5.61
N PRO D 592 -15.26 -4.42 -4.43
CA PRO D 592 -15.98 -3.32 -3.79
C PRO D 592 -15.04 -2.17 -3.46
N VAL D 593 -15.59 -0.96 -3.42
CA VAL D 593 -14.78 0.22 -3.15
C VAL D 593 -14.14 0.09 -1.77
N HIS D 594 -12.85 0.40 -1.71
CA HIS D 594 -12.07 0.33 -0.47
C HIS D 594 -12.16 -1.07 0.15
N TYR D 595 -12.06 -2.09 -0.69
CA TYR D 595 -12.18 -3.47 -0.19
C TYR D 595 -10.94 -3.88 0.58
N THR D 596 -9.75 -3.58 0.07
CA THR D 596 -8.50 -4.02 0.67
C THR D 596 -7.79 -2.87 1.38
N ASP D 597 -8.56 -2.02 2.06
CA ASP D 597 -8.00 -0.99 2.93
C ASP D 597 -7.99 -1.48 4.38
N VAL D 598 -7.32 -2.62 4.58
CA VAL D 598 -7.21 -3.27 5.88
C VAL D 598 -5.74 -3.26 6.28
N SER D 599 -5.47 -2.97 7.55
CA SER D 599 -4.12 -2.88 8.09
C SER D 599 -3.35 -1.75 7.40
N ASN D 600 -2.02 -1.81 7.40
CA ASN D 600 -1.24 -0.70 6.85
C ASN D 600 -1.22 -0.74 5.33
N MET D 601 -0.61 -1.78 4.75
CA MET D 601 -0.71 -2.09 3.33
C MET D 601 -0.39 -0.89 2.45
N SER D 602 0.89 -0.50 2.47
CA SER D 602 1.36 0.55 1.58
C SER D 602 1.09 0.18 0.13
N ARG D 603 1.29 1.17 -0.75
CA ARG D 603 0.91 1.03 -2.15
C ARG D 603 1.51 -0.23 -2.79
N LEU D 604 2.79 -0.50 -2.52
CA LEU D 604 3.46 -1.64 -3.14
C LEU D 604 2.83 -2.96 -2.70
N ALA D 605 2.56 -3.10 -1.40
CA ALA D 605 1.99 -4.34 -0.88
C ALA D 605 0.57 -4.55 -1.40
N ARG D 606 -0.24 -3.49 -1.38
CA ARG D 606 -1.61 -3.62 -1.88
C ARG D 606 -1.62 -3.93 -3.37
N GLN D 607 -0.66 -3.37 -4.11
CA GLN D 607 -0.57 -3.67 -5.54
C GLN D 607 -0.20 -5.12 -5.78
N ARG D 608 0.85 -5.59 -5.10
CA ARG D 608 1.28 -6.97 -5.29
C ARG D 608 0.28 -7.97 -4.75
N LEU D 609 -0.66 -7.52 -3.91
CA LEU D 609 -1.73 -8.39 -3.45
C LEU D 609 -2.94 -8.39 -4.38
N LEU D 610 -3.31 -7.22 -4.91
CA LEU D 610 -4.44 -7.17 -5.84
C LEU D 610 -4.09 -7.72 -7.21
N GLY D 611 -2.80 -7.76 -7.57
CA GLY D 611 -2.41 -8.30 -8.86
C GLY D 611 -2.52 -9.80 -8.95
N ARG D 612 -2.53 -10.49 -7.81
CA ARG D 612 -2.64 -11.94 -7.77
C ARG D 612 -4.06 -12.41 -7.53
N SER D 613 -5.03 -11.50 -7.44
CA SER D 613 -6.40 -11.86 -7.12
C SER D 613 -7.21 -12.13 -8.38
N TRP D 614 -8.33 -12.83 -8.19
CA TRP D 614 -9.22 -13.13 -9.30
C TRP D 614 -9.99 -11.89 -9.72
N SER D 615 -10.63 -11.98 -10.88
CA SER D 615 -11.50 -10.92 -11.36
C SER D 615 -12.91 -11.16 -10.84
N VAL D 616 -13.49 -10.14 -10.20
CA VAL D 616 -14.79 -10.31 -9.54
C VAL D 616 -15.89 -10.68 -10.53
N PRO D 617 -16.09 -9.96 -11.64
CA PRO D 617 -17.17 -10.35 -12.55
C PRO D 617 -16.96 -11.70 -13.20
N VAL D 618 -15.70 -12.10 -13.44
CA VAL D 618 -15.44 -13.42 -14.01
C VAL D 618 -15.89 -14.52 -13.03
N ILE D 619 -15.54 -14.35 -11.76
CA ILE D 619 -15.96 -15.32 -10.75
C ILE D 619 -17.47 -15.31 -10.58
N ARG D 620 -18.09 -14.12 -10.69
CA ARG D 620 -19.55 -14.05 -10.65
C ARG D 620 -20.18 -14.84 -11.78
N HIS D 621 -19.64 -14.68 -13.00
CA HIS D 621 -20.13 -15.43 -14.15
C HIS D 621 -19.99 -16.92 -13.91
N LEU D 622 -18.82 -17.35 -13.44
CA LEU D 622 -18.58 -18.78 -13.26
C LEU D 622 -19.41 -19.36 -12.13
N PHE D 623 -19.77 -18.55 -11.13
CA PHE D 623 -20.53 -19.01 -9.99
C PHE D 623 -22.03 -18.81 -10.13
N ALA D 624 -22.49 -18.17 -11.21
CA ALA D 624 -23.92 -17.97 -11.40
C ALA D 624 -24.76 -19.24 -11.29
N PRO D 625 -24.40 -20.38 -11.91
CA PRO D 625 -25.26 -21.58 -11.75
C PRO D 625 -25.34 -22.08 -10.31
N LEU D 626 -24.34 -21.80 -9.48
CA LEU D 626 -24.40 -22.23 -8.09
C LEU D 626 -25.55 -21.59 -7.33
N LYS D 627 -26.00 -20.40 -7.75
CA LYS D 627 -27.21 -19.84 -7.16
C LYS D 627 -28.42 -20.75 -7.41
N GLU D 628 -28.54 -21.27 -8.63
CA GLU D 628 -29.63 -22.17 -8.94
C GLU D 628 -29.48 -23.51 -8.24
N TYR D 629 -28.26 -24.01 -8.12
CA TYR D 629 -28.03 -25.35 -7.57
C TYR D 629 -27.78 -25.38 -6.07
N PHE D 630 -27.88 -24.24 -5.38
CA PHE D 630 -27.63 -24.21 -3.95
C PHE D 630 -28.54 -23.17 -3.30
N ALA D 631 -28.47 -23.12 -1.96
CA ALA D 631 -29.35 -22.25 -1.20
C ALA D 631 -29.10 -20.79 -1.54
N CYS D 632 -30.20 -20.03 -1.65
CA CYS D 632 -30.14 -18.61 -1.96
C CYS D 632 -31.09 -17.86 -1.04
N VAL D 633 -30.64 -16.68 -0.59
CA VAL D 633 -31.45 -15.84 0.28
C VAL D 633 -30.91 -14.41 0.27
N SAH E . -7.59 21.77 10.37
CA SAH E . -7.14 21.14 9.13
CB SAH E . -5.62 21.04 9.09
CG SAH E . -4.98 21.95 10.12
SD SAH E . -3.17 21.76 10.08
C SAH E . -7.77 19.77 8.96
O SAH E . -8.89 19.53 9.43
OXT SAH E . -7.07 18.95 8.34
C5' SAH E . -2.66 23.21 9.12
C4' SAH E . -2.93 23.06 7.64
O4' SAH E . -2.39 24.20 6.95
C3' SAH E . -2.25 21.84 7.02
O3' SAH E . -3.12 21.32 6.03
C2' SAH E . -1.01 22.43 6.40
O2' SAH E . -0.50 21.63 5.38
C1' SAH E . -1.54 23.78 5.92
N9 SAH E . -0.53 24.77 5.67
C8 SAH E . 0.70 24.84 6.24
N7 SAH E . 1.41 25.85 5.82
C5 SAH E . 0.59 26.49 4.93
C6 SAH E . 0.76 27.64 4.13
N6 SAH E . 1.88 28.36 4.13
N1 SAH E . -0.25 28.00 3.34
C2 SAH E . -1.37 27.27 3.34
N3 SAH E . -1.64 26.19 4.04
C4 SAH E . -0.62 25.83 4.82
ZN ZN F . 1.83 29.48 43.23
ZN ZN G . 4.63 18.41 40.83
ZN ZN H . -4.63 7.32 36.61
ZN ZN I . 1.47 71.21 -23.43
ZN ZN J . 5.35 77.62 -13.83
ZN ZN K . -0.99 81.56 -1.65
ZN ZN L . 1.50 -64.18 27.50
ZN ZN M . 5.74 -71.22 19.25
ZN ZN N . 0.73 -75.49 6.09
N SAH O . -7.97 -16.73 -5.34
CA SAH O . -6.77 -15.96 -5.03
CB SAH O . -5.69 -16.19 -6.08
CG SAH O . -4.65 -17.20 -5.61
SD SAH O . -2.99 -16.57 -6.00
C SAH O . -7.10 -14.47 -4.94
O SAH O . -6.34 -13.70 -4.35
OXT SAH O . -8.16 -14.14 -5.49
C5' SAH O . -1.96 -17.57 -4.91
C4' SAH O . -2.27 -17.38 -3.43
O4' SAH O . -1.75 -18.50 -2.69
C3' SAH O . -1.65 -16.13 -2.82
O3' SAH O . -2.62 -15.51 -2.00
C2' SAH O . -0.50 -16.69 -1.98
O2' SAH O . -0.17 -15.85 -0.92
C1' SAH O . -1.08 -18.04 -1.56
N9 SAH O . -0.07 -19.01 -1.17
C8 SAH O . 1.24 -19.03 -1.55
N7 SAH O . 1.91 -20.01 -1.03
C5 SAH O . 0.99 -20.69 -0.26
C6 SAH O . 1.07 -21.83 0.55
N6 SAH O . 2.20 -22.52 0.70
N1 SAH O . -0.03 -22.23 1.17
C2 SAH O . -1.15 -21.55 1.01
N3 SAH O . -1.36 -20.46 0.29
C4 SAH O . -0.25 -20.07 -0.33
ZN ZN P . 4.41 -23.87 -38.51
ZN ZN Q . 6.87 -13.49 -35.85
ZN ZN R . -2.41 -2.01 -32.94
#